data_1VIH
# 
_entry.id   1VIH 
# 
_audit_conform.dict_name       mmcif_pdbx.dic 
_audit_conform.dict_version    5.392 
_audit_conform.dict_location   http://mmcif.pdb.org/dictionaries/ascii/mmcif_pdbx.dic 
# 
loop_
_database_2.database_id 
_database_2.database_code 
_database_2.pdbx_database_accession 
_database_2.pdbx_DOI 
PDB   1VIH         pdb_00001vih 10.2210/pdb1vih/pdb 
WWPDB D_1000177044 ?            ?                   
# 
loop_
_pdbx_audit_revision_history.ordinal 
_pdbx_audit_revision_history.data_content_type 
_pdbx_audit_revision_history.major_revision 
_pdbx_audit_revision_history.minor_revision 
_pdbx_audit_revision_history.revision_date 
1 'Structure model' 1 0 1996-04-03 
2 'Structure model' 1 1 2008-03-24 
3 'Structure model' 1 2 2011-07-13 
4 'Structure model' 1 3 2022-03-02 
5 'Structure model' 1 4 2024-05-22 
# 
_pdbx_audit_revision_details.ordinal             1 
_pdbx_audit_revision_details.revision_ordinal    1 
_pdbx_audit_revision_details.data_content_type   'Structure model' 
_pdbx_audit_revision_details.provider            repository 
_pdbx_audit_revision_details.type                'Initial release' 
_pdbx_audit_revision_details.description         ? 
_pdbx_audit_revision_details.details             ? 
# 
loop_
_pdbx_audit_revision_group.ordinal 
_pdbx_audit_revision_group.revision_ordinal 
_pdbx_audit_revision_group.data_content_type 
_pdbx_audit_revision_group.group 
1 2 'Structure model' 'Version format compliance' 
2 3 'Structure model' 'Version format compliance' 
3 4 'Structure model' 'Database references'       
4 4 'Structure model' 'Derived calculations'      
5 4 'Structure model' Other                       
6 5 'Structure model' 'Data collection'           
# 
loop_
_pdbx_audit_revision_category.ordinal 
_pdbx_audit_revision_category.revision_ordinal 
_pdbx_audit_revision_category.data_content_type 
_pdbx_audit_revision_category.category 
1 4 'Structure model' database_2            
2 4 'Structure model' pdbx_database_status  
3 4 'Structure model' pdbx_struct_assembly  
4 4 'Structure model' pdbx_struct_oper_list 
5 5 'Structure model' chem_comp_atom        
6 5 'Structure model' chem_comp_bond        
# 
loop_
_pdbx_audit_revision_item.ordinal 
_pdbx_audit_revision_item.revision_ordinal 
_pdbx_audit_revision_item.data_content_type 
_pdbx_audit_revision_item.item 
1 4 'Structure model' '_database_2.pdbx_DOI'                
2 4 'Structure model' '_database_2.pdbx_database_accession' 
3 4 'Structure model' '_pdbx_database_status.process_site'  
# 
_pdbx_database_status.status_code                     REL 
_pdbx_database_status.entry_id                        1VIH 
_pdbx_database_status.recvd_initial_deposition_date   1995-11-29 
_pdbx_database_status.deposit_site                    ? 
_pdbx_database_status.process_site                    BNL 
_pdbx_database_status.status_code_sf                  ? 
_pdbx_database_status.status_code_mr                  REL 
_pdbx_database_status.SG_entry                        ? 
_pdbx_database_status.pdb_format_compatible           Y 
_pdbx_database_status.status_code_cs                  ? 
_pdbx_database_status.status_code_nmr_data            ? 
_pdbx_database_status.methods_development_category    ? 
# 
_pdbx_database_related.db_name        PDB 
_pdbx_database_related.db_id          1VIG 
_pdbx_database_related.details        . 
_pdbx_database_related.content_type   ensemble 
# 
loop_
_audit_author.name 
_audit_author.pdbx_ordinal 
'Musco, G.'       1 
'Stier, G.'       2 
'Joseph, C.'      3 
'Morelli, M.A.C.' 4 
'Nilges, M.'      5 
'Gibson, T.J.'    6 
'Pastore, A.'     7 
# 
loop_
_citation.id 
_citation.title 
_citation.journal_abbrev 
_citation.journal_volume 
_citation.page_first 
_citation.page_last 
_citation.year 
_citation.journal_id_ASTM 
_citation.country 
_citation.journal_id_ISSN 
_citation.journal_id_CSD 
_citation.book_publisher 
_citation.pdbx_database_id_PubMed 
_citation.pdbx_database_id_DOI 
primary 'Three-dimensional structure and stability of the KH domain: molecular insights into the fragile X syndrome.' 
'Cell(Cambridge,Mass.)' 85  237 245 1996 CELLB5 US 0092-8674 0998 ? 8612276 '10.1016/S0092-8674(00)81100-9' 
1       'The Kh Module Has an Alfa(Slash)Beta Fold'                                                                   'FEBS Lett.' 
358 193 ?   1995 FEBLAL NE 0014-5793 0165 ? ?       ?                               
# 
loop_
_citation_author.citation_id 
_citation_author.name 
_citation_author.ordinal 
_citation_author.identifier_ORCID 
primary 'Musco, G.'                 1  ? 
primary 'Stier, G.'                 2  ? 
primary 'Joseph, C.'                3  ? 
primary 'Castiglione Morelli, M.A.' 4  ? 
primary 'Nilges, M.'                5  ? 
primary 'Gibson, T.J.'              6  ? 
primary 'Pastore, A.'               7  ? 
1       'Morelli, M.A.C.'           8  ? 
1       'Stier, G.'                 9  ? 
1       'Gibson, T.J.'              10 ? 
1       'Joseph, C.'                11 ? 
1       'Musco, G.'                 12 ? 
1       'Pastore, A.'               13 ? 
1       'Trave, G.'                 14 ? 
# 
_entity.id                         1 
_entity.type                       polymer 
_entity.src_method                 man 
_entity.pdbx_description           VIGILIN 
_entity.formula_weight             8208.354 
_entity.pdbx_number_of_molecules   1 
_entity.pdbx_ec                    ? 
_entity.pdbx_mutation              ? 
_entity.pdbx_fragment              'KH6, RESIDUES 432 TO 501' 
_entity.details                    ? 
# 
_entity_poly.entity_id                      1 
_entity_poly.type                           'polypeptide(L)' 
_entity_poly.nstd_linkage                   no 
_entity_poly.nstd_monomer                   no 
_entity_poly.pdbx_seq_one_letter_code       INRMDYVEINIDHKFHRHLIGKSGANINRIKDQYKVSVRIPPDSEKSNLIRIEGDPQGVQQAKRELLELAS 
_entity_poly.pdbx_seq_one_letter_code_can   INRMDYVEINIDHKFHRHLIGKSGANINRIKDQYKVSVRIPPDSEKSNLIRIEGDPQGVQQAKRELLELAS 
_entity_poly.pdbx_strand_id                 A 
_entity_poly.pdbx_target_identifier         ? 
# 
loop_
_entity_poly_seq.entity_id 
_entity_poly_seq.num 
_entity_poly_seq.mon_id 
_entity_poly_seq.hetero 
1 1  ILE n 
1 2  ASN n 
1 3  ARG n 
1 4  MET n 
1 5  ASP n 
1 6  TYR n 
1 7  VAL n 
1 8  GLU n 
1 9  ILE n 
1 10 ASN n 
1 11 ILE n 
1 12 ASP n 
1 13 HIS n 
1 14 LYS n 
1 15 PHE n 
1 16 HIS n 
1 17 ARG n 
1 18 HIS n 
1 19 LEU n 
1 20 ILE n 
1 21 GLY n 
1 22 LYS n 
1 23 SER n 
1 24 GLY n 
1 25 ALA n 
1 26 ASN n 
1 27 ILE n 
1 28 ASN n 
1 29 ARG n 
1 30 ILE n 
1 31 LYS n 
1 32 ASP n 
1 33 GLN n 
1 34 TYR n 
1 35 LYS n 
1 36 VAL n 
1 37 SER n 
1 38 VAL n 
1 39 ARG n 
1 40 ILE n 
1 41 PRO n 
1 42 PRO n 
1 43 ASP n 
1 44 SER n 
1 45 GLU n 
1 46 LYS n 
1 47 SER n 
1 48 ASN n 
1 49 LEU n 
1 50 ILE n 
1 51 ARG n 
1 52 ILE n 
1 53 GLU n 
1 54 GLY n 
1 55 ASP n 
1 56 PRO n 
1 57 GLN n 
1 58 GLY n 
1 59 VAL n 
1 60 GLN n 
1 61 GLN n 
1 62 ALA n 
1 63 LYS n 
1 64 ARG n 
1 65 GLU n 
1 66 LEU n 
1 67 LEU n 
1 68 GLU n 
1 69 LEU n 
1 70 ALA n 
1 71 SER n 
# 
_entity_src_gen.entity_id                          1 
_entity_src_gen.pdbx_src_id                        1 
_entity_src_gen.pdbx_alt_source_flag               sample 
_entity_src_gen.pdbx_seq_type                      ? 
_entity_src_gen.pdbx_beg_seq_num                   ? 
_entity_src_gen.pdbx_end_seq_num                   ? 
_entity_src_gen.gene_src_common_name               human 
_entity_src_gen.gene_src_genus                     Homo 
_entity_src_gen.pdbx_gene_src_gene                 'HUMAN VIGILIN SIXTH KH REPEAT' 
_entity_src_gen.gene_src_species                   ? 
_entity_src_gen.gene_src_strain                    ? 
_entity_src_gen.gene_src_tissue                    ? 
_entity_src_gen.gene_src_tissue_fraction           ? 
_entity_src_gen.gene_src_details                   ? 
_entity_src_gen.pdbx_gene_src_fragment             ? 
_entity_src_gen.pdbx_gene_src_scientific_name      'Homo sapiens' 
_entity_src_gen.pdbx_gene_src_ncbi_taxonomy_id     9606 
_entity_src_gen.pdbx_gene_src_variant              ? 
_entity_src_gen.pdbx_gene_src_cell_line            BL21 
_entity_src_gen.pdbx_gene_src_atcc                 ? 
_entity_src_gen.pdbx_gene_src_organ                ? 
_entity_src_gen.pdbx_gene_src_organelle            ? 
_entity_src_gen.pdbx_gene_src_cell                 ? 
_entity_src_gen.pdbx_gene_src_cellular_location    ? 
_entity_src_gen.host_org_common_name               ? 
_entity_src_gen.pdbx_host_org_scientific_name      'Escherichia coli BL21(DE3)' 
_entity_src_gen.pdbx_host_org_ncbi_taxonomy_id     469008 
_entity_src_gen.host_org_genus                     Escherichia 
_entity_src_gen.pdbx_host_org_gene                 'HUMAN VIGILIN SIXTH KH REPEAT' 
_entity_src_gen.pdbx_host_org_organ                ? 
_entity_src_gen.host_org_species                   'Escherichia coli' 
_entity_src_gen.pdbx_host_org_tissue               ? 
_entity_src_gen.pdbx_host_org_tissue_fraction      ? 
_entity_src_gen.pdbx_host_org_strain               'BL21 (DE3)' 
_entity_src_gen.pdbx_host_org_variant              ? 
_entity_src_gen.pdbx_host_org_cell_line            ? 
_entity_src_gen.pdbx_host_org_atcc                 ? 
_entity_src_gen.pdbx_host_org_culture_collection   ? 
_entity_src_gen.pdbx_host_org_cell                 ? 
_entity_src_gen.pdbx_host_org_organelle            ? 
_entity_src_gen.pdbx_host_org_cellular_location    ? 
_entity_src_gen.pdbx_host_org_vector_type          ? 
_entity_src_gen.pdbx_host_org_vector               ? 
_entity_src_gen.host_org_details                   ? 
_entity_src_gen.expression_system_id               ? 
_entity_src_gen.plasmid_name                       PET9D 
_entity_src_gen.plasmid_details                    ? 
_entity_src_gen.pdbx_description                   'N-TERMINAL 6-HISTIDINE FUSION PROTEIN YES' 
# 
loop_
_chem_comp.id 
_chem_comp.type 
_chem_comp.mon_nstd_flag 
_chem_comp.name 
_chem_comp.pdbx_synonyms 
_chem_comp.formula 
_chem_comp.formula_weight 
ALA 'L-peptide linking' y ALANINE         ? 'C3 H7 N O2'     89.093  
ARG 'L-peptide linking' y ARGININE        ? 'C6 H15 N4 O2 1' 175.209 
ASN 'L-peptide linking' y ASPARAGINE      ? 'C4 H8 N2 O3'    132.118 
ASP 'L-peptide linking' y 'ASPARTIC ACID' ? 'C4 H7 N O4'     133.103 
GLN 'L-peptide linking' y GLUTAMINE       ? 'C5 H10 N2 O3'   146.144 
GLU 'L-peptide linking' y 'GLUTAMIC ACID' ? 'C5 H9 N O4'     147.129 
GLY 'peptide linking'   y GLYCINE         ? 'C2 H5 N O2'     75.067  
HIS 'L-peptide linking' y HISTIDINE       ? 'C6 H10 N3 O2 1' 156.162 
ILE 'L-peptide linking' y ISOLEUCINE      ? 'C6 H13 N O2'    131.173 
LEU 'L-peptide linking' y LEUCINE         ? 'C6 H13 N O2'    131.173 
LYS 'L-peptide linking' y LYSINE          ? 'C6 H15 N2 O2 1' 147.195 
MET 'L-peptide linking' y METHIONINE      ? 'C5 H11 N O2 S'  149.211 
PHE 'L-peptide linking' y PHENYLALANINE   ? 'C9 H11 N O2'    165.189 
PRO 'L-peptide linking' y PROLINE         ? 'C5 H9 N O2'     115.130 
SER 'L-peptide linking' y SERINE          ? 'C3 H7 N O3'     105.093 
TYR 'L-peptide linking' y TYROSINE        ? 'C9 H11 N O3'    181.189 
VAL 'L-peptide linking' y VALINE          ? 'C5 H11 N O2'    117.146 
# 
loop_
_pdbx_poly_seq_scheme.asym_id 
_pdbx_poly_seq_scheme.entity_id 
_pdbx_poly_seq_scheme.seq_id 
_pdbx_poly_seq_scheme.mon_id 
_pdbx_poly_seq_scheme.ndb_seq_num 
_pdbx_poly_seq_scheme.pdb_seq_num 
_pdbx_poly_seq_scheme.auth_seq_num 
_pdbx_poly_seq_scheme.pdb_mon_id 
_pdbx_poly_seq_scheme.auth_mon_id 
_pdbx_poly_seq_scheme.pdb_strand_id 
_pdbx_poly_seq_scheme.pdb_ins_code 
_pdbx_poly_seq_scheme.hetero 
A 1 1  ILE 1  6  6  ILE ILE A . n 
A 1 2  ASN 2  7  7  ASN ASN A . n 
A 1 3  ARG 3  8  8  ARG ARG A . n 
A 1 4  MET 4  9  9  MET MET A . n 
A 1 5  ASP 5  10 10 ASP ASP A . n 
A 1 6  TYR 6  11 11 TYR TYR A . n 
A 1 7  VAL 7  12 12 VAL VAL A . n 
A 1 8  GLU 8  13 13 GLU GLU A . n 
A 1 9  ILE 9  14 14 ILE ILE A . n 
A 1 10 ASN 10 15 15 ASN ASN A . n 
A 1 11 ILE 11 16 16 ILE ILE A . n 
A 1 12 ASP 12 17 17 ASP ASP A . n 
A 1 13 HIS 13 18 18 HIS HIS A . n 
A 1 14 LYS 14 19 19 LYS LYS A . n 
A 1 15 PHE 15 20 20 PHE PHE A . n 
A 1 16 HIS 16 21 21 HIS HIS A . n 
A 1 17 ARG 17 22 22 ARG ARG A . n 
A 1 18 HIS 18 23 23 HIS HIS A . n 
A 1 19 LEU 19 24 24 LEU LEU A . n 
A 1 20 ILE 20 25 25 ILE ILE A . n 
A 1 21 GLY 21 26 26 GLY GLY A . n 
A 1 22 LYS 22 27 27 LYS LYS A . n 
A 1 23 SER 23 28 28 SER SER A . n 
A 1 24 GLY 24 29 29 GLY GLY A . n 
A 1 25 ALA 25 30 30 ALA ALA A . n 
A 1 26 ASN 26 31 31 ASN ASN A . n 
A 1 27 ILE 27 32 32 ILE ILE A . n 
A 1 28 ASN 28 33 33 ASN ASN A . n 
A 1 29 ARG 29 34 34 ARG ARG A . n 
A 1 30 ILE 30 35 35 ILE ILE A . n 
A 1 31 LYS 31 36 36 LYS LYS A . n 
A 1 32 ASP 32 37 37 ASP ASP A . n 
A 1 33 GLN 33 38 38 GLN GLN A . n 
A 1 34 TYR 34 39 39 TYR TYR A . n 
A 1 35 LYS 35 40 40 LYS LYS A . n 
A 1 36 VAL 36 41 41 VAL VAL A . n 
A 1 37 SER 37 42 42 SER SER A . n 
A 1 38 VAL 38 43 43 VAL VAL A . n 
A 1 39 ARG 39 44 44 ARG ARG A . n 
A 1 40 ILE 40 45 45 ILE ILE A . n 
A 1 41 PRO 41 46 46 PRO PRO A . n 
A 1 42 PRO 42 47 47 PRO PRO A . n 
A 1 43 ASP 43 48 48 ASP ASP A . n 
A 1 44 SER 44 49 49 SER SER A . n 
A 1 45 GLU 45 50 50 GLU GLU A . n 
A 1 46 LYS 46 51 51 LYS LYS A . n 
A 1 47 SER 47 52 52 SER SER A . n 
A 1 48 ASN 48 53 53 ASN ASN A . n 
A 1 49 LEU 49 54 54 LEU LEU A . n 
A 1 50 ILE 50 55 55 ILE ILE A . n 
A 1 51 ARG 51 56 56 ARG ARG A . n 
A 1 52 ILE 52 57 57 ILE ILE A . n 
A 1 53 GLU 53 58 58 GLU GLU A . n 
A 1 54 GLY 54 59 59 GLY GLY A . n 
A 1 55 ASP 55 60 60 ASP ASP A . n 
A 1 56 PRO 56 61 61 PRO PRO A . n 
A 1 57 GLN 57 62 62 GLN GLN A . n 
A 1 58 GLY 58 63 63 GLY GLY A . n 
A 1 59 VAL 59 64 64 VAL VAL A . n 
A 1 60 GLN 60 65 65 GLN GLN A . n 
A 1 61 GLN 61 66 66 GLN GLN A . n 
A 1 62 ALA 62 67 67 ALA ALA A . n 
A 1 63 LYS 63 68 68 LYS LYS A . n 
A 1 64 ARG 64 69 69 ARG ARG A . n 
A 1 65 GLU 65 70 70 GLU GLU A . n 
A 1 66 LEU 66 71 71 LEU LEU A . n 
A 1 67 LEU 67 72 72 LEU LEU A . n 
A 1 68 GLU 68 73 73 GLU GLU A . n 
A 1 69 LEU 69 74 74 LEU LEU A . n 
A 1 70 ALA 70 75 75 ALA ALA A . n 
A 1 71 SER 71 76 76 SER SER A . n 
# 
loop_
_software.name 
_software.classification 
_software.version 
_software.citation_id 
_software.pdbx_ordinal 
X-PLOR 'model building' . ? 1 
X-PLOR refinement       . ? 2 
X-PLOR phasing          . ? 3 
# 
_cell.entry_id           1VIH 
_cell.length_a           1.000 
_cell.length_b           1.000 
_cell.length_c           1.000 
_cell.angle_alpha        90.00 
_cell.angle_beta         90.00 
_cell.angle_gamma        90.00 
_cell.Z_PDB              1 
_cell.pdbx_unique_axis   ? 
# 
_symmetry.entry_id                         1VIH 
_symmetry.space_group_name_H-M             'P 1' 
_symmetry.pdbx_full_space_group_name_H-M   ? 
_symmetry.cell_setting                     ? 
_symmetry.Int_Tables_number                1 
# 
_exptl.entry_id          1VIH 
_exptl.method            'SOLUTION NMR' 
_exptl.crystals_number   ? 
# 
_struct.entry_id                  1VIH 
_struct.title                     'NMR STUDY OF VIGILIN, REPEAT 6, MINIMIZED AVERAGE STRUCTURE' 
_struct.pdbx_model_details        ? 
_struct.pdbx_CASP_flag            ? 
_struct.pdbx_model_type_details   ? 
# 
_struct_keywords.entry_id        1VIH 
_struct_keywords.pdbx_keywords   RIBONUCLEOPROTEIN 
_struct_keywords.text            'RNA-BINDING PROTEIN, RIBONUCLEOPROTEIN' 
# 
_struct_asym.id                            A 
_struct_asym.pdbx_blank_PDB_chainid_flag   Y 
_struct_asym.pdbx_modified                 N 
_struct_asym.entity_id                     1 
_struct_asym.details                       ? 
# 
_struct_ref.id                         1 
_struct_ref.db_name                    UNP 
_struct_ref.db_code                    VIGLN_HUMAN 
_struct_ref.entity_id                  1 
_struct_ref.pdbx_db_accession          Q00341 
_struct_ref.pdbx_align_begin           1 
_struct_ref.pdbx_seq_one_letter_code   
;MSSVAVLTQESFAEHRSGLVPQQIKVATLNSEEESDPPTYKDAFPPLPEKAACLESAQEPAGAWGNKIRPIKASVITQVF
HVPLEERKYKDMNQFGEGEQAKICLEIMQRTGAHLELSLAKDQGLSIMVSGKLDAVMKARKDIVARLQTQASATVAIPKE
HHRFVIGKNGEKLQDLELKTATKIQIPRPDDPSNQIKITGTKEGIEKARHEVLLISAEQDKRAVERLEVEKAFHPFIAGP
YNRLVGEIMQETGTRINIPPPSVNRTEIVFTGEKEQLAQAVARIKKIYEEKKKKTTTIAVEVKKSQHKYVIGPKGNSLQE
ILERTGVSVEIPPSDSISETVILRGEPEKLGQALTEVYAKANSFTVSSVAAPSWLHRFIIGKKGQNLAKITQQMPKVHIE
FTEGEDKITLEGPTEDVNVAQEQIEGMVKDLINRMDYVEINIDHKFHRHLIGKSGANINRIKDQYKVSVRIPPDSEKSNL
IRIEGDPQGVQQAKRELLELASRMENERTKDLIIEQRFHRTIIGQKGERIREIRDKFPEVIINFPDPAQKSDIVQLRGPK
NEVEKCTKYMQKMVADLVENSYSISVPIFKQFHKNIIGKGGANIKKIREESNTKIDLPAENSNSETIIITGKRANCEAAR
SRILSIQKDLANIAEVEVSIPAKLHNSLIGTKGRLIRSIMEECGGVHIHFPVEGSGSDTVVIRGPSSDVEKAKKQLLHLA
EEKQTKSFTVDIRAKPEYHKFLIGKGGGKIRKVRDSTGARVIFPAAEDKDQDLITIIGKEDAVREAQKELEALIQNLDNV
VEDSMLVDPKHHRHFVIRRGQVLREIAEEYGGVMVSFPRSGTQSDKVTLKGAKDCVEAAKKRIQEIIEDLEAQVTLECAI
PQKFHRSVMGPKGSRIQQITRDFSVQIKFPDREENAVHSTEPVVQENGDEAGEGREAKDCDPGSPRRCDIIIISGRKEKC
EAAKEALEALVPVTIEVEVPFDLHRYVIGQKGSGIRKMMDEFEVNIHVPAPELQSDIIAITGLAANLDRAKAGLLERVKE
LQAEQEDRALRSFKLSVTVDPKYHPKIIGRKGAVITQIRLEHDVNIQFPDKDDGNQPQDQITITGYEKNTEAARDAILRI
VGELEQMVSEDVPLDHRVHARIIGARGKAIRKIMDEFKVDIRFPQSGAPDPNCVTVTGLPENVEEAIDHILNLEEEYLAD
VVDSEALQVYMKPPAHEEAKAPSRGFVVRDAPWTASSSEKAPDMSSSEEFPSFGAQVAPKTLPWGPKR
;
_struct_ref.pdbx_db_isoform            ? 
# 
_struct_ref_seq.align_id                      1 
_struct_ref_seq.ref_id                        1 
_struct_ref_seq.pdbx_PDB_id_code              1VIH 
_struct_ref_seq.pdbx_strand_id                A 
_struct_ref_seq.seq_align_beg                 1 
_struct_ref_seq.pdbx_seq_align_beg_ins_code   ? 
_struct_ref_seq.seq_align_end                 71 
_struct_ref_seq.pdbx_seq_align_end_ins_code   ? 
_struct_ref_seq.pdbx_db_accession             Q00341 
_struct_ref_seq.db_align_beg                  432 
_struct_ref_seq.pdbx_db_align_beg_ins_code    ? 
_struct_ref_seq.db_align_end                  502 
_struct_ref_seq.pdbx_db_align_end_ins_code    ? 
_struct_ref_seq.pdbx_auth_seq_align_beg       6 
_struct_ref_seq.pdbx_auth_seq_align_end       76 
# 
_pdbx_struct_assembly.id                   1 
_pdbx_struct_assembly.details              author_defined_assembly 
_pdbx_struct_assembly.method_details       ? 
_pdbx_struct_assembly.oligomeric_details   monomeric 
_pdbx_struct_assembly.oligomeric_count     1 
# 
_pdbx_struct_assembly_gen.assembly_id       1 
_pdbx_struct_assembly_gen.oper_expression   1 
_pdbx_struct_assembly_gen.asym_id_list      A 
# 
_pdbx_struct_oper_list.id                   1 
_pdbx_struct_oper_list.type                 'identity operation' 
_pdbx_struct_oper_list.name                 1_555 
_pdbx_struct_oper_list.symmetry_operation   x,y,z 
_pdbx_struct_oper_list.matrix[1][1]         1.0000000000 
_pdbx_struct_oper_list.matrix[1][2]         0.0000000000 
_pdbx_struct_oper_list.matrix[1][3]         0.0000000000 
_pdbx_struct_oper_list.vector[1]            0.0000000000 
_pdbx_struct_oper_list.matrix[2][1]         0.0000000000 
_pdbx_struct_oper_list.matrix[2][2]         1.0000000000 
_pdbx_struct_oper_list.matrix[2][3]         0.0000000000 
_pdbx_struct_oper_list.vector[2]            0.0000000000 
_pdbx_struct_oper_list.matrix[3][1]         0.0000000000 
_pdbx_struct_oper_list.matrix[3][2]         0.0000000000 
_pdbx_struct_oper_list.matrix[3][3]         1.0000000000 
_pdbx_struct_oper_list.vector[3]            0.0000000000 
# 
_struct_biol.id   1 
# 
loop_
_struct_conf.conf_type_id 
_struct_conf.id 
_struct_conf.pdbx_PDB_helix_id 
_struct_conf.beg_label_comp_id 
_struct_conf.beg_label_asym_id 
_struct_conf.beg_label_seq_id 
_struct_conf.pdbx_beg_PDB_ins_code 
_struct_conf.end_label_comp_id 
_struct_conf.end_label_asym_id 
_struct_conf.end_label_seq_id 
_struct_conf.pdbx_end_PDB_ins_code 
_struct_conf.beg_auth_comp_id 
_struct_conf.beg_auth_asym_id 
_struct_conf.beg_auth_seq_id 
_struct_conf.end_auth_comp_id 
_struct_conf.end_auth_asym_id 
_struct_conf.end_auth_seq_id 
_struct_conf.pdbx_PDB_helix_class 
_struct_conf.details 
_struct_conf.pdbx_PDB_helix_length 
HELX_P HELX_P1 1 HIS A 16 ? ILE A 20 ? HIS A 21 ILE A 25 1 ? 5  
HELX_P HELX_P2 2 ASN A 26 ? TYR A 34 ? ASN A 31 TYR A 39 1 ? 9  
HELX_P HELX_P3 3 GLN A 57 ? LEU A 69 ? GLN A 62 LEU A 74 1 ? 13 
# 
_struct_conf_type.id          HELX_P 
_struct_conf_type.criteria    ? 
_struct_conf_type.reference   ? 
# 
_struct_sheet.id               A 
_struct_sheet.type             ? 
_struct_sheet.number_strands   3 
_struct_sheet.details          ? 
# 
loop_
_struct_sheet_order.sheet_id 
_struct_sheet_order.range_id_1 
_struct_sheet_order.range_id_2 
_struct_sheet_order.offset 
_struct_sheet_order.sense 
A 1 2 ? anti-parallel 
A 2 3 ? anti-parallel 
# 
loop_
_struct_sheet_range.sheet_id 
_struct_sheet_range.id 
_struct_sheet_range.beg_label_comp_id 
_struct_sheet_range.beg_label_asym_id 
_struct_sheet_range.beg_label_seq_id 
_struct_sheet_range.pdbx_beg_PDB_ins_code 
_struct_sheet_range.end_label_comp_id 
_struct_sheet_range.end_label_asym_id 
_struct_sheet_range.end_label_seq_id 
_struct_sheet_range.pdbx_end_PDB_ins_code 
_struct_sheet_range.beg_auth_comp_id 
_struct_sheet_range.beg_auth_asym_id 
_struct_sheet_range.beg_auth_seq_id 
_struct_sheet_range.end_auth_comp_id 
_struct_sheet_range.end_auth_asym_id 
_struct_sheet_range.end_auth_seq_id 
A 1 ASP A 5  ? ILE A 11 ? ASP A 10 ILE A 16 
A 2 ASN A 48 ? GLY A 54 ? ASN A 53 GLY A 59 
A 3 SER A 37 ? ARG A 39 ? SER A 42 ARG A 44 
# 
loop_
_pdbx_struct_sheet_hbond.sheet_id 
_pdbx_struct_sheet_hbond.range_id_1 
_pdbx_struct_sheet_hbond.range_id_2 
_pdbx_struct_sheet_hbond.range_1_label_atom_id 
_pdbx_struct_sheet_hbond.range_1_label_comp_id 
_pdbx_struct_sheet_hbond.range_1_label_asym_id 
_pdbx_struct_sheet_hbond.range_1_label_seq_id 
_pdbx_struct_sheet_hbond.range_1_PDB_ins_code 
_pdbx_struct_sheet_hbond.range_1_auth_atom_id 
_pdbx_struct_sheet_hbond.range_1_auth_comp_id 
_pdbx_struct_sheet_hbond.range_1_auth_asym_id 
_pdbx_struct_sheet_hbond.range_1_auth_seq_id 
_pdbx_struct_sheet_hbond.range_2_label_atom_id 
_pdbx_struct_sheet_hbond.range_2_label_comp_id 
_pdbx_struct_sheet_hbond.range_2_label_asym_id 
_pdbx_struct_sheet_hbond.range_2_label_seq_id 
_pdbx_struct_sheet_hbond.range_2_PDB_ins_code 
_pdbx_struct_sheet_hbond.range_2_auth_atom_id 
_pdbx_struct_sheet_hbond.range_2_auth_comp_id 
_pdbx_struct_sheet_hbond.range_2_auth_asym_id 
_pdbx_struct_sheet_hbond.range_2_auth_seq_id 
A 1 2 O ASP A 5  ? O ASP A 10 N GLY A 54 ? N GLY A 59 
A 2 3 O ARG A 51 ? O ARG A 56 N ARG A 39 ? N ARG A 44 
# 
_pdbx_validate_close_contact.id               1 
_pdbx_validate_close_contact.PDB_model_num    1 
_pdbx_validate_close_contact.auth_atom_id_1   O 
_pdbx_validate_close_contact.auth_asym_id_1   A 
_pdbx_validate_close_contact.auth_comp_id_1   ILE 
_pdbx_validate_close_contact.auth_seq_id_1    35 
_pdbx_validate_close_contact.PDB_ins_code_1   ? 
_pdbx_validate_close_contact.label_alt_id_1   ? 
_pdbx_validate_close_contact.auth_atom_id_2   H 
_pdbx_validate_close_contact.auth_asym_id_2   A 
_pdbx_validate_close_contact.auth_comp_id_2   TYR 
_pdbx_validate_close_contact.auth_seq_id_2    39 
_pdbx_validate_close_contact.PDB_ins_code_2   ? 
_pdbx_validate_close_contact.label_alt_id_2   ? 
_pdbx_validate_close_contact.dist             1.59 
# 
loop_
_pdbx_validate_torsion.id 
_pdbx_validate_torsion.PDB_model_num 
_pdbx_validate_torsion.auth_comp_id 
_pdbx_validate_torsion.auth_asym_id 
_pdbx_validate_torsion.auth_seq_id 
_pdbx_validate_torsion.PDB_ins_code 
_pdbx_validate_torsion.label_alt_id 
_pdbx_validate_torsion.phi 
_pdbx_validate_torsion.psi 
1  1 ASN A 7  ? ? 79.49   -54.55  
2  1 ARG A 8  ? ? 35.99   -158.34 
3  1 VAL A 12 ? ? -173.24 146.84  
4  1 ASN A 15 ? ? -68.57  98.33   
5  1 ASP A 17 ? ? -149.56 -65.65  
6  1 HIS A 18 ? ? -50.65  -178.55 
7  1 HIS A 21 ? ? -45.60  -71.73  
8  1 LYS A 27 ? ? -50.94  -70.80  
9  1 ALA A 30 ? ? -144.63 -48.31  
10 1 ASP A 48 ? ? 42.96   93.82   
11 1 GLU A 50 ? ? -134.09 -71.06  
12 1 LYS A 51 ? ? -87.63  -73.79  
13 1 LEU A 54 ? ? -165.66 111.55  
14 1 ASP A 60 ? ? -149.65 -67.06  
15 1 GLU A 73 ? ? -101.25 -67.52  
# 
loop_
_pdbx_validate_planes.id 
_pdbx_validate_planes.PDB_model_num 
_pdbx_validate_planes.auth_comp_id 
_pdbx_validate_planes.auth_asym_id 
_pdbx_validate_planes.auth_seq_id 
_pdbx_validate_planes.PDB_ins_code 
_pdbx_validate_planes.label_alt_id 
_pdbx_validate_planes.rmsd 
_pdbx_validate_planes.type 
1 1 ARG A 8  ? ? 0.208 'SIDE CHAIN' 
2 1 ARG A 22 ? ? 0.257 'SIDE CHAIN' 
3 1 ARG A 34 ? ? 0.302 'SIDE CHAIN' 
4 1 ARG A 44 ? ? 0.306 'SIDE CHAIN' 
5 1 ARG A 56 ? ? 0.277 'SIDE CHAIN' 
6 1 ARG A 69 ? ? 0.289 'SIDE CHAIN' 
# 
_pdbx_nmr_ensemble.entry_id                             1VIH 
_pdbx_nmr_ensemble.conformers_calculated_total_number   ? 
_pdbx_nmr_ensemble.conformers_submitted_total_number    1 
_pdbx_nmr_ensemble.conformer_selection_criteria         ? 
# 
_pdbx_nmr_software.classification   refinement 
_pdbx_nmr_software.name             X-PLOR 
_pdbx_nmr_software.version          ? 
_pdbx_nmr_software.authors          BRUNGER 
_pdbx_nmr_software.ordinal          1 
# 
loop_
_chem_comp_atom.comp_id 
_chem_comp_atom.atom_id 
_chem_comp_atom.type_symbol 
_chem_comp_atom.pdbx_aromatic_flag 
_chem_comp_atom.pdbx_stereo_config 
_chem_comp_atom.pdbx_ordinal 
ALA N    N N N 1   
ALA CA   C N S 2   
ALA C    C N N 3   
ALA O    O N N 4   
ALA CB   C N N 5   
ALA OXT  O N N 6   
ALA H    H N N 7   
ALA H2   H N N 8   
ALA HA   H N N 9   
ALA HB1  H N N 10  
ALA HB2  H N N 11  
ALA HB3  H N N 12  
ALA HXT  H N N 13  
ARG N    N N N 14  
ARG CA   C N S 15  
ARG C    C N N 16  
ARG O    O N N 17  
ARG CB   C N N 18  
ARG CG   C N N 19  
ARG CD   C N N 20  
ARG NE   N N N 21  
ARG CZ   C N N 22  
ARG NH1  N N N 23  
ARG NH2  N N N 24  
ARG OXT  O N N 25  
ARG H    H N N 26  
ARG H2   H N N 27  
ARG HA   H N N 28  
ARG HB2  H N N 29  
ARG HB3  H N N 30  
ARG HG2  H N N 31  
ARG HG3  H N N 32  
ARG HD2  H N N 33  
ARG HD3  H N N 34  
ARG HE   H N N 35  
ARG HH11 H N N 36  
ARG HH12 H N N 37  
ARG HH21 H N N 38  
ARG HH22 H N N 39  
ARG HXT  H N N 40  
ASN N    N N N 41  
ASN CA   C N S 42  
ASN C    C N N 43  
ASN O    O N N 44  
ASN CB   C N N 45  
ASN CG   C N N 46  
ASN OD1  O N N 47  
ASN ND2  N N N 48  
ASN OXT  O N N 49  
ASN H    H N N 50  
ASN H2   H N N 51  
ASN HA   H N N 52  
ASN HB2  H N N 53  
ASN HB3  H N N 54  
ASN HD21 H N N 55  
ASN HD22 H N N 56  
ASN HXT  H N N 57  
ASP N    N N N 58  
ASP CA   C N S 59  
ASP C    C N N 60  
ASP O    O N N 61  
ASP CB   C N N 62  
ASP CG   C N N 63  
ASP OD1  O N N 64  
ASP OD2  O N N 65  
ASP OXT  O N N 66  
ASP H    H N N 67  
ASP H2   H N N 68  
ASP HA   H N N 69  
ASP HB2  H N N 70  
ASP HB3  H N N 71  
ASP HD2  H N N 72  
ASP HXT  H N N 73  
GLN N    N N N 74  
GLN CA   C N S 75  
GLN C    C N N 76  
GLN O    O N N 77  
GLN CB   C N N 78  
GLN CG   C N N 79  
GLN CD   C N N 80  
GLN OE1  O N N 81  
GLN NE2  N N N 82  
GLN OXT  O N N 83  
GLN H    H N N 84  
GLN H2   H N N 85  
GLN HA   H N N 86  
GLN HB2  H N N 87  
GLN HB3  H N N 88  
GLN HG2  H N N 89  
GLN HG3  H N N 90  
GLN HE21 H N N 91  
GLN HE22 H N N 92  
GLN HXT  H N N 93  
GLU N    N N N 94  
GLU CA   C N S 95  
GLU C    C N N 96  
GLU O    O N N 97  
GLU CB   C N N 98  
GLU CG   C N N 99  
GLU CD   C N N 100 
GLU OE1  O N N 101 
GLU OE2  O N N 102 
GLU OXT  O N N 103 
GLU H    H N N 104 
GLU H2   H N N 105 
GLU HA   H N N 106 
GLU HB2  H N N 107 
GLU HB3  H N N 108 
GLU HG2  H N N 109 
GLU HG3  H N N 110 
GLU HE2  H N N 111 
GLU HXT  H N N 112 
GLY N    N N N 113 
GLY CA   C N N 114 
GLY C    C N N 115 
GLY O    O N N 116 
GLY OXT  O N N 117 
GLY H    H N N 118 
GLY H2   H N N 119 
GLY HA2  H N N 120 
GLY HA3  H N N 121 
GLY HXT  H N N 122 
HIS N    N N N 123 
HIS CA   C N S 124 
HIS C    C N N 125 
HIS O    O N N 126 
HIS CB   C N N 127 
HIS CG   C Y N 128 
HIS ND1  N Y N 129 
HIS CD2  C Y N 130 
HIS CE1  C Y N 131 
HIS NE2  N Y N 132 
HIS OXT  O N N 133 
HIS H    H N N 134 
HIS H2   H N N 135 
HIS HA   H N N 136 
HIS HB2  H N N 137 
HIS HB3  H N N 138 
HIS HD1  H N N 139 
HIS HD2  H N N 140 
HIS HE1  H N N 141 
HIS HE2  H N N 142 
HIS HXT  H N N 143 
ILE N    N N N 144 
ILE CA   C N S 145 
ILE C    C N N 146 
ILE O    O N N 147 
ILE CB   C N S 148 
ILE CG1  C N N 149 
ILE CG2  C N N 150 
ILE CD1  C N N 151 
ILE OXT  O N N 152 
ILE H    H N N 153 
ILE H2   H N N 154 
ILE HA   H N N 155 
ILE HB   H N N 156 
ILE HG12 H N N 157 
ILE HG13 H N N 158 
ILE HG21 H N N 159 
ILE HG22 H N N 160 
ILE HG23 H N N 161 
ILE HD11 H N N 162 
ILE HD12 H N N 163 
ILE HD13 H N N 164 
ILE HXT  H N N 165 
LEU N    N N N 166 
LEU CA   C N S 167 
LEU C    C N N 168 
LEU O    O N N 169 
LEU CB   C N N 170 
LEU CG   C N N 171 
LEU CD1  C N N 172 
LEU CD2  C N N 173 
LEU OXT  O N N 174 
LEU H    H N N 175 
LEU H2   H N N 176 
LEU HA   H N N 177 
LEU HB2  H N N 178 
LEU HB3  H N N 179 
LEU HG   H N N 180 
LEU HD11 H N N 181 
LEU HD12 H N N 182 
LEU HD13 H N N 183 
LEU HD21 H N N 184 
LEU HD22 H N N 185 
LEU HD23 H N N 186 
LEU HXT  H N N 187 
LYS N    N N N 188 
LYS CA   C N S 189 
LYS C    C N N 190 
LYS O    O N N 191 
LYS CB   C N N 192 
LYS CG   C N N 193 
LYS CD   C N N 194 
LYS CE   C N N 195 
LYS NZ   N N N 196 
LYS OXT  O N N 197 
LYS H    H N N 198 
LYS H2   H N N 199 
LYS HA   H N N 200 
LYS HB2  H N N 201 
LYS HB3  H N N 202 
LYS HG2  H N N 203 
LYS HG3  H N N 204 
LYS HD2  H N N 205 
LYS HD3  H N N 206 
LYS HE2  H N N 207 
LYS HE3  H N N 208 
LYS HZ1  H N N 209 
LYS HZ2  H N N 210 
LYS HZ3  H N N 211 
LYS HXT  H N N 212 
MET N    N N N 213 
MET CA   C N S 214 
MET C    C N N 215 
MET O    O N N 216 
MET CB   C N N 217 
MET CG   C N N 218 
MET SD   S N N 219 
MET CE   C N N 220 
MET OXT  O N N 221 
MET H    H N N 222 
MET H2   H N N 223 
MET HA   H N N 224 
MET HB2  H N N 225 
MET HB3  H N N 226 
MET HG2  H N N 227 
MET HG3  H N N 228 
MET HE1  H N N 229 
MET HE2  H N N 230 
MET HE3  H N N 231 
MET HXT  H N N 232 
PHE N    N N N 233 
PHE CA   C N S 234 
PHE C    C N N 235 
PHE O    O N N 236 
PHE CB   C N N 237 
PHE CG   C Y N 238 
PHE CD1  C Y N 239 
PHE CD2  C Y N 240 
PHE CE1  C Y N 241 
PHE CE2  C Y N 242 
PHE CZ   C Y N 243 
PHE OXT  O N N 244 
PHE H    H N N 245 
PHE H2   H N N 246 
PHE HA   H N N 247 
PHE HB2  H N N 248 
PHE HB3  H N N 249 
PHE HD1  H N N 250 
PHE HD2  H N N 251 
PHE HE1  H N N 252 
PHE HE2  H N N 253 
PHE HZ   H N N 254 
PHE HXT  H N N 255 
PRO N    N N N 256 
PRO CA   C N S 257 
PRO C    C N N 258 
PRO O    O N N 259 
PRO CB   C N N 260 
PRO CG   C N N 261 
PRO CD   C N N 262 
PRO OXT  O N N 263 
PRO H    H N N 264 
PRO HA   H N N 265 
PRO HB2  H N N 266 
PRO HB3  H N N 267 
PRO HG2  H N N 268 
PRO HG3  H N N 269 
PRO HD2  H N N 270 
PRO HD3  H N N 271 
PRO HXT  H N N 272 
SER N    N N N 273 
SER CA   C N S 274 
SER C    C N N 275 
SER O    O N N 276 
SER CB   C N N 277 
SER OG   O N N 278 
SER OXT  O N N 279 
SER H    H N N 280 
SER H2   H N N 281 
SER HA   H N N 282 
SER HB2  H N N 283 
SER HB3  H N N 284 
SER HG   H N N 285 
SER HXT  H N N 286 
TYR N    N N N 287 
TYR CA   C N S 288 
TYR C    C N N 289 
TYR O    O N N 290 
TYR CB   C N N 291 
TYR CG   C Y N 292 
TYR CD1  C Y N 293 
TYR CD2  C Y N 294 
TYR CE1  C Y N 295 
TYR CE2  C Y N 296 
TYR CZ   C Y N 297 
TYR OH   O N N 298 
TYR OXT  O N N 299 
TYR H    H N N 300 
TYR H2   H N N 301 
TYR HA   H N N 302 
TYR HB2  H N N 303 
TYR HB3  H N N 304 
TYR HD1  H N N 305 
TYR HD2  H N N 306 
TYR HE1  H N N 307 
TYR HE2  H N N 308 
TYR HH   H N N 309 
TYR HXT  H N N 310 
VAL N    N N N 311 
VAL CA   C N S 312 
VAL C    C N N 313 
VAL O    O N N 314 
VAL CB   C N N 315 
VAL CG1  C N N 316 
VAL CG2  C N N 317 
VAL OXT  O N N 318 
VAL H    H N N 319 
VAL H2   H N N 320 
VAL HA   H N N 321 
VAL HB   H N N 322 
VAL HG11 H N N 323 
VAL HG12 H N N 324 
VAL HG13 H N N 325 
VAL HG21 H N N 326 
VAL HG22 H N N 327 
VAL HG23 H N N 328 
VAL HXT  H N N 329 
# 
loop_
_chem_comp_bond.comp_id 
_chem_comp_bond.atom_id_1 
_chem_comp_bond.atom_id_2 
_chem_comp_bond.value_order 
_chem_comp_bond.pdbx_aromatic_flag 
_chem_comp_bond.pdbx_stereo_config 
_chem_comp_bond.pdbx_ordinal 
ALA N   CA   sing N N 1   
ALA N   H    sing N N 2   
ALA N   H2   sing N N 3   
ALA CA  C    sing N N 4   
ALA CA  CB   sing N N 5   
ALA CA  HA   sing N N 6   
ALA C   O    doub N N 7   
ALA C   OXT  sing N N 8   
ALA CB  HB1  sing N N 9   
ALA CB  HB2  sing N N 10  
ALA CB  HB3  sing N N 11  
ALA OXT HXT  sing N N 12  
ARG N   CA   sing N N 13  
ARG N   H    sing N N 14  
ARG N   H2   sing N N 15  
ARG CA  C    sing N N 16  
ARG CA  CB   sing N N 17  
ARG CA  HA   sing N N 18  
ARG C   O    doub N N 19  
ARG C   OXT  sing N N 20  
ARG CB  CG   sing N N 21  
ARG CB  HB2  sing N N 22  
ARG CB  HB3  sing N N 23  
ARG CG  CD   sing N N 24  
ARG CG  HG2  sing N N 25  
ARG CG  HG3  sing N N 26  
ARG CD  NE   sing N N 27  
ARG CD  HD2  sing N N 28  
ARG CD  HD3  sing N N 29  
ARG NE  CZ   sing N N 30  
ARG NE  HE   sing N N 31  
ARG CZ  NH1  sing N N 32  
ARG CZ  NH2  doub N N 33  
ARG NH1 HH11 sing N N 34  
ARG NH1 HH12 sing N N 35  
ARG NH2 HH21 sing N N 36  
ARG NH2 HH22 sing N N 37  
ARG OXT HXT  sing N N 38  
ASN N   CA   sing N N 39  
ASN N   H    sing N N 40  
ASN N   H2   sing N N 41  
ASN CA  C    sing N N 42  
ASN CA  CB   sing N N 43  
ASN CA  HA   sing N N 44  
ASN C   O    doub N N 45  
ASN C   OXT  sing N N 46  
ASN CB  CG   sing N N 47  
ASN CB  HB2  sing N N 48  
ASN CB  HB3  sing N N 49  
ASN CG  OD1  doub N N 50  
ASN CG  ND2  sing N N 51  
ASN ND2 HD21 sing N N 52  
ASN ND2 HD22 sing N N 53  
ASN OXT HXT  sing N N 54  
ASP N   CA   sing N N 55  
ASP N   H    sing N N 56  
ASP N   H2   sing N N 57  
ASP CA  C    sing N N 58  
ASP CA  CB   sing N N 59  
ASP CA  HA   sing N N 60  
ASP C   O    doub N N 61  
ASP C   OXT  sing N N 62  
ASP CB  CG   sing N N 63  
ASP CB  HB2  sing N N 64  
ASP CB  HB3  sing N N 65  
ASP CG  OD1  doub N N 66  
ASP CG  OD2  sing N N 67  
ASP OD2 HD2  sing N N 68  
ASP OXT HXT  sing N N 69  
GLN N   CA   sing N N 70  
GLN N   H    sing N N 71  
GLN N   H2   sing N N 72  
GLN CA  C    sing N N 73  
GLN CA  CB   sing N N 74  
GLN CA  HA   sing N N 75  
GLN C   O    doub N N 76  
GLN C   OXT  sing N N 77  
GLN CB  CG   sing N N 78  
GLN CB  HB2  sing N N 79  
GLN CB  HB3  sing N N 80  
GLN CG  CD   sing N N 81  
GLN CG  HG2  sing N N 82  
GLN CG  HG3  sing N N 83  
GLN CD  OE1  doub N N 84  
GLN CD  NE2  sing N N 85  
GLN NE2 HE21 sing N N 86  
GLN NE2 HE22 sing N N 87  
GLN OXT HXT  sing N N 88  
GLU N   CA   sing N N 89  
GLU N   H    sing N N 90  
GLU N   H2   sing N N 91  
GLU CA  C    sing N N 92  
GLU CA  CB   sing N N 93  
GLU CA  HA   sing N N 94  
GLU C   O    doub N N 95  
GLU C   OXT  sing N N 96  
GLU CB  CG   sing N N 97  
GLU CB  HB2  sing N N 98  
GLU CB  HB3  sing N N 99  
GLU CG  CD   sing N N 100 
GLU CG  HG2  sing N N 101 
GLU CG  HG3  sing N N 102 
GLU CD  OE1  doub N N 103 
GLU CD  OE2  sing N N 104 
GLU OE2 HE2  sing N N 105 
GLU OXT HXT  sing N N 106 
GLY N   CA   sing N N 107 
GLY N   H    sing N N 108 
GLY N   H2   sing N N 109 
GLY CA  C    sing N N 110 
GLY CA  HA2  sing N N 111 
GLY CA  HA3  sing N N 112 
GLY C   O    doub N N 113 
GLY C   OXT  sing N N 114 
GLY OXT HXT  sing N N 115 
HIS N   CA   sing N N 116 
HIS N   H    sing N N 117 
HIS N   H2   sing N N 118 
HIS CA  C    sing N N 119 
HIS CA  CB   sing N N 120 
HIS CA  HA   sing N N 121 
HIS C   O    doub N N 122 
HIS C   OXT  sing N N 123 
HIS CB  CG   sing N N 124 
HIS CB  HB2  sing N N 125 
HIS CB  HB3  sing N N 126 
HIS CG  ND1  sing Y N 127 
HIS CG  CD2  doub Y N 128 
HIS ND1 CE1  doub Y N 129 
HIS ND1 HD1  sing N N 130 
HIS CD2 NE2  sing Y N 131 
HIS CD2 HD2  sing N N 132 
HIS CE1 NE2  sing Y N 133 
HIS CE1 HE1  sing N N 134 
HIS NE2 HE2  sing N N 135 
HIS OXT HXT  sing N N 136 
ILE N   CA   sing N N 137 
ILE N   H    sing N N 138 
ILE N   H2   sing N N 139 
ILE CA  C    sing N N 140 
ILE CA  CB   sing N N 141 
ILE CA  HA   sing N N 142 
ILE C   O    doub N N 143 
ILE C   OXT  sing N N 144 
ILE CB  CG1  sing N N 145 
ILE CB  CG2  sing N N 146 
ILE CB  HB   sing N N 147 
ILE CG1 CD1  sing N N 148 
ILE CG1 HG12 sing N N 149 
ILE CG1 HG13 sing N N 150 
ILE CG2 HG21 sing N N 151 
ILE CG2 HG22 sing N N 152 
ILE CG2 HG23 sing N N 153 
ILE CD1 HD11 sing N N 154 
ILE CD1 HD12 sing N N 155 
ILE CD1 HD13 sing N N 156 
ILE OXT HXT  sing N N 157 
LEU N   CA   sing N N 158 
LEU N   H    sing N N 159 
LEU N   H2   sing N N 160 
LEU CA  C    sing N N 161 
LEU CA  CB   sing N N 162 
LEU CA  HA   sing N N 163 
LEU C   O    doub N N 164 
LEU C   OXT  sing N N 165 
LEU CB  CG   sing N N 166 
LEU CB  HB2  sing N N 167 
LEU CB  HB3  sing N N 168 
LEU CG  CD1  sing N N 169 
LEU CG  CD2  sing N N 170 
LEU CG  HG   sing N N 171 
LEU CD1 HD11 sing N N 172 
LEU CD1 HD12 sing N N 173 
LEU CD1 HD13 sing N N 174 
LEU CD2 HD21 sing N N 175 
LEU CD2 HD22 sing N N 176 
LEU CD2 HD23 sing N N 177 
LEU OXT HXT  sing N N 178 
LYS N   CA   sing N N 179 
LYS N   H    sing N N 180 
LYS N   H2   sing N N 181 
LYS CA  C    sing N N 182 
LYS CA  CB   sing N N 183 
LYS CA  HA   sing N N 184 
LYS C   O    doub N N 185 
LYS C   OXT  sing N N 186 
LYS CB  CG   sing N N 187 
LYS CB  HB2  sing N N 188 
LYS CB  HB3  sing N N 189 
LYS CG  CD   sing N N 190 
LYS CG  HG2  sing N N 191 
LYS CG  HG3  sing N N 192 
LYS CD  CE   sing N N 193 
LYS CD  HD2  sing N N 194 
LYS CD  HD3  sing N N 195 
LYS CE  NZ   sing N N 196 
LYS CE  HE2  sing N N 197 
LYS CE  HE3  sing N N 198 
LYS NZ  HZ1  sing N N 199 
LYS NZ  HZ2  sing N N 200 
LYS NZ  HZ3  sing N N 201 
LYS OXT HXT  sing N N 202 
MET N   CA   sing N N 203 
MET N   H    sing N N 204 
MET N   H2   sing N N 205 
MET CA  C    sing N N 206 
MET CA  CB   sing N N 207 
MET CA  HA   sing N N 208 
MET C   O    doub N N 209 
MET C   OXT  sing N N 210 
MET CB  CG   sing N N 211 
MET CB  HB2  sing N N 212 
MET CB  HB3  sing N N 213 
MET CG  SD   sing N N 214 
MET CG  HG2  sing N N 215 
MET CG  HG3  sing N N 216 
MET SD  CE   sing N N 217 
MET CE  HE1  sing N N 218 
MET CE  HE2  sing N N 219 
MET CE  HE3  sing N N 220 
MET OXT HXT  sing N N 221 
PHE N   CA   sing N N 222 
PHE N   H    sing N N 223 
PHE N   H2   sing N N 224 
PHE CA  C    sing N N 225 
PHE CA  CB   sing N N 226 
PHE CA  HA   sing N N 227 
PHE C   O    doub N N 228 
PHE C   OXT  sing N N 229 
PHE CB  CG   sing N N 230 
PHE CB  HB2  sing N N 231 
PHE CB  HB3  sing N N 232 
PHE CG  CD1  doub Y N 233 
PHE CG  CD2  sing Y N 234 
PHE CD1 CE1  sing Y N 235 
PHE CD1 HD1  sing N N 236 
PHE CD2 CE2  doub Y N 237 
PHE CD2 HD2  sing N N 238 
PHE CE1 CZ   doub Y N 239 
PHE CE1 HE1  sing N N 240 
PHE CE2 CZ   sing Y N 241 
PHE CE2 HE2  sing N N 242 
PHE CZ  HZ   sing N N 243 
PHE OXT HXT  sing N N 244 
PRO N   CA   sing N N 245 
PRO N   CD   sing N N 246 
PRO N   H    sing N N 247 
PRO CA  C    sing N N 248 
PRO CA  CB   sing N N 249 
PRO CA  HA   sing N N 250 
PRO C   O    doub N N 251 
PRO C   OXT  sing N N 252 
PRO CB  CG   sing N N 253 
PRO CB  HB2  sing N N 254 
PRO CB  HB3  sing N N 255 
PRO CG  CD   sing N N 256 
PRO CG  HG2  sing N N 257 
PRO CG  HG3  sing N N 258 
PRO CD  HD2  sing N N 259 
PRO CD  HD3  sing N N 260 
PRO OXT HXT  sing N N 261 
SER N   CA   sing N N 262 
SER N   H    sing N N 263 
SER N   H2   sing N N 264 
SER CA  C    sing N N 265 
SER CA  CB   sing N N 266 
SER CA  HA   sing N N 267 
SER C   O    doub N N 268 
SER C   OXT  sing N N 269 
SER CB  OG   sing N N 270 
SER CB  HB2  sing N N 271 
SER CB  HB3  sing N N 272 
SER OG  HG   sing N N 273 
SER OXT HXT  sing N N 274 
TYR N   CA   sing N N 275 
TYR N   H    sing N N 276 
TYR N   H2   sing N N 277 
TYR CA  C    sing N N 278 
TYR CA  CB   sing N N 279 
TYR CA  HA   sing N N 280 
TYR C   O    doub N N 281 
TYR C   OXT  sing N N 282 
TYR CB  CG   sing N N 283 
TYR CB  HB2  sing N N 284 
TYR CB  HB3  sing N N 285 
TYR CG  CD1  doub Y N 286 
TYR CG  CD2  sing Y N 287 
TYR CD1 CE1  sing Y N 288 
TYR CD1 HD1  sing N N 289 
TYR CD2 CE2  doub Y N 290 
TYR CD2 HD2  sing N N 291 
TYR CE1 CZ   doub Y N 292 
TYR CE1 HE1  sing N N 293 
TYR CE2 CZ   sing Y N 294 
TYR CE2 HE2  sing N N 295 
TYR CZ  OH   sing N N 296 
TYR OH  HH   sing N N 297 
TYR OXT HXT  sing N N 298 
VAL N   CA   sing N N 299 
VAL N   H    sing N N 300 
VAL N   H2   sing N N 301 
VAL CA  C    sing N N 302 
VAL CA  CB   sing N N 303 
VAL CA  HA   sing N N 304 
VAL C   O    doub N N 305 
VAL C   OXT  sing N N 306 
VAL CB  CG1  sing N N 307 
VAL CB  CG2  sing N N 308 
VAL CB  HB   sing N N 309 
VAL CG1 HG11 sing N N 310 
VAL CG1 HG12 sing N N 311 
VAL CG1 HG13 sing N N 312 
VAL CG2 HG21 sing N N 313 
VAL CG2 HG22 sing N N 314 
VAL CG2 HG23 sing N N 315 
VAL OXT HXT  sing N N 316 
# 
_atom_sites.entry_id                    1VIH 
_atom_sites.fract_transf_matrix[1][1]   1.000000 
_atom_sites.fract_transf_matrix[1][2]   0.000000 
_atom_sites.fract_transf_matrix[1][3]   0.000000 
_atom_sites.fract_transf_matrix[2][1]   0.000000 
_atom_sites.fract_transf_matrix[2][2]   1.000000 
_atom_sites.fract_transf_matrix[2][3]   0.000000 
_atom_sites.fract_transf_matrix[3][1]   0.000000 
_atom_sites.fract_transf_matrix[3][2]   0.000000 
_atom_sites.fract_transf_matrix[3][3]   1.000000 
_atom_sites.fract_transf_vector[1]      0.00000 
_atom_sites.fract_transf_vector[2]      0.00000 
_atom_sites.fract_transf_vector[3]      0.00000 
# 
loop_
_atom_type.symbol 
C 
H 
N 
O 
S 
# 
loop_
_atom_site.group_PDB 
_atom_site.id 
_atom_site.type_symbol 
_atom_site.label_atom_id 
_atom_site.label_alt_id 
_atom_site.label_comp_id 
_atom_site.label_asym_id 
_atom_site.label_entity_id 
_atom_site.label_seq_id 
_atom_site.pdbx_PDB_ins_code 
_atom_site.Cartn_x 
_atom_site.Cartn_y 
_atom_site.Cartn_z 
_atom_site.occupancy 
_atom_site.B_iso_or_equiv 
_atom_site.pdbx_formal_charge 
_atom_site.auth_seq_id 
_atom_site.auth_comp_id 
_atom_site.auth_asym_id 
_atom_site.auth_atom_id 
_atom_site.pdbx_PDB_model_num 
ATOM 1    N N    . ILE A 1 1  ? -13.745 -8.134  -17.858 1.00 6.51 ? 6  ILE A N    1 
ATOM 2    C CA   . ILE A 1 1  ? -12.348 -8.285  -18.251 1.00 5.95 ? 6  ILE A CA   1 
ATOM 3    C C    . ILE A 1 1  ? -11.528 -7.096  -17.769 1.00 5.14 ? 6  ILE A C    1 
ATOM 4    O O    . ILE A 1 1  ? -12.058 -6.001  -17.576 1.00 5.46 ? 6  ILE A O    1 
ATOM 5    C CB   . ILE A 1 1  ? -12.245 -8.413  -19.766 1.00 6.67 ? 6  ILE A CB   1 
ATOM 6    C CG1  . ILE A 1 1  ? -12.706 -7.125  -20.444 1.00 7.44 ? 6  ILE A CG1  1 
ATOM 7    C CG2  . ILE A 1 1  ? -13.069 -9.597  -20.258 1.00 6.84 ? 6  ILE A CG2  1 
ATOM 8    C CD1  . ILE A 1 1  ? -11.636 -6.586  -21.390 1.00 8.10 ? 6  ILE A CD1  1 
ATOM 9    H H    . ILE A 1 1  ? -14.245 -8.925  -17.561 1.00 6.76 ? 6  ILE A H    1 
ATOM 10   H HA   . ILE A 1 1  ? -11.955 -9.184  -17.800 1.00 5.98 ? 6  ILE A HA   1 
ATOM 11   H HB   . ILE A 1 1  ? -11.210 -8.589  -20.022 1.00 6.91 ? 6  ILE A HB   1 
ATOM 12   H HG12 . ILE A 1 1  ? -13.606 -7.324  -21.006 1.00 7.77 ? 6  ILE A HG12 1 
ATOM 13   H HG13 . ILE A 1 1  ? -12.913 -6.383  -19.687 1.00 7.50 ? 6  ILE A HG13 1 
ATOM 14   H HG21 . ILE A 1 1  ? -14.047 -9.567  -19.801 1.00 7.09 ? 6  ILE A HG21 1 
ATOM 15   H HG22 . ILE A 1 1  ? -13.169 -9.544  -21.332 1.00 7.01 ? 6  ILE A HG22 1 
ATOM 16   H HG23 . ILE A 1 1  ? -12.571 -10.517 -19.986 1.00 6.92 ? 6  ILE A HG23 1 
ATOM 17   H HD11 . ILE A 1 1  ? -11.192 -7.408  -21.932 1.00 8.44 ? 6  ILE A HD11 1 
ATOM 18   H HD12 . ILE A 1 1  ? -12.088 -5.895  -22.085 1.00 8.17 ? 6  ILE A HD12 1 
ATOM 19   H HD13 . ILE A 1 1  ? -10.876 -6.077  -20.816 1.00 8.45 ? 6  ILE A HD13 1 
ATOM 20   N N    . ASN A 1 2  ? -10.235 -7.324  -17.564 1.00 4.48 ? 7  ASN A N    1 
ATOM 21   C CA   . ASN A 1 2  ? -9.316  -6.287  -17.090 1.00 4.06 ? 7  ASN A CA   1 
ATOM 22   C C    . ASN A 1 2  ? -9.457  -6.106  -15.575 1.00 3.11 ? 7  ASN A C    1 
ATOM 23   O O    . ASN A 1 2  ? -8.471  -6.197  -14.845 1.00 3.46 ? 7  ASN A O    1 
ATOM 24   C CB   . ASN A 1 2  ? -9.534  -4.972  -17.877 1.00 4.82 ? 7  ASN A CB   1 
ATOM 25   C CG   . ASN A 1 2  ? -10.371 -3.943  -17.110 1.00 5.60 ? 7  ASN A CG   1 
ATOM 26   O OD1  . ASN A 1 2  ? -11.508 -3.650  -17.480 1.00 5.87 ? 7  ASN A OD1  1 
ATOM 27   N ND2  . ASN A 1 2  ? -9.797  -3.387  -16.049 1.00 6.34 ? 7  ASN A ND2  1 
ATOM 28   H H    . ASN A 1 2  ? -9.884  -8.224  -17.733 1.00 4.61 ? 7  ASN A H    1 
ATOM 29   H HA   . ASN A 1 2  ? -8.309  -6.630  -17.286 1.00 4.39 ? 7  ASN A HA   1 
ATOM 30   H HB2  . ASN A 1 2  ? -8.570  -4.537  -18.096 1.00 5.12 ? 7  ASN A HB2  1 
ATOM 31   H HB3  . ASN A 1 2  ? -10.034 -5.202  -18.806 1.00 4.99 ? 7  ASN A HB3  1 
ATOM 32   H HD21 . ASN A 1 2  ? -8.884  -3.662  -15.821 1.00 6.37 ? 7  ASN A HD21 1 
ATOM 33   H HD22 . ASN A 1 2  ? -10.306 -2.721  -15.543 1.00 7.01 ? 7  ASN A HD22 1 
ATOM 34   N N    . ARG A 1 3  ? -10.690 -5.853  -15.119 1.00 2.49 ? 8  ARG A N    1 
ATOM 35   C CA   . ARG A 1 3  ? -10.997 -5.664  -13.695 1.00 2.11 ? 8  ARG A CA   1 
ATOM 36   C C    . ARG A 1 3  ? -9.869  -4.932  -12.961 1.00 1.69 ? 8  ARG A C    1 
ATOM 37   O O    . ARG A 1 3  ? -9.064  -4.234  -13.580 1.00 2.38 ? 8  ARG A O    1 
ATOM 38   C CB   . ARG A 1 3  ? -11.297 -7.023  -13.038 1.00 2.95 ? 8  ARG A CB   1 
ATOM 39   C CG   . ARG A 1 3  ? -10.027 -7.792  -12.661 1.00 3.61 ? 8  ARG A CG   1 
ATOM 40   C CD   . ARG A 1 3  ? -10.200 -9.297  -12.867 1.00 4.57 ? 8  ARG A CD   1 
ATOM 41   N NE   . ARG A 1 3  ? -10.664 -9.577  -14.222 1.00 5.39 ? 8  ARG A NE   1 
ATOM 42   C CZ   . ARG A 1 3  ? -9.849  -10.061 -15.154 1.00 6.19 ? 8  ARG A CZ   1 
ATOM 43   N NH1  . ARG A 1 3  ? -8.626  -9.570  -15.286 1.00 6.74 ? 8  ARG A NH1  1 
ATOM 44   N NH2  . ARG A 1 3  ? -10.253 -11.042 -15.951 1.00 6.68 ? 8  ARG A NH2  1 
ATOM 45   H H    . ARG A 1 3  ? -11.423 -5.796  -15.761 1.00 2.85 ? 8  ARG A H    1 
ATOM 46   H HA   . ARG A 1 3  ? -11.887 -5.055  -13.627 1.00 2.34 ? 8  ARG A HA   1 
ATOM 47   H HB2  . ARG A 1 3  ? -11.879 -6.856  -12.144 1.00 3.35 ? 8  ARG A HB2  1 
ATOM 48   H HB3  . ARG A 1 3  ? -11.877 -7.619  -13.728 1.00 3.27 ? 8  ARG A HB3  1 
ATOM 49   H HG2  . ARG A 1 3  ? -9.210  -7.448  -13.269 1.00 3.81 ? 8  ARG A HG2  1 
ATOM 50   H HG3  . ARG A 1 3  ? -9.801  -7.604  -11.621 1.00 3.70 ? 8  ARG A HG3  1 
ATOM 51   H HD2  . ARG A 1 3  ? -9.251  -9.788  -12.713 1.00 4.83 ? 8  ARG A HD2  1 
ATOM 52   H HD3  . ARG A 1 3  ? -10.921 -9.675  -12.157 1.00 4.82 ? 8  ARG A HD3  1 
ATOM 53   H HE   . ARG A 1 3  ? -11.601 -9.406  -14.452 1.00 5.60 ? 8  ARG A HE   1 
ATOM 54   H HH11 . ARG A 1 3  ? -8.315  -8.836  -14.683 1.00 6.57 ? 8  ARG A HH11 1 
ATOM 55   H HH12 . ARG A 1 3  ? -8.016  -9.930  -15.992 1.00 7.46 ? 8  ARG A HH12 1 
ATOM 56   H HH21 . ARG A 1 3  ? -11.173 -11.419 -15.851 1.00 6.46 ? 8  ARG A HH21 1 
ATOM 57   H HH22 . ARG A 1 3  ? -9.638  -11.403 -16.651 1.00 7.42 ? 8  ARG A HH22 1 
ATOM 58   N N    . MET A 1 4  ? -9.819  -5.093  -11.643 1.00 1.18 ? 9  MET A N    1 
ATOM 59   C CA   . MET A 1 4  ? -8.793  -4.448  -10.831 1.00 0.82 ? 9  MET A CA   1 
ATOM 60   C C    . MET A 1 4  ? -8.118  -5.476  -9.932  1.00 0.72 ? 9  MET A C    1 
ATOM 61   O O    . MET A 1 4  ? -8.780  -6.158  -9.150  1.00 0.97 ? 9  MET A O    1 
ATOM 62   C CB   . MET A 1 4  ? -9.415  -3.339  -9.989  1.00 1.08 ? 9  MET A CB   1 
ATOM 63   C CG   . MET A 1 4  ? -9.686  -2.094  -10.831 1.00 1.61 ? 9  MET A CG   1 
ATOM 64   S SD   . MET A 1 4  ? -11.445 -1.795  -11.069 1.00 2.27 ? 9  MET A SD   1 
ATOM 65   C CE   . MET A 1 4  ? -11.892 -1.092  -9.474  1.00 2.82 ? 9  MET A CE   1 
ATOM 66   H H    . MET A 1 4  ? -10.489 -5.657  -11.205 1.00 1.66 ? 9  MET A H    1 
ATOM 67   H HA   . MET A 1 4  ? -8.052  -4.015  -11.487 1.00 0.91 ? 9  MET A HA   1 
ATOM 68   H HB2  . MET A 1 4  ? -10.347 -3.692  -9.571  1.00 1.66 ? 9  MET A HB2  1 
ATOM 69   H HB3  . MET A 1 4  ? -8.738  -3.082  -9.187  1.00 1.59 ? 9  MET A HB3  1 
ATOM 70   H HG2  . MET A 1 4  ? -9.254  -1.238  -10.336 1.00 2.20 ? 9  MET A HG2  1 
ATOM 71   H HG3  . MET A 1 4  ? -9.213  -2.218  -11.795 1.00 2.00 ? 9  MET A HG3  1 
ATOM 72   H HE1  . MET A 1 4  ? -11.034 -1.123  -8.817  1.00 3.05 ? 9  MET A HE1  1 
ATOM 73   H HE2  . MET A 1 4  ? -12.213 -0.068  -9.611  1.00 3.30 ? 9  MET A HE2  1 
ATOM 74   H HE3  . MET A 1 4  ? -12.696 -1.666  -9.041  1.00 3.21 ? 9  MET A HE3  1 
ATOM 75   N N    . ASP A 1 5  ? -6.798  -5.589  -10.048 1.00 0.49 ? 10 ASP A N    1 
ATOM 76   C CA   . ASP A 1 5  ? -6.042  -6.545  -9.242  1.00 0.42 ? 10 ASP A CA   1 
ATOM 77   C C    . ASP A 1 5  ? -5.754  -5.965  -7.866  1.00 0.38 ? 10 ASP A C    1 
ATOM 78   O O    . ASP A 1 5  ? -5.498  -4.772  -7.730  1.00 0.54 ? 10 ASP A O    1 
ATOM 79   C CB   . ASP A 1 5  ? -4.734  -6.901  -9.938  1.00 0.44 ? 10 ASP A CB   1 
ATOM 80   C CG   . ASP A 1 5  ? -4.986  -7.223  -11.406 1.00 0.86 ? 10 ASP A CG   1 
ATOM 81   O OD1  . ASP A 1 5  ? -6.119  -7.629  -11.741 1.00 1.55 ? 10 ASP A OD1  1 
ATOM 82   O OD2  . ASP A 1 5  ? -4.050  -7.069  -12.218 1.00 1.53 ? 10 ASP A OD2  1 
ATOM 83   H H    . ASP A 1 5  ? -6.324  -5.017  -10.690 1.00 0.52 ? 10 ASP A H    1 
ATOM 84   H HA   . ASP A 1 5  ? -6.631  -7.442  -9.127  1.00 0.47 ? 10 ASP A HA   1 
ATOM 85   H HB2  . ASP A 1 5  ? -4.057  -6.064  -9.867  1.00 0.89 ? 10 ASP A HB2  1 
ATOM 86   H HB3  . ASP A 1 5  ? -4.297  -7.761  -9.455  1.00 0.99 ? 10 ASP A HB3  1 
ATOM 87   N N    . TYR A 1 6  ? -5.795  -6.818  -6.847  1.00 0.40 ? 11 TYR A N    1 
ATOM 88   C CA   . TYR A 1 6  ? -5.545  -6.380  -5.477  1.00 0.37 ? 11 TYR A CA   1 
ATOM 89   C C    . TYR A 1 6  ? -4.584  -7.324  -4.763  1.00 0.34 ? 11 TYR A C    1 
ATOM 90   O O    . TYR A 1 6  ? -4.229  -8.383  -5.282  1.00 0.38 ? 11 TYR A O    1 
ATOM 91   C CB   . TYR A 1 6  ? -6.863  -6.297  -4.712  1.00 0.42 ? 11 TYR A CB   1 
ATOM 92   C CG   . TYR A 1 6  ? -7.486  -7.648  -4.462  1.00 0.48 ? 11 TYR A CG   1 
ATOM 93   C CD1  . TYR A 1 6  ? -8.217  -8.272  -5.459  1.00 0.54 ? 11 TYR A CD1  1 
ATOM 94   C CD2  . TYR A 1 6  ? -7.330  -8.267  -3.233  1.00 0.57 ? 11 TYR A CD2  1 
ATOM 95   C CE1  . TYR A 1 6  ? -8.788  -9.513  -5.228  1.00 0.63 ? 11 TYR A CE1  1 
ATOM 96   C CE2  . TYR A 1 6  ? -7.902  -9.507  -3.004  1.00 0.67 ? 11 TYR A CE2  1 
ATOM 97   C CZ   . TYR A 1 6  ? -8.628  -10.123 -4.000  1.00 0.67 ? 11 TYR A CZ   1 
ATOM 98   O OH   . TYR A 1 6  ? -9.196  -11.355 -3.770  1.00 0.78 ? 11 TYR A OH   1 
ATOM 99   H H    . TYR A 1 6  ? -6.003  -7.759  -7.021  1.00 0.55 ? 11 TYR A H    1 
ATOM 100  H HA   . TYR A 1 6  ? -5.102  -5.397  -5.507  1.00 0.36 ? 11 TYR A HA   1 
ATOM 101  H HB2  . TYR A 1 6  ? -6.684  -5.823  -3.758  1.00 0.44 ? 11 TYR A HB2  1 
ATOM 102  H HB3  . TYR A 1 6  ? -7.557  -5.693  -5.280  1.00 0.47 ? 11 TYR A HB3  1 
ATOM 103  H HD1  . TYR A 1 6  ? -8.341  -7.792  -6.418  1.00 0.60 ? 11 TYR A HD1  1 
ATOM 104  H HD2  . TYR A 1 6  ? -6.762  -7.782  -2.453  1.00 0.63 ? 11 TYR A HD2  1 
ATOM 105  H HE1  . TYR A 1 6  ? -9.358  -10.000 -6.006  1.00 0.72 ? 11 TYR A HE1  1 
ATOM 106  H HE2  . TYR A 1 6  ? -7.779  -9.989  -2.045  1.00 0.79 ? 11 TYR A HE2  1 
ATOM 107  H HH   . TYR A 1 6  ? -8.908  -11.973 -4.446  1.00 1.19 ? 11 TYR A HH   1 
ATOM 108  N N    . VAL A 1 7  ? -4.163  -6.919  -3.568  1.00 0.34 ? 12 VAL A N    1 
ATOM 109  C CA   . VAL A 1 7  ? -3.236  -7.704  -2.761  1.00 0.34 ? 12 VAL A CA   1 
ATOM 110  C C    . VAL A 1 7  ? -3.078  -7.062  -1.386  1.00 0.35 ? 12 VAL A C    1 
ATOM 111  O O    . VAL A 1 7  ? -3.139  -5.839  -1.255  1.00 0.51 ? 12 VAL A O    1 
ATOM 112  C CB   . VAL A 1 7  ? -1.882  -7.778  -3.457  1.00 0.38 ? 12 VAL A CB   1 
ATOM 113  C CG1  . VAL A 1 7  ? -1.370  -6.376  -3.773  1.00 0.52 ? 12 VAL A CG1  1 
ATOM 114  C CG2  . VAL A 1 7  ? -0.876  -8.535  -2.594  1.00 0.81 ? 12 VAL A CG2  1 
ATOM 115  H H    . VAL A 1 7  ? -4.484  -6.062  -3.221  1.00 0.40 ? 12 VAL A H    1 
ATOM 116  H HA   . VAL A 1 7  ? -3.628  -8.704  -2.643  1.00 0.39 ? 12 VAL A HA   1 
ATOM 117  H HB   . VAL A 1 7  ? -2.004  -8.313  -4.388  1.00 1.10 ? 12 VAL A HB   1 
ATOM 118  H HG11 . VAL A 1 7  ? -2.136  -5.826  -4.302  1.00 1.19 ? 12 VAL A HG11 1 
ATOM 119  H HG12 . VAL A 1 7  ? -1.131  -5.866  -2.851  1.00 1.15 ? 12 VAL A HG12 1 
ATOM 120  H HG13 . VAL A 1 7  ? -0.485  -6.447  -4.389  1.00 1.19 ? 12 VAL A HG13 1 
ATOM 121  H HG21 . VAL A 1 7  ? -1.402  -9.047  -1.803  1.00 1.38 ? 12 VAL A HG21 1 
ATOM 122  H HG22 . VAL A 1 7  ? -0.348  -9.251  -3.204  1.00 1.34 ? 12 VAL A HG22 1 
ATOM 123  H HG23 . VAL A 1 7  ? -0.173  -7.835  -2.168  1.00 1.48 ? 12 VAL A HG23 1 
ATOM 124  N N    . GLU A 1 8  ? -2.877  -7.886  -0.363  1.00 0.49 ? 13 GLU A N    1 
ATOM 125  C CA   . GLU A 1 8  ? -2.716  -7.384  1.001   1.00 0.54 ? 13 GLU A CA   1 
ATOM 126  C C    . GLU A 1 8  ? -1.338  -7.745  1.541   1.00 0.50 ? 13 GLU A C    1 
ATOM 127  O O    . GLU A 1 8  ? -0.926  -8.904  1.486   1.00 0.60 ? 13 GLU A O    1 
ATOM 128  C CB   . GLU A 1 8  ? -3.797  -7.961  1.918   1.00 0.67 ? 13 GLU A CB   1 
ATOM 129  C CG   . GLU A 1 8  ? -5.117  -8.176  1.178   1.00 1.05 ? 13 GLU A CG   1 
ATOM 130  C CD   . GLU A 1 8  ? -6.277  -7.615  1.990   1.00 1.43 ? 13 GLU A CD   1 
ATOM 131  O OE1  . GLU A 1 8  ? -6.169  -6.466  2.469   1.00 2.05 ? 13 GLU A OE1  1 
ATOM 132  O OE2  . GLU A 1 8  ? -7.294  -8.324  2.145   1.00 1.97 ? 13 GLU A OE2  1 
ATOM 133  H H    . GLU A 1 8  ? -2.840  -8.851  -0.526  1.00 0.67 ? 13 GLU A H    1 
ATOM 134  H HA   . GLU A 1 8  ? -2.814  -6.308  0.986   1.00 0.57 ? 13 GLU A HA   1 
ATOM 135  H HB2  . GLU A 1 8  ? -3.455  -8.909  2.307   1.00 1.32 ? 13 GLU A HB2  1 
ATOM 136  H HB3  . GLU A 1 8  ? -3.962  -7.279  2.737   1.00 1.17 ? 13 GLU A HB3  1 
ATOM 137  H HG2  . GLU A 1 8  ? -5.074  -7.677  0.221   1.00 1.33 ? 13 GLU A HG2  1 
ATOM 138  H HG3  . GLU A 1 8  ? -5.269  -9.234  1.025   1.00 1.78 ? 13 GLU A HG3  1 
ATOM 139  N N    . ILE A 1 9  ? -0.632  -6.751  2.072   1.00 0.48 ? 14 ILE A N    1 
ATOM 140  C CA   . ILE A 1 9  ? 0.700   -6.972  2.633   1.00 0.49 ? 14 ILE A CA   1 
ATOM 141  C C    . ILE A 1 9  ? 0.615   -7.124  4.144   1.00 0.48 ? 14 ILE A C    1 
ATOM 142  O O    . ILE A 1 9  ? 0.104   -6.244  4.841   1.00 0.43 ? 14 ILE A O    1 
ATOM 143  C CB   . ILE A 1 9  ? 1.649   -5.824  2.277   1.00 0.52 ? 14 ILE A CB   1 
ATOM 144  C CG1  . ILE A 1 9  ? 0.932   -4.477  2.315   1.00 0.51 ? 14 ILE A CG1  1 
ATOM 145  C CG2  . ILE A 1 9  ? 2.266   -6.048  0.901   1.00 0.64 ? 14 ILE A CG2  1 
ATOM 146  C CD1  . ILE A 1 9  ? 1.927   -3.322  2.235   1.00 0.63 ? 14 ILE A CD1  1 
ATOM 147  H H    . ILE A 1 9  ? -1.020  -5.853  2.093   1.00 0.53 ? 14 ILE A H    1 
ATOM 148  H HA   . ILE A 1 9  ? 1.097   -7.888  2.217   1.00 0.52 ? 14 ILE A HA   1 
ATOM 149  H HB   . ILE A 1 9  ? 2.447   -5.809  3.009   1.00 0.58 ? 14 ILE A HB   1 
ATOM 150  H HG12 . ILE A 1 9  ? 0.254   -4.415  1.476   1.00 0.67 ? 14 ILE A HG12 1 
ATOM 151  H HG13 . ILE A 1 9  ? 0.373   -4.399  3.235   1.00 0.60 ? 14 ILE A HG13 1 
ATOM 152  H HG21 . ILE A 1 9  ? 2.482   -7.097  0.771   1.00 1.23 ? 14 ILE A HG21 1 
ATOM 153  H HG22 . ILE A 1 9  ? 1.569   -5.725  0.143   1.00 1.24 ? 14 ILE A HG22 1 
ATOM 154  H HG23 . ILE A 1 9  ? 3.179   -5.476  0.821   1.00 1.21 ? 14 ILE A HG23 1 
ATOM 155  H HD11 . ILE A 1 9  ? 2.536   -3.435  1.351   1.00 1.23 ? 14 ILE A HD11 1 
ATOM 156  H HD12 . ILE A 1 9  ? 1.387   -2.388  2.186   1.00 1.24 ? 14 ILE A HD12 1 
ATOM 157  H HD13 . ILE A 1 9  ? 2.557   -3.331  3.112   1.00 1.21 ? 14 ILE A HD13 1 
ATOM 158  N N    . ASN A 1 10 ? 1.114   -8.251  4.644   1.00 0.59 ? 15 ASN A N    1 
ATOM 159  C CA   . ASN A 1 10 ? 1.095   -8.534  6.074   1.00 0.62 ? 15 ASN A CA   1 
ATOM 160  C C    . ASN A 1 10 ? 2.037   -7.600  6.818   1.00 0.60 ? 15 ASN A C    1 
ATOM 161  O O    . ASN A 1 10 ? 3.244   -7.833  6.876   1.00 0.78 ? 15 ASN A O    1 
ATOM 162  C CB   . ASN A 1 10 ? 1.494   -9.985  6.327   1.00 0.79 ? 15 ASN A CB   1 
ATOM 163  C CG   . ASN A 1 10 ? 0.515   -10.634 7.296   1.00 1.31 ? 15 ASN A CG   1 
ATOM 164  O OD1  . ASN A 1 10 ? 0.806   -10.783 8.482   1.00 2.20 ? 15 ASN A OD1  1 
ATOM 165  N ND2  . ASN A 1 10 ? -0.650  -11.017 6.788   1.00 1.54 ? 15 ASN A ND2  1 
ATOM 166  H H    . ASN A 1 10 ? 1.502   -8.912  4.033   1.00 0.69 ? 15 ASN A H    1 
ATOM 167  H HA   . ASN A 1 10 ? 0.091   -8.383  6.443   1.00 0.59 ? 15 ASN A HA   1 
ATOM 168  H HB2  . ASN A 1 10 ? 1.483   -10.526 5.392   1.00 1.28 ? 15 ASN A HB2  1 
ATOM 169  H HB3  . ASN A 1 10 ? 2.487   -10.014 6.751   1.00 0.95 ? 15 ASN A HB3  1 
ATOM 170  H HD21 . ASN A 1 10 ? -0.812  -10.864 5.834   1.00 1.75 ? 15 ASN A HD21 1 
ATOM 171  H HD22 . ASN A 1 10 ? -1.303  -11.433 7.389   1.00 2.01 ? 15 ASN A HD22 1 
ATOM 172  N N    . ILE A 1 11 ? 1.472   -6.547  7.391   1.00 0.49 ? 16 ILE A N    1 
ATOM 173  C CA   . ILE A 1 11 ? 2.248   -5.569  8.143   1.00 0.49 ? 16 ILE A CA   1 
ATOM 174  C C    . ILE A 1 11 ? 1.937   -5.702  9.630   1.00 0.56 ? 16 ILE A C    1 
ATOM 175  O O    . ILE A 1 11 ? 0.951   -6.333  10.006  1.00 0.66 ? 16 ILE A O    1 
ATOM 176  C CB   . ILE A 1 11 ? 1.919   -4.163  7.648   1.00 0.48 ? 16 ILE A CB   1 
ATOM 177  C CG1  . ILE A 1 11 ? 2.336   -4.003  6.187   1.00 0.63 ? 16 ILE A CG1  1 
ATOM 178  C CG2  . ILE A 1 11 ? 2.600   -3.104  8.510   1.00 0.58 ? 16 ILE A CG2  1 
ATOM 179  C CD1  . ILE A 1 11 ? 3.852   -4.077  6.033   1.00 0.84 ? 16 ILE A CD1  1 
ATOM 180  H H    . ILE A 1 11 ? 0.503   -6.426  7.309   1.00 0.52 ? 16 ILE A H    1 
ATOM 181  H HA   . ILE A 1 11 ? 3.299   -5.761  7.986   1.00 0.60 ? 16 ILE A HA   1 
ATOM 182  H HB   . ILE A 1 11 ? 0.849   -4.020  7.718   1.00 0.49 ? 16 ILE A HB   1 
ATOM 183  H HG12 . ILE A 1 11 ? 1.884   -4.790  5.599   1.00 1.17 ? 16 ILE A HG12 1 
ATOM 184  H HG13 . ILE A 1 11 ? 1.991   -3.045  5.825   1.00 1.04 ? 16 ILE A HG13 1 
ATOM 185  H HG21 . ILE A 1 11 ? 3.659   -3.312  8.558   1.00 1.24 ? 16 ILE A HG21 1 
ATOM 186  H HG22 . ILE A 1 11 ? 2.441   -2.130  8.073   1.00 1.10 ? 16 ILE A HG22 1 
ATOM 187  H HG23 . ILE A 1 11 ? 2.181   -3.129  9.505   1.00 1.19 ? 16 ILE A HG23 1 
ATOM 188  H HD11 . ILE A 1 11 ? 4.323   -3.575  6.865   1.00 1.49 ? 16 ILE A HD11 1 
ATOM 189  H HD12 . ILE A 1 11 ? 4.159   -5.112  6.014   1.00 1.44 ? 16 ILE A HD12 1 
ATOM 190  H HD13 . ILE A 1 11 ? 4.142   -3.597  5.110   1.00 1.32 ? 16 ILE A HD13 1 
ATOM 191  N N    . ASP A 1 12 ? 2.783   -5.118  10.473  1.00 0.63 ? 17 ASP A N    1 
ATOM 192  C CA   . ASP A 1 12 ? 2.584   -5.193  11.916  1.00 0.75 ? 17 ASP A CA   1 
ATOM 193  C C    . ASP A 1 12 ? 3.129   -3.949  12.612  1.00 1.00 ? 17 ASP A C    1 
ATOM 194  O O    . ASP A 1 12 ? 2.371   -3.174  13.197  1.00 1.75 ? 17 ASP A O    1 
ATOM 195  C CB   . ASP A 1 12 ? 3.273   -6.437  12.464  1.00 1.27 ? 17 ASP A CB   1 
ATOM 196  C CG   . ASP A 1 12 ? 2.240   -7.414  13.010  1.00 1.63 ? 17 ASP A CG   1 
ATOM 197  O OD1  . ASP A 1 12 ? 1.395   -6.990  13.827  1.00 2.16 ? 17 ASP A OD1  1 
ATOM 198  O OD2  . ASP A 1 12 ? 2.277   -8.600  12.621  1.00 2.21 ? 17 ASP A OD2  1 
ATOM 199  H H    . ASP A 1 12 ? 3.559   -4.637  10.120  1.00 0.68 ? 17 ASP A H    1 
ATOM 200  H HA   . ASP A 1 12 ? 1.526   -5.267  12.116  1.00 1.10 ? 17 ASP A HA   1 
ATOM 201  H HB2  . ASP A 1 12 ? 3.831   -6.914  11.670  1.00 1.83 ? 17 ASP A HB2  1 
ATOM 202  H HB3  . ASP A 1 12 ? 3.949   -6.152  13.257  1.00 1.42 ? 17 ASP A HB3  1 
ATOM 203  N N    . HIS A 1 13 ? 4.446   -3.769  12.556  1.00 1.27 ? 18 HIS A N    1 
ATOM 204  C CA   . HIS A 1 13 ? 5.094   -2.622  13.193  1.00 1.85 ? 18 HIS A CA   1 
ATOM 205  C C    . HIS A 1 13 ? 4.412   -1.323  12.790  1.00 1.32 ? 18 HIS A C    1 
ATOM 206  O O    . HIS A 1 13 ? 3.433   -1.327  12.045  1.00 2.00 ? 18 HIS A O    1 
ATOM 207  C CB   . HIS A 1 13 ? 6.570   -2.575  12.810  1.00 2.83 ? 18 HIS A CB   1 
ATOM 208  C CG   . HIS A 1 13 ? 7.475   -2.587  14.004  1.00 3.48 ? 18 HIS A CG   1 
ATOM 209  N ND1  . HIS A 1 13 ? 8.704   -3.194  14.014  1.00 4.01 ? 18 HIS A ND1  1 
ATOM 210  C CD2  . HIS A 1 13 ? 7.335   -2.061  15.248  1.00 4.16 ? 18 HIS A CD2  1 
ATOM 211  C CE1  . HIS A 1 13 ? 9.288   -3.057  15.183  1.00 4.73 ? 18 HIS A CE1  1 
ATOM 212  N NE2  . HIS A 1 13 ? 8.476   -2.366  15.967  1.00 4.84 ? 18 HIS A NE2  1 
ATOM 213  H H    . HIS A 1 13 ? 4.997   -4.427  12.083  1.00 1.59 ? 18 HIS A H    1 
ATOM 214  H HA   . HIS A 1 13 ? 5.020   -2.735  14.264  1.00 2.42 ? 18 HIS A HA   1 
ATOM 215  H HB2  . HIS A 1 13 ? 6.802   -3.432  12.196  1.00 3.26 ? 18 HIS A HB2  1 
ATOM 216  H HB3  . HIS A 1 13 ? 6.756   -1.675  12.240  1.00 3.13 ? 18 HIS A HB3  1 
ATOM 217  H HD1  . HIS A 1 13 ? 9.096   -3.668  13.251  1.00 4.14 ? 18 HIS A HD1  1 
ATOM 218  H HD2  . HIS A 1 13 ? 6.483   -1.504  15.611  1.00 4.45 ? 18 HIS A HD2  1 
ATOM 219  H HE1  . HIS A 1 13 ? 10.260  -3.440  15.455  1.00 5.38 ? 18 HIS A HE1  1 
ATOM 220  N N    . LYS A 1 14 ? 4.938   -0.208  13.288  1.00 0.82 ? 19 LYS A N    1 
ATOM 221  C CA   . LYS A 1 14 ? 4.385   1.108   12.984  1.00 0.84 ? 19 LYS A CA   1 
ATOM 222  C C    . LYS A 1 14 ? 4.724   1.508   11.554  1.00 0.77 ? 19 LYS A C    1 
ATOM 223  O O    . LYS A 1 14 ? 5.444   2.480   11.323  1.00 1.13 ? 19 LYS A O    1 
ATOM 224  C CB   . LYS A 1 14 ? 4.929   2.143   13.964  1.00 1.47 ? 19 LYS A CB   1 
ATOM 225  C CG   . LYS A 1 14 ? 4.336   1.946   15.357  1.00 1.97 ? 19 LYS A CG   1 
ATOM 226  C CD   . LYS A 1 14 ? 5.057   2.804   16.393  1.00 2.72 ? 19 LYS A CD   1 
ATOM 227  C CE   . LYS A 1 14 ? 5.764   1.939   17.434  1.00 3.37 ? 19 LYS A CE   1 
ATOM 228  N NZ   . LYS A 1 14 ? 7.010   1.337   16.880  1.00 4.03 ? 19 LYS A NZ   1 
ATOM 229  H H    . LYS A 1 14 ? 5.721   -0.272  13.875  1.00 1.33 ? 19 LYS A H    1 
ATOM 230  H HA   . LYS A 1 14 ? 3.310   1.063   13.087  1.00 1.13 ? 19 LYS A HA   1 
ATOM 231  H HB2  . LYS A 1 14 ? 6.003   2.046   14.021  1.00 1.80 ? 19 LYS A HB2  1 
ATOM 232  H HB3  . LYS A 1 14 ? 4.677   3.132   13.610  1.00 1.96 ? 19 LYS A HB3  1 
ATOM 233  H HG2  . LYS A 1 14 ? 3.292   2.220   15.338  1.00 2.32 ? 19 LYS A HG2  1 
ATOM 234  H HG3  . LYS A 1 14 ? 4.427   0.906   15.635  1.00 2.18 ? 19 LYS A HG3  1 
ATOM 235  H HD2  . LYS A 1 14 ? 5.788   3.422   15.895  1.00 2.99 ? 19 LYS A HD2  1 
ATOM 236  H HD3  . LYS A 1 14 ? 4.334   3.435   16.891  1.00 3.13 ? 19 LYS A HD3  1 
ATOM 237  H HE2  . LYS A 1 14 ? 6.019   2.550   18.287  1.00 3.70 ? 19 LYS A HE2  1 
ATOM 238  H HE3  . LYS A 1 14 ? 5.096   1.149   17.748  1.00 3.62 ? 19 LYS A HE3  1 
ATOM 239  H HZ1  . LYS A 1 14 ? 7.487   2.027   16.266  1.00 4.33 ? 19 LYS A HZ1  1 
ATOM 240  H HZ2  . LYS A 1 14 ? 7.646   1.074   17.660  1.00 4.33 ? 19 LYS A HZ2  1 
ATOM 241  H HZ3  . LYS A 1 14 ? 6.769   0.487   16.328  1.00 4.33 ? 19 LYS A HZ3  1 
ATOM 242  N N    . PHE A 1 15 ? 4.201   0.746   10.599  1.00 0.63 ? 20 PHE A N    1 
ATOM 243  C CA   . PHE A 1 15 ? 4.441   1.008   9.184   1.00 0.61 ? 20 PHE A CA   1 
ATOM 244  C C    . PHE A 1 15 ? 3.468   2.058   8.661   1.00 0.62 ? 20 PHE A C    1 
ATOM 245  O O    . PHE A 1 15 ? 3.870   3.027   8.015   1.00 0.95 ? 20 PHE A O    1 
ATOM 246  C CB   . PHE A 1 15 ? 4.273   -0.283  8.390   1.00 0.62 ? 20 PHE A CB   1 
ATOM 247  C CG   . PHE A 1 15 ? 5.586   -0.925  8.020   1.00 0.75 ? 20 PHE A CG   1 
ATOM 248  C CD1  . PHE A 1 15 ? 6.617   -0.976  8.943   1.00 1.08 ? 20 PHE A CD1  1 
ATOM 249  C CD2  . PHE A 1 15 ? 5.759   -1.469  6.759   1.00 0.96 ? 20 PHE A CD2  1 
ATOM 250  C CE1  . PHE A 1 15 ? 7.821   -1.570  8.604   1.00 1.26 ? 20 PHE A CE1  1 
ATOM 251  C CE2  . PHE A 1 15 ? 6.963   -2.063  6.419   1.00 1.17 ? 20 PHE A CE2  1 
ATOM 252  C CZ   . PHE A 1 15 ? 7.994   -2.114  7.341   1.00 1.19 ? 20 PHE A CZ   1 
ATOM 253  H H    . PHE A 1 15 ? 3.639   -0.015  10.855  1.00 0.84 ? 20 PHE A H    1 
ATOM 254  H HA   . PHE A 1 15 ? 5.451   1.367   9.059   1.00 0.73 ? 20 PHE A HA   1 
ATOM 255  H HB2  . PHE A 1 15 ? 3.707   -0.984  8.985   1.00 0.92 ? 20 PHE A HB2  1 
ATOM 256  H HB3  . PHE A 1 15 ? 3.729   -0.067  7.483   1.00 0.67 ? 20 PHE A HB3  1 
ATOM 257  H HD1  . PHE A 1 15 ? 6.482   -0.551  9.927   1.00 1.38 ? 20 PHE A HD1  1 
ATOM 258  H HD2  . PHE A 1 15 ? 4.954   -1.430  6.038   1.00 1.21 ? 20 PHE A HD2  1 
ATOM 259  H HE1  . PHE A 1 15 ? 8.625   -1.610  9.324   1.00 1.62 ? 20 PHE A HE1  1 
ATOM 260  H HE2  . PHE A 1 15 ? 7.098   -2.487  5.435   1.00 1.51 ? 20 PHE A HE2  1 
ATOM 261  H HZ   . PHE A 1 15 ? 8.932   -2.577  7.077   1.00 1.40 ? 20 PHE A HZ   1 
ATOM 262  N N    . HIS A 1 16 ? 2.184   1.851   8.936   1.00 0.53 ? 21 HIS A N    1 
ATOM 263  C CA   . HIS A 1 16 ? 1.132   2.765   8.493   1.00 0.57 ? 21 HIS A CA   1 
ATOM 264  C C    . HIS A 1 16 ? 1.514   4.220   8.749   1.00 0.69 ? 21 HIS A C    1 
ATOM 265  O O    . HIS A 1 16 ? 1.797   4.969   7.814   1.00 1.03 ? 21 HIS A O    1 
ATOM 266  C CB   . HIS A 1 16 ? -0.167  2.437   9.220   1.00 0.54 ? 21 HIS A CB   1 
ATOM 267  C CG   . HIS A 1 16 ? -0.728  1.105   8.831   1.00 0.47 ? 21 HIS A CG   1 
ATOM 268  N ND1  . HIS A 1 16 ? -2.068  0.820   8.847   1.00 0.48 ? 21 HIS A ND1  1 
ATOM 269  C CD2  . HIS A 1 16 ? -0.132  -0.039  8.409   1.00 0.44 ? 21 HIS A CD2  1 
ATOM 270  C CE1  . HIS A 1 16 ? -2.291  -0.414  8.463   1.00 0.45 ? 21 HIS A CE1  1 
ATOM 271  N NE2  . HIS A 1 16 ? -1.126  -0.974  8.185   1.00 0.42 ? 21 HIS A NE2  1 
ATOM 272  H H    . HIS A 1 16 ? 1.935   1.054   9.447   1.00 0.69 ? 21 HIS A H    1 
ATOM 273  H HA   . HIS A 1 16 ? 0.978   2.626   7.433   1.00 0.60 ? 21 HIS A HA   1 
ATOM 274  H HB2  . HIS A 1 16 ? 0.019   2.434   10.283  1.00 1.09 ? 21 HIS A HB2  1 
ATOM 275  H HB3  . HIS A 1 16 ? -0.898  3.199   8.991   1.00 0.93 ? 21 HIS A HB3  1 
ATOM 276  H HD1  . HIS A 1 16 ? -2.767  1.454   9.112   1.00 0.56 ? 21 HIS A HD1  1 
ATOM 277  H HD2  . HIS A 1 16 ? 0.928   -0.191  8.271   1.00 0.49 ? 21 HIS A HD2  1 
ATOM 278  H HE1  . HIS A 1 16 ? -3.257  -0.887  8.383   1.00 0.49 ? 21 HIS A HE1  1 
ATOM 279  N N    . ARG A 1 17 ? 1.509   4.619   10.020  1.00 0.68 ? 22 ARG A N    1 
ATOM 280  C CA   . ARG A 1 17 ? 1.844   5.992   10.404  1.00 0.80 ? 22 ARG A CA   1 
ATOM 281  C C    . ARG A 1 17 ? 3.079   6.485   9.656   1.00 0.81 ? 22 ARG A C    1 
ATOM 282  O O    . ARG A 1 17 ? 3.083   7.585   9.104   1.00 0.92 ? 22 ARG A O    1 
ATOM 283  C CB   . ARG A 1 17 ? 2.088   6.067   11.909  1.00 0.93 ? 22 ARG A CB   1 
ATOM 284  C CG   . ARG A 1 17 ? 2.271   7.512   12.366  1.00 1.64 ? 22 ARG A CG   1 
ATOM 285  C CD   . ARG A 1 17 ? 2.114   7.641   13.879  1.00 2.14 ? 22 ARG A CD   1 
ATOM 286  N NE   . ARG A 1 17 ? 0.726   7.405   14.268  1.00 2.73 ? 22 ARG A NE   1 
ATOM 287  C CZ   . ARG A 1 17 ? 0.378   7.212   15.538  1.00 3.33 ? 22 ARG A CZ   1 
ATOM 288  N NH1  . ARG A 1 17 ? 0.923   6.224   16.233  1.00 3.72 ? 22 ARG A NH1  1 
ATOM 289  N NH2  . ARG A 1 17 ? -0.515  8.005   16.113  1.00 3.95 ? 22 ARG A NH2  1 
ATOM 290  H H    . ARG A 1 17 ? 1.265   3.975   10.717  1.00 0.79 ? 22 ARG A H    1 
ATOM 291  H HA   . ARG A 1 17 ? 1.011   6.633   10.157  1.00 0.86 ? 22 ARG A HA   1 
ATOM 292  H HB2  . ARG A 1 17 ? 1.242   5.637   12.425  1.00 1.42 ? 22 ARG A HB2  1 
ATOM 293  H HB3  . ARG A 1 17 ? 2.978   5.505   12.149  1.00 1.20 ? 22 ARG A HB3  1 
ATOM 294  H HG2  . ARG A 1 17 ? 3.258   7.848   12.085  1.00 2.12 ? 22 ARG A HG2  1 
ATOM 295  H HG3  . ARG A 1 17 ? 1.532   8.131   11.880  1.00 2.26 ? 22 ARG A HG3  1 
ATOM 296  H HD2  . ARG A 1 17 ? 2.745   6.914   14.368  1.00 2.59 ? 22 ARG A HD2  1 
ATOM 297  H HD3  . ARG A 1 17 ? 2.406   8.636   14.183  1.00 2.51 ? 22 ARG A HD3  1 
ATOM 298  H HE   . ARG A 1 17 ? 0.032   7.390   13.576  1.00 3.10 ? 22 ARG A HE   1 
ATOM 299  H HH11 . ARG A 1 17 ? 1.597   5.622   15.805  1.00 3.64 ? 22 ARG A HH11 1 
ATOM 300  H HH12 . ARG A 1 17 ? 0.660   6.080   17.188  1.00 4.32 ? 22 ARG A HH12 1 
ATOM 301  H HH21 . ARG A 1 17 ? -0.930  8.752   15.592  1.00 4.00 ? 22 ARG A HH21 1 
ATOM 302  H HH22 . ARG A 1 17 ? -0.775  7.856   17.067  1.00 4.57 ? 22 ARG A HH22 1 
ATOM 303  N N    . HIS A 1 18 ? 4.124   5.667   9.643   1.00 0.90 ? 23 HIS A N    1 
ATOM 304  C CA   . HIS A 1 18 ? 5.367   6.021   8.966   1.00 0.98 ? 23 HIS A CA   1 
ATOM 305  C C    . HIS A 1 18 ? 5.117   6.276   7.484   1.00 0.96 ? 23 HIS A C    1 
ATOM 306  O O    . HIS A 1 18 ? 5.581   7.273   6.930   1.00 1.12 ? 23 HIS A O    1 
ATOM 307  C CB   . HIS A 1 18 ? 6.388   4.899   9.131   1.00 1.02 ? 23 HIS A CB   1 
ATOM 308  C CG   . HIS A 1 18 ? 7.400   5.189   10.196  1.00 1.30 ? 23 HIS A CG   1 
ATOM 309  N ND1  . HIS A 1 18 ? 7.874   6.448   10.461  1.00 1.83 ? 23 HIS A ND1  1 
ATOM 310  C CD2  . HIS A 1 18 ? 8.041   4.381   11.081  1.00 1.56 ? 23 HIS A CD2  1 
ATOM 311  C CE1  . HIS A 1 18 ? 8.748   6.426   11.440  1.00 2.07 ? 23 HIS A CE1  1 
ATOM 312  N NE2  . HIS A 1 18 ? 8.877   5.174   11.847  1.00 1.86 ? 23 HIS A NE2  1 
ATOM 313  H H    . HIS A 1 18 ? 4.059   4.804   10.104  1.00 1.03 ? 23 HIS A H    1 
ATOM 314  H HA   . HIS A 1 18 ? 5.763   6.919   9.414   1.00 1.08 ? 23 HIS A HA   1 
ATOM 315  H HB2  . HIS A 1 18 ? 5.868   3.987   9.387   1.00 1.27 ? 23 HIS A HB2  1 
ATOM 316  H HB3  . HIS A 1 18 ? 6.907   4.759   8.194   1.00 1.30 ? 23 HIS A HB3  1 
ATOM 317  H HD1  . HIS A 1 18 ? 7.596   7.256   9.982   1.00 2.21 ? 23 HIS A HD1  1 
ATOM 318  H HD2  . HIS A 1 18 ? 7.919   3.311   11.171  1.00 1.86 ? 23 HIS A HD2  1 
ATOM 319  H HE1  . HIS A 1 18 ? 9.268   7.281   11.845  1.00 2.57 ? 23 HIS A HE1  1 
ATOM 320  N N    . LEU A 1 19 ? 4.389   5.366   6.845   1.00 0.86 ? 24 LEU A N    1 
ATOM 321  C CA   . LEU A 1 19 ? 4.085   5.486   5.422   1.00 0.87 ? 24 LEU A CA   1 
ATOM 322  C C    . LEU A 1 19 ? 3.198   6.697   5.154   1.00 0.97 ? 24 LEU A C    1 
ATOM 323  O O    . LEU A 1 19 ? 3.584   7.607   4.420   1.00 1.16 ? 24 LEU A O    1 
ATOM 324  C CB   . LEU A 1 19 ? 3.395   4.215   4.931   1.00 0.73 ? 24 LEU A CB   1 
ATOM 325  C CG   . LEU A 1 19 ? 4.401   3.087   4.726   1.00 0.76 ? 24 LEU A CG   1 
ATOM 326  C CD1  . LEU A 1 19 ? 3.817   1.757   5.195   1.00 0.72 ? 24 LEU A CD1  1 
ATOM 327  C CD2  . LEU A 1 19 ? 4.821   3.003   3.262   1.00 1.25 ? 24 LEU A CD2  1 
ATOM 328  H H    . LEU A 1 19 ? 4.054   4.591   7.342   1.00 0.84 ? 24 LEU A H    1 
ATOM 329  H HA   . LEU A 1 19 ? 5.011   5.607   4.880   1.00 1.00 ? 24 LEU A HA   1 
ATOM 330  H HB2  . LEU A 1 19 ? 2.662   3.906   5.660   1.00 0.72 ? 24 LEU A HB2  1 
ATOM 331  H HB3  . LEU A 1 19 ? 2.901   4.423   3.993   1.00 0.77 ? 24 LEU A HB3  1 
ATOM 332  H HG   . LEU A 1 19 ? 5.279   3.301   5.320   1.00 1.18 ? 24 LEU A HG   1 
ATOM 333  H HD11 . LEU A 1 19 ? 2.746   1.769   5.056   1.00 1.26 ? 24 LEU A HD11 1 
ATOM 334  H HD12 . LEU A 1 19 ? 4.249   0.953   4.616   1.00 1.26 ? 24 LEU A HD12 1 
ATOM 335  H HD13 . LEU A 1 19 ? 4.046   1.614   6.241   1.00 1.31 ? 24 LEU A HD13 1 
ATOM 336  H HD21 . LEU A 1 19 ? 5.142   3.978   2.927   1.00 1.70 ? 24 LEU A HD21 1 
ATOM 337  H HD22 . LEU A 1 19 ? 5.635   2.299   3.163   1.00 1.75 ? 24 LEU A HD22 1 
ATOM 338  H HD23 . LEU A 1 19 ? 3.983   2.672   2.668   1.00 1.80 ? 24 LEU A HD23 1 
ATOM 339  N N    . ILE A 1 20 ? 2.007   6.701   5.742   1.00 0.92 ? 25 ILE A N    1 
ATOM 340  C CA   . ILE A 1 20 ? 1.067   7.803   5.553   1.00 1.10 ? 25 ILE A CA   1 
ATOM 341  C C    . ILE A 1 20 ? 1.732   9.136   5.876   1.00 1.41 ? 25 ILE A C    1 
ATOM 342  O O    . ILE A 1 20 ? 1.329   10.181  5.366   1.00 1.91 ? 25 ILE A O    1 
ATOM 343  C CB   . ILE A 1 20 ? -0.169  7.598   6.428   1.00 0.94 ? 25 ILE A CB   1 
ATOM 344  C CG1  . ILE A 1 20 ? 0.190   7.671   7.910   1.00 0.90 ? 25 ILE A CG1  1 
ATOM 345  C CG2  . ILE A 1 20 ? -0.835  6.264   6.115   1.00 1.06 ? 25 ILE A CG2  1 
ATOM 346  C CD1  . ILE A 1 20 ? -0.967  8.249   8.718   1.00 0.91 ? 25 ILE A CD1  1 
ATOM 347  H H    . ILE A 1 20 ? 1.752   5.945   6.312   1.00 0.84 ? 25 ILE A H    1 
ATOM 348  H HA   . ILE A 1 20 ? 0.759   7.814   4.518   1.00 1.33 ? 25 ILE A HA   1 
ATOM 349  H HB   . ILE A 1 20 ? -0.874  8.387   6.206   1.00 1.07 ? 25 ILE A HB   1 
ATOM 350  H HG12 . ILE A 1 20 ? 0.409   6.676   8.270   1.00 1.16 ? 25 ILE A HG12 1 
ATOM 351  H HG13 . ILE A 1 20 ? 1.059   8.297   8.039   1.00 1.15 ? 25 ILE A HG13 1 
ATOM 352  H HG21 . ILE A 1 20 ? -1.110  6.237   5.071   1.00 1.40 ? 25 ILE A HG21 1 
ATOM 353  H HG22 . ILE A 1 20 ? -0.146  5.460   6.328   1.00 1.57 ? 25 ILE A HG22 1 
ATOM 354  H HG23 . ILE A 1 20 ? -1.719  6.154   6.725   1.00 1.53 ? 25 ILE A HG23 1 
ATOM 355  H HD11 . ILE A 1 20 ? -1.574  8.873   8.076   1.00 1.44 ? 25 ILE A HD11 1 
ATOM 356  H HD12 . ILE A 1 20 ? -1.567  7.442   9.112   1.00 1.40 ? 25 ILE A HD12 1 
ATOM 357  H HD13 . ILE A 1 20 ? -0.575  8.840   9.533   1.00 1.43 ? 25 ILE A HD13 1 
ATOM 358  N N    . GLY A 1 21 ? 2.757   9.097   6.721   1.00 1.49 ? 26 GLY A N    1 
ATOM 359  C CA   . GLY A 1 21 ? 3.478   10.306  7.105   1.00 1.87 ? 26 GLY A CA   1 
ATOM 360  C C    . GLY A 1 21 ? 2.620   11.187  8.003   1.00 1.82 ? 26 GLY A C    1 
ATOM 361  O O    . GLY A 1 21 ? 1.953   10.698  8.915   1.00 2.29 ? 26 GLY A O    1 
ATOM 362  H H    . GLY A 1 21 ? 3.036   8.234   7.093   1.00 1.56 ? 26 GLY A H    1 
ATOM 363  H HA2  . GLY A 1 21 ? 4.377   10.027  7.635   1.00 2.15 ? 26 GLY A HA2  1 
ATOM 364  H HA3  . GLY A 1 21 ? 3.741   10.858  6.216   1.00 2.12 ? 26 GLY A HA3  1 
ATOM 365  N N    . LYS A 1 22 ? 2.639   12.490  7.739   1.00 1.86 ? 27 LYS A N    1 
ATOM 366  C CA   . LYS A 1 22 ? 1.861   13.445  8.525   1.00 1.91 ? 27 LYS A CA   1 
ATOM 367  C C    . LYS A 1 22 ? 0.411   12.992  8.627   1.00 1.62 ? 27 LYS A C    1 
ATOM 368  O O    . LYS A 1 22 ? -0.045  12.576  9.694   1.00 2.38 ? 27 LYS A O    1 
ATOM 369  C CB   . LYS A 1 22 ? 1.933   14.828  7.882   1.00 2.21 ? 27 LYS A CB   1 
ATOM 370  C CG   . LYS A 1 22 ? 1.237   15.878  8.746   1.00 2.65 ? 27 LYS A CG   1 
ATOM 371  C CD   . LYS A 1 22 ? 1.767   15.858  10.177  1.00 3.30 ? 27 LYS A CD   1 
ATOM 372  C CE   . LYS A 1 22 ? 3.289   15.956  10.208  1.00 3.80 ? 27 LYS A CE   1 
ATOM 373  N NZ   . LYS A 1 22 ? 3.755   17.298  9.758   1.00 4.51 ? 27 LYS A NZ   1 
ATOM 374  H H    . LYS A 1 22 ? 3.191   12.819  6.999   1.00 2.23 ? 27 LYS A H    1 
ATOM 375  H HA   . LYS A 1 22 ? 2.282   13.501  9.518   1.00 2.35 ? 27 LYS A HA   1 
ATOM 376  H HB2  . LYS A 1 22 ? 2.969   15.107  7.758   1.00 2.59 ? 27 LYS A HB2  1 
ATOM 377  H HB3  . LYS A 1 22 ? 1.455   14.794  6.914   1.00 2.44 ? 27 LYS A HB3  1 
ATOM 378  H HG2  . LYS A 1 22 ? 1.409   16.855  8.320   1.00 2.95 ? 27 LYS A HG2  1 
ATOM 379  H HG3  . LYS A 1 22 ? 0.176   15.677  8.759   1.00 2.95 ? 27 LYS A HG3  1 
ATOM 380  H HD2  . LYS A 1 22 ? 1.349   16.695  10.719  1.00 3.71 ? 27 LYS A HD2  1 
ATOM 381  H HD3  . LYS A 1 22 ? 1.460   14.938  10.654  1.00 3.63 ? 27 LYS A HD3  1 
ATOM 382  H HE2  . LYS A 1 22 ? 3.634   15.784  11.216  1.00 4.04 ? 27 LYS A HE2  1 
ATOM 383  H HE3  . LYS A 1 22 ? 3.703   15.199  9.557   1.00 3.97 ? 27 LYS A HE3  1 
ATOM 384  H HZ1  . LYS A 1 22 ? 3.368   17.501  8.814   1.00 4.84 ? 27 LYS A HZ1  1 
ATOM 385  H HZ2  . LYS A 1 22 ? 3.429   18.022  10.427  1.00 4.79 ? 27 LYS A HZ2  1 
ATOM 386  H HZ3  . LYS A 1 22 ? 4.795   17.308  9.715   1.00 4.80 ? 27 LYS A HZ3  1 
ATOM 387  N N    . SER A 1 23 ? -0.311  13.072  7.514   1.00 1.28 ? 28 SER A N    1 
ATOM 388  C CA   . SER A 1 23 ? -1.712  12.666  7.479   1.00 1.60 ? 28 SER A CA   1 
ATOM 389  C C    . SER A 1 23 ? -2.009  11.904  6.193   1.00 1.60 ? 28 SER A C    1 
ATOM 390  O O    . SER A 1 23 ? -3.088  12.038  5.615   1.00 2.28 ? 28 SER A O    1 
ATOM 391  C CB   . SER A 1 23 ? -2.615  13.891  7.577   1.00 1.99 ? 28 SER A CB   1 
ATOM 392  O OG   . SER A 1 23 ? -1.949  15.036  7.065   1.00 2.57 ? 28 SER A OG   1 
ATOM 393  H H    . SER A 1 23 ? 0.110   13.411  6.698   1.00 1.57 ? 28 SER A H    1 
ATOM 394  H HA   . SER A 1 23 ? -1.909  12.019  8.321   1.00 2.00 ? 28 SER A HA   1 
ATOM 395  H HB2  . SER A 1 23 ? -3.510  13.720  7.005   1.00 2.24 ? 28 SER A HB2  1 
ATOM 396  H HB3  . SER A 1 23 ? -2.879  14.051  8.614   1.00 2.43 ? 28 SER A HB3  1 
ATOM 397  H HG   . SER A 1 23 ? -1.462  14.797  6.273   1.00 2.99 ? 28 SER A HG   1 
ATOM 398  N N    . GLY A 1 24 ? -1.047  11.103  5.749   1.00 1.21 ? 29 GLY A N    1 
ATOM 399  C CA   . GLY A 1 24 ? -1.204  10.317  4.530   1.00 1.23 ? 29 GLY A CA   1 
ATOM 400  C C    . GLY A 1 24 ? -0.767  11.117  3.311   1.00 1.36 ? 29 GLY A C    1 
ATOM 401  O O    . GLY A 1 24 ? -1.424  12.082  2.920   1.00 2.05 ? 29 GLY A O    1 
ATOM 402  H H    . GLY A 1 24 ? -0.210  11.038  6.255   1.00 1.33 ? 29 GLY A H    1 
ATOM 403  H HA2  . GLY A 1 24 ? -0.598  9.425   4.604   1.00 1.21 ? 29 GLY A HA2  1 
ATOM 404  H HA3  . GLY A 1 24 ? -2.241  10.039  4.420   1.00 1.34 ? 29 GLY A HA3  1 
ATOM 405  N N    . ALA A 1 25 ? 0.348   10.708  2.715   1.00 1.00 ? 30 ALA A N    1 
ATOM 406  C CA   . ALA A 1 25 ? 0.886   11.381  1.537   1.00 1.10 ? 30 ALA A CA   1 
ATOM 407  C C    . ALA A 1 25 ? 1.520   10.366  0.596   1.00 1.06 ? 30 ALA A C    1 
ATOM 408  O O    . ALA A 1 25 ? 1.260   10.371  -0.607  1.00 1.43 ? 30 ALA A O    1 
ATOM 409  C CB   . ALA A 1 25 ? 1.925   12.416  1.959   1.00 1.27 ? 30 ALA A CB   1 
ATOM 410  H H    . ALA A 1 25 ? 0.823   9.932   3.078   1.00 1.06 ? 30 ALA A H    1 
ATOM 411  H HA   . ALA A 1 25 ? 0.081   11.883  1.022   1.00 1.21 ? 30 ALA A HA   1 
ATOM 412  H HB1  . ALA A 1 25 ? 2.330   12.142  2.922   1.00 1.68 ? 30 ALA A HB1  1 
ATOM 413  H HB2  . ALA A 1 25 ? 2.719   12.445  1.228   1.00 1.53 ? 30 ALA A HB2  1 
ATOM 414  H HB3  . ALA A 1 25 ? 1.457   13.388  2.025   1.00 1.74 ? 30 ALA A HB3  1 
ATOM 415  N N    . ASN A 1 26 ? 2.355   9.495   1.153   1.00 0.73 ? 31 ASN A N    1 
ATOM 416  C CA   . ASN A 1 26 ? 3.031   8.469   0.367   1.00 0.69 ? 31 ASN A CA   1 
ATOM 417  C C    . ASN A 1 26 ? 2.022   7.675   -0.450  1.00 0.60 ? 31 ASN A C    1 
ATOM 418  O O    . ASN A 1 26 ? 2.288   7.309   -1.595  1.00 0.58 ? 31 ASN A O    1 
ATOM 419  C CB   . ASN A 1 26 ? 3.806   7.536   1.292   1.00 0.71 ? 31 ASN A CB   1 
ATOM 420  C CG   . ASN A 1 26 ? 5.175   8.124   1.602   1.00 1.24 ? 31 ASN A CG   1 
ATOM 421  O OD1  . ASN A 1 26 ? 5.511   9.216   1.144   1.00 1.91 ? 31 ASN A OD1  1 
ATOM 422  N ND2  . ASN A 1 26 ? 5.969   7.401   2.383   1.00 1.42 ? 31 ASN A ND2  1 
ATOM 423  H H    . ASN A 1 26 ? 2.520   9.545   2.118   1.00 0.69 ? 31 ASN A H    1 
ATOM 424  H HA   . ASN A 1 26 ? 3.726   8.948   -0.305  1.00 0.77 ? 31 ASN A HA   1 
ATOM 425  H HB2  . ASN A 1 26 ? 3.256   7.407   2.213   1.00 1.15 ? 31 ASN A HB2  1 
ATOM 426  H HB3  . ASN A 1 26 ? 3.930   6.578   0.808   1.00 1.16 ? 31 ASN A HB3  1 
ATOM 427  H HD21 . ASN A 1 26 ? 5.634   6.540   2.712   1.00 1.26 ? 31 ASN A HD21 1 
ATOM 428  H HD22 . ASN A 1 26 ? 6.856   7.755   2.597   1.00 1.97 ? 31 ASN A HD22 1 
ATOM 429  N N    . ILE A 1 27 ? 0.859   7.413   0.141   1.00 0.58 ? 32 ILE A N    1 
ATOM 430  C CA   . ILE A 1 27 ? -0.194  6.662   -0.537  1.00 0.56 ? 32 ILE A CA   1 
ATOM 431  C C    . ILE A 1 27 ? -0.469  7.258   -1.913  1.00 0.52 ? 32 ILE A C    1 
ATOM 432  O O    . ILE A 1 27 ? -0.857  6.549   -2.840  1.00 0.51 ? 32 ILE A O    1 
ATOM 433  C CB   . ILE A 1 27 ? -1.469  6.678   0.300   1.00 0.63 ? 32 ILE A CB   1 
ATOM 434  C CG1  . ILE A 1 27 ? -1.949  8.111   0.510   1.00 0.70 ? 32 ILE A CG1  1 
ATOM 435  C CG2  . ILE A 1 27 ? -1.242  5.988   1.642   1.00 0.69 ? 32 ILE A CG2  1 
ATOM 436  C CD1  . ILE A 1 27 ? -3.257  8.145   1.292   1.00 1.07 ? 32 ILE A CD1  1 
ATOM 437  H H    . ILE A 1 27 ? 0.707   7.733   1.054   1.00 0.63 ? 32 ILE A H    1 
ATOM 438  H HA   . ILE A 1 27 ? 0.131   5.640   -0.657  1.00 0.57 ? 32 ILE A HA   1 
ATOM 439  H HB   . ILE A 1 27 ? -2.232  6.133   -0.237  1.00 0.70 ? 32 ILE A HB   1 
ATOM 440  H HG12 . ILE A 1 27 ? -1.196  8.660   1.057   1.00 1.02 ? 32 ILE A HG12 1 
ATOM 441  H HG13 . ILE A 1 27 ? -2.101  8.578   -0.452  1.00 0.95 ? 32 ILE A HG13 1 
ATOM 442  H HG21 . ILE A 1 27 ? -0.760  5.035   1.477   1.00 1.31 ? 32 ILE A HG21 1 
ATOM 443  H HG22 . ILE A 1 27 ? -0.612  6.608   2.262   1.00 1.23 ? 32 ILE A HG22 1 
ATOM 444  H HG23 . ILE A 1 27 ? -2.192  5.832   2.131   1.00 1.18 ? 32 ILE A HG23 1 
ATOM 445  H HD11 . ILE A 1 27 ? -3.792  7.221   1.133   1.00 1.60 ? 32 ILE A HD11 1 
ATOM 446  H HD12 . ILE A 1 27 ? -3.042  8.263   2.344   1.00 1.69 ? 32 ILE A HD12 1 
ATOM 447  H HD13 . ILE A 1 27 ? -3.858  8.975   0.949   1.00 1.41 ? 32 ILE A HD13 1 
ATOM 448  N N    . ASN A 1 28 ? -0.262  8.565   -2.037  1.00 0.56 ? 33 ASN A N    1 
ATOM 449  C CA   . ASN A 1 28 ? -0.485  9.261   -3.300  1.00 0.59 ? 33 ASN A CA   1 
ATOM 450  C C    . ASN A 1 28 ? 0.751   9.165   -4.183  1.00 0.54 ? 33 ASN A C    1 
ATOM 451  O O    . ASN A 1 28 ? 0.647   9.093   -5.408  1.00 0.55 ? 33 ASN A O    1 
ATOM 452  C CB   . ASN A 1 28 ? -0.821  10.726  -3.035  1.00 0.71 ? 33 ASN A CB   1 
ATOM 453  C CG   . ASN A 1 28 ? -1.884  11.210  -4.014  1.00 0.97 ? 33 ASN A CG   1 
ATOM 454  O OD1  . ASN A 1 28 ? -1.622  12.073  -4.852  1.00 1.51 ? 33 ASN A OD1  1 
ATOM 455  N ND2  . ASN A 1 28 ? -3.085  10.654  -3.907  1.00 1.62 ? 33 ASN A ND2  1 
ATOM 456  H H    . ASN A 1 28 ? 0.050   9.073   -1.258  1.00 0.61 ? 33 ASN A H    1 
ATOM 457  H HA   . ASN A 1 28 ? -1.317  8.799   -3.810  1.00 0.60 ? 33 ASN A HA   1 
ATOM 458  H HB2  . ASN A 1 28 ? -1.194  10.829  -2.026  1.00 1.17 ? 33 ASN A HB2  1 
ATOM 459  H HB3  . ASN A 1 28 ? 0.070   11.324  -3.154  1.00 1.12 ? 33 ASN A HB3  1 
ATOM 460  H HD21 . ASN A 1 28 ? -3.221  9.974   -3.215  1.00 2.17 ? 33 ASN A HD21 1 
ATOM 461  H HD22 . ASN A 1 28 ? -3.787  10.948  -4.525  1.00 1.84 ? 33 ASN A HD22 1 
ATOM 462  N N    . ARG A 1 29 ? 1.924   9.161   -3.556  1.00 0.55 ? 34 ARG A N    1 
ATOM 463  C CA   . ARG A 1 29 ? 3.184   9.073   -4.285  1.00 0.56 ? 34 ARG A CA   1 
ATOM 464  C C    . ARG A 1 29 ? 3.201   7.826   -5.160  1.00 0.48 ? 34 ARG A C    1 
ATOM 465  O O    . ARG A 1 29 ? 3.558   7.888   -6.336  1.00 0.48 ? 34 ARG A O    1 
ATOM 466  C CB   . ARG A 1 29 ? 4.352   9.035   -3.304  1.00 0.65 ? 34 ARG A CB   1 
ATOM 467  C CG   . ARG A 1 29 ? 5.614   9.624   -3.927  1.00 0.89 ? 34 ARG A CG   1 
ATOM 468  C CD   . ARG A 1 29 ? 5.633   11.143  -3.800  1.00 1.22 ? 34 ARG A CD   1 
ATOM 469  N NE   . ARG A 1 29 ? 6.417   11.543  -2.635  1.00 1.69 ? 34 ARG A NE   1 
ATOM 470  C CZ   . ARG A 1 29 ? 7.320   12.515  -2.703  1.00 2.27 ? 34 ARG A CZ   1 
ATOM 471  N NH1  . ARG A 1 29 ? 6.936   13.784  -2.667  1.00 2.90 ? 34 ARG A NH1  1 
ATOM 472  N NH2  . ARG A 1 29 ? 8.609   12.220  -2.805  1.00 2.78 ? 34 ARG A NH2  1 
ATOM 473  H H    . ARG A 1 29 ? 1.940   9.220   -2.578  1.00 0.58 ? 34 ARG A H    1 
ATOM 474  H HA   . ARG A 1 29 ? 3.284   9.945   -4.915  1.00 0.61 ? 34 ARG A HA   1 
ATOM 475  H HB2  . ARG A 1 29 ? 4.092   9.606   -2.426  1.00 0.78 ? 34 ARG A HB2  1 
ATOM 476  H HB3  . ARG A 1 29 ? 4.542   8.011   -3.022  1.00 0.88 ? 34 ARG A HB3  1 
ATOM 477  H HG2  . ARG A 1 29 ? 6.478   9.217   -3.423  1.00 1.43 ? 34 ARG A HG2  1 
ATOM 478  H HG3  . ARG A 1 29 ? 5.651   9.355   -4.972  1.00 1.27 ? 34 ARG A HG3  1 
ATOM 479  H HD2  . ARG A 1 29 ? 6.074   11.571  -4.688  1.00 1.70 ? 34 ARG A HD2  1 
ATOM 480  H HD3  . ARG A 1 29 ? 4.620   11.505  -3.691  1.00 1.78 ? 34 ARG A HD3  1 
ATOM 481  H HE   . ARG A 1 29 ? 6.275   11.084  -1.783  1.00 2.18 ? 34 ARG A HE   1 
ATOM 482  H HH11 . ARG A 1 29 ? 5.965   14.010  -2.587  1.00 2.97 ? 34 ARG A HH11 1 
ATOM 483  H HH12 . ARG A 1 29 ? 7.616   14.515  -2.720  1.00 3.56 ? 34 ARG A HH12 1 
ATOM 484  H HH21 . ARG A 1 29 ? 8.902   11.265  -2.833  1.00 2.81 ? 34 ARG A HH21 1 
ATOM 485  H HH22 . ARG A 1 29 ? 9.287   12.954  -2.857  1.00 3.40 ? 34 ARG A HH22 1 
ATOM 486  N N    . ILE A 1 30 ? 2.813   6.695   -4.580  1.00 0.45 ? 35 ILE A N    1 
ATOM 487  C CA   . ILE A 1 30 ? 2.785   5.432   -5.309  1.00 0.40 ? 35 ILE A CA   1 
ATOM 488  C C    . ILE A 1 30 ? 1.553   5.370   -6.206  1.00 0.34 ? 35 ILE A C    1 
ATOM 489  O O    . ILE A 1 30 ? 1.651   5.035   -7.386  1.00 0.34 ? 35 ILE A O    1 
ATOM 490  C CB   . ILE A 1 30 ? 2.781   4.262   -4.329  1.00 0.41 ? 35 ILE A CB   1 
ATOM 491  C CG1  . ILE A 1 30 ? 4.023   4.307   -3.441  1.00 0.54 ? 35 ILE A CG1  1 
ATOM 492  C CG2  . ILE A 1 30 ? 2.714   2.936   -5.077  1.00 0.40 ? 35 ILE A CG2  1 
ATOM 493  C CD1  . ILE A 1 30 ? 3.796   5.187   -2.215  1.00 1.29 ? 35 ILE A CD1  1 
ATOM 494  H H    . ILE A 1 30 ? 2.540   6.712   -3.639  1.00 0.49 ? 35 ILE A H    1 
ATOM 495  H HA   . ILE A 1 30 ? 3.668   5.368   -5.926  1.00 0.43 ? 35 ILE A HA   1 
ATOM 496  H HB   . ILE A 1 30 ? 1.904   4.345   -3.703  1.00 0.42 ? 35 ILE A HB   1 
ATOM 497  H HG12 . ILE A 1 30 ? 4.260   3.305   -3.117  1.00 1.15 ? 35 ILE A HG12 1 
ATOM 498  H HG13 . ILE A 1 30 ? 4.850   4.703   -4.012  1.00 1.22 ? 35 ILE A HG13 1 
ATOM 499  H HG21 . ILE A 1 30 ? 1.986   3.007   -5.870  1.00 1.06 ? 35 ILE A HG21 1 
ATOM 500  H HG22 . ILE A 1 30 ? 3.684   2.712   -5.494  1.00 1.20 ? 35 ILE A HG22 1 
ATOM 501  H HG23 . ILE A 1 30 ? 2.427   2.153   -4.390  1.00 1.03 ? 35 ILE A HG23 1 
ATOM 502  H HD11 . ILE A 1 30 ? 2.754   5.149   -1.935  1.00 1.84 ? 35 ILE A HD11 1 
ATOM 503  H HD12 . ILE A 1 30 ? 4.405   4.826   -1.399  1.00 1.91 ? 35 ILE A HD12 1 
ATOM 504  H HD13 . ILE A 1 30 ? 4.071   6.205   -2.449  1.00 1.85 ? 35 ILE A HD13 1 
ATOM 505  N N    . LYS A 1 31 ? 0.394   5.695   -5.643  1.00 0.35 ? 36 LYS A N    1 
ATOM 506  C CA   . LYS A 1 31 ? -0.861  5.679   -6.392  1.00 0.36 ? 36 LYS A CA   1 
ATOM 507  C C    . LYS A 1 31 ? -0.698  6.402   -7.725  1.00 0.39 ? 36 LYS A C    1 
ATOM 508  O O    . LYS A 1 31 ? -1.359  6.069   -8.708  1.00 0.51 ? 36 LYS A O    1 
ATOM 509  C CB   . LYS A 1 31 ? -1.966  6.345   -5.572  1.00 0.44 ? 36 LYS A CB   1 
ATOM 510  C CG   . LYS A 1 31 ? -3.275  6.413   -6.356  1.00 1.09 ? 36 LYS A CG   1 
ATOM 511  C CD   . LYS A 1 31 ? -3.841  7.831   -6.370  1.00 1.41 ? 36 LYS A CD   1 
ATOM 512  C CE   . LYS A 1 31 ? -5.057  7.952   -5.456  1.00 2.17 ? 36 LYS A CE   1 
ATOM 513  N NZ   . LYS A 1 31 ? -6.229  8.511   -6.188  1.00 2.76 ? 36 LYS A NZ   1 
ATOM 514  H H    . LYS A 1 31 ? 0.382   5.951   -4.698  1.00 0.39 ? 36 LYS A H    1 
ATOM 515  H HA   . LYS A 1 31 ? -1.139  4.654   -6.581  1.00 0.35 ? 36 LYS A HA   1 
ATOM 516  H HB2  . LYS A 1 31 ? -2.126  5.776   -4.669  1.00 0.83 ? 36 LYS A HB2  1 
ATOM 517  H HB3  . LYS A 1 31 ? -1.657  7.346   -5.312  1.00 0.96 ? 36 LYS A HB3  1 
ATOM 518  H HG2  . LYS A 1 31 ? -3.093  6.097   -7.373  1.00 1.77 ? 36 LYS A HG2  1 
ATOM 519  H HG3  . LYS A 1 31 ? -3.995  5.749   -5.900  1.00 1.51 ? 36 LYS A HG3  1 
ATOM 520  H HD2  . LYS A 1 31 ? -3.079  8.519   -6.034  1.00 1.50 ? 36 LYS A HD2  1 
ATOM 521  H HD3  . LYS A 1 31 ? -4.131  8.084   -7.379  1.00 1.95 ? 36 LYS A HD3  1 
ATOM 522  H HE2  . LYS A 1 31 ? -5.314  6.974   -5.078  1.00 2.72 ? 36 LYS A HE2  1 
ATOM 523  H HE3  . LYS A 1 31 ? -4.812  8.601   -4.628  1.00 2.52 ? 36 LYS A HE3  1 
ATOM 524  H HZ1  . LYS A 1 31 ? -6.300  8.066   -7.124  1.00 3.20 ? 36 LYS A HZ1  1 
ATOM 525  H HZ2  . LYS A 1 31 ? -7.098  8.322   -5.647  1.00 3.05 ? 36 LYS A HZ2  1 
ATOM 526  H HZ3  . LYS A 1 31 ? -6.110  9.538   -6.303  1.00 3.10 ? 36 LYS A HZ3  1 
ATOM 527  N N    . ASP A 1 32 ? 0.190   7.390   -7.750  1.00 0.40 ? 37 ASP A N    1 
ATOM 528  C CA   . ASP A 1 32 ? 0.447   8.160   -8.960  1.00 0.45 ? 37 ASP A CA   1 
ATOM 529  C C    . ASP A 1 32 ? 1.702   7.650   -9.657  1.00 0.44 ? 37 ASP A C    1 
ATOM 530  O O    . ASP A 1 32 ? 1.711   7.446   -10.870 1.00 0.60 ? 37 ASP A O    1 
ATOM 531  C CB   . ASP A 1 32 ? 0.611   9.632   -8.608  1.00 0.51 ? 37 ASP A CB   1 
ATOM 532  C CG   . ASP A 1 32 ? -0.216  10.496  -9.550  1.00 0.82 ? 37 ASP A CG   1 
ATOM 533  O OD1  . ASP A 1 32 ? 0.296   10.859  -10.629 1.00 1.37 ? 37 ASP A OD1  1 
ATOM 534  O OD2  . ASP A 1 32 ? -1.377  10.809  -9.207  1.00 1.56 ? 37 ASP A OD2  1 
ATOM 535  H H    . ASP A 1 32 ? 0.686   7.607   -6.934  1.00 0.46 ? 37 ASP A H    1 
ATOM 536  H HA   . ASP A 1 32 ? -0.392  8.056   -9.627  1.00 0.49 ? 37 ASP A HA   1 
ATOM 537  H HB2  . ASP A 1 32 ? 0.283   9.794   -7.592  1.00 0.89 ? 37 ASP A HB2  1 
ATOM 538  H HB3  . ASP A 1 32 ? 1.648   9.898   -8.699  1.00 1.01 ? 37 ASP A HB3  1 
ATOM 539  N N    . GLN A 1 33 ? 2.762   7.445   -8.880  1.00 0.41 ? 38 GLN A N    1 
ATOM 540  C CA   . GLN A 1 33 ? 4.027   6.957   -9.421  1.00 0.46 ? 38 GLN A CA   1 
ATOM 541  C C    . GLN A 1 33 ? 3.830   5.602   -10.092 1.00 0.42 ? 38 GLN A C    1 
ATOM 542  O O    . GLN A 1 33 ? 4.330   5.365   -11.190 1.00 0.68 ? 38 GLN A O    1 
ATOM 543  C CB   . GLN A 1 33 ? 5.059   6.842   -8.304  1.00 0.54 ? 38 GLN A CB   1 
ATOM 544  C CG   . GLN A 1 33 ? 6.384   6.294   -8.827  1.00 0.65 ? 38 GLN A CG   1 
ATOM 545  C CD   . GLN A 1 33 ? 7.130   7.372   -9.602  1.00 1.05 ? 38 GLN A CD   1 
ATOM 546  O OE1  . GLN A 1 33 ? 7.026   8.558   -9.289  1.00 1.65 ? 38 GLN A OE1  1 
ATOM 547  N NE2  . GLN A 1 33 ? 7.882   6.962   -10.616 1.00 1.66 ? 38 GLN A NE2  1 
ATOM 548  H H    . GLN A 1 33 ? 2.691   7.626   -7.920  1.00 0.49 ? 38 GLN A H    1 
ATOM 549  H HA   . GLN A 1 33 ? 4.386   7.662   -10.156 1.00 0.50 ? 38 GLN A HA   1 
ATOM 550  H HB2  . GLN A 1 33 ? 5.227   7.819   -7.876  1.00 1.10 ? 38 GLN A HB2  1 
ATOM 551  H HB3  . GLN A 1 33 ? 4.680   6.178   -7.540  1.00 0.97 ? 38 GLN A HB3  1 
ATOM 552  H HG2  . GLN A 1 33 ? 6.990   5.972   -7.994  1.00 1.08 ? 38 GLN A HG2  1 
ATOM 553  H HG3  . GLN A 1 33 ? 6.190   5.455   -9.479  1.00 1.10 ? 38 GLN A HG3  1 
ATOM 554  H HE21 . GLN A 1 33 ? 7.917   6.002   -10.808 1.00 2.11 ? 38 GLN A HE21 1 
ATOM 555  H HE22 . GLN A 1 33 ? 8.373   7.637   -11.131 1.00 1.98 ? 38 GLN A HE22 1 
ATOM 556  N N    . TYR A 1 34 ? 3.099   4.717   -9.423  1.00 0.34 ? 39 TYR A N    1 
ATOM 557  C CA   . TYR A 1 34 ? 2.833   3.384   -9.953  1.00 0.34 ? 39 TYR A CA   1 
ATOM 558  C C    . TYR A 1 34 ? 1.416   3.281   -10.517 1.00 0.30 ? 39 TYR A C    1 
ATOM 559  O O    . TYR A 1 34 ? 0.992   2.204   -10.937 1.00 0.32 ? 39 TYR A O    1 
ATOM 560  C CB   . TYR A 1 34 ? 3.028   2.343   -8.854  1.00 0.39 ? 39 TYR A CB   1 
ATOM 561  C CG   . TYR A 1 34 ? 4.479   2.114   -8.511  1.00 0.46 ? 39 TYR A CG   1 
ATOM 562  C CD1  . TYR A 1 34 ? 5.114   2.939   -7.600  1.00 0.53 ? 39 TYR A CD1  1 
ATOM 563  C CD2  . TYR A 1 34 ? 5.179   1.078   -9.108  1.00 0.64 ? 39 TYR A CD2  1 
ATOM 564  C CE1  . TYR A 1 34 ? 6.446   2.729   -7.285  1.00 0.62 ? 39 TYR A CE1  1 
ATOM 565  C CE2  . TYR A 1 34 ? 6.510   0.870   -8.792  1.00 0.73 ? 39 TYR A CE2  1 
ATOM 566  C CZ   . TYR A 1 34 ? 7.138   1.696   -7.882  1.00 0.66 ? 39 TYR A CZ   1 
ATOM 567  O OH   . TYR A 1 34 ? 8.462   1.488   -7.569  1.00 0.77 ? 39 TYR A OH   1 
ATOM 568  H H    . TYR A 1 34 ? 2.728   4.968   -8.551  1.00 0.50 ? 39 TYR A H    1 
ATOM 569  H HA   . TYR A 1 34 ? 3.536   3.183   -10.745 1.00 0.39 ? 39 TYR A HA   1 
ATOM 570  H HB2  . TYR A 1 34 ? 2.515   2.675   -7.964  1.00 0.42 ? 39 TYR A HB2  1 
ATOM 571  H HB3  . TYR A 1 34 ? 2.602   1.406   -9.181  1.00 0.45 ? 39 TYR A HB3  1 
ATOM 572  H HD1  . TYR A 1 34 ? 4.571   3.748   -7.132  1.00 0.64 ? 39 TYR A HD1  1 
ATOM 573  H HD2  . TYR A 1 34 ? 4.684   0.433   -9.819  1.00 0.79 ? 39 TYR A HD2  1 
ATOM 574  H HE1  . TYR A 1 34 ? 6.941   3.373   -6.573  1.00 0.75 ? 39 TYR A HE1  1 
ATOM 575  H HE2  . TYR A 1 34 ? 7.056   0.060   -9.256  1.00 0.93 ? 39 TYR A HE2  1 
ATOM 576  H HH   . TYR A 1 34 ? 8.531   0.783   -6.921  1.00 1.27 ? 39 TYR A HH   1 
ATOM 577  N N    . LYS A 1 35 ? 0.681   4.394   -10.529 1.00 0.28 ? 40 LYS A N    1 
ATOM 578  C CA   . LYS A 1 35 ? -0.685  4.403   -11.045 1.00 0.31 ? 40 LYS A CA   1 
ATOM 579  C C    . LYS A 1 35 ? -1.501  3.290   -10.395 1.00 0.29 ? 40 LYS A C    1 
ATOM 580  O O    . LYS A 1 35 ? -2.306  2.629   -11.050 1.00 0.39 ? 40 LYS A O    1 
ATOM 581  C CB   . LYS A 1 35 ? -0.672  4.229   -12.562 1.00 0.38 ? 40 LYS A CB   1 
ATOM 582  C CG   . LYS A 1 35 ? -1.104  5.512   -13.266 1.00 0.86 ? 40 LYS A CG   1 
ATOM 583  C CD   . LYS A 1 35 ? -1.841  5.210   -14.567 1.00 1.29 ? 40 LYS A CD   1 
ATOM 584  C CE   . LYS A 1 35 ? -1.027  5.658   -15.778 1.00 1.88 ? 40 LYS A CE   1 
ATOM 585  N NZ   . LYS A 1 35 ? -0.926  7.143   -15.842 1.00 2.56 ? 40 LYS A NZ   1 
ATOM 586  H H    . LYS A 1 35 ? 1.062   5.227   -10.186 1.00 0.30 ? 40 LYS A H    1 
ATOM 587  H HA   . LYS A 1 35 ? -1.140  5.352   -10.808 1.00 0.32 ? 40 LYS A HA   1 
ATOM 588  H HB2  . LYS A 1 35 ? 0.328   3.973   -12.880 1.00 0.71 ? 40 LYS A HB2  1 
ATOM 589  H HB3  . LYS A 1 35 ? -1.348  3.432   -12.834 1.00 0.79 ? 40 LYS A HB3  1 
ATOM 590  H HG2  . LYS A 1 35 ? -1.759  6.069   -12.612 1.00 1.59 ? 40 LYS A HG2  1 
ATOM 591  H HG3  . LYS A 1 35 ? -0.230  6.106   -13.486 1.00 1.45 ? 40 LYS A HG3  1 
ATOM 592  H HD2  . LYS A 1 35 ? -2.018  4.147   -14.634 1.00 1.81 ? 40 LYS A HD2  1 
ATOM 593  H HD3  . LYS A 1 35 ? -2.787  5.730   -14.566 1.00 1.91 ? 40 LYS A HD3  1 
ATOM 594  H HE2  . LYS A 1 35 ? -0.033  5.241   -15.708 1.00 2.35 ? 40 LYS A HE2  1 
ATOM 595  H HE3  . LYS A 1 35 ? -1.503  5.294   -16.676 1.00 2.33 ? 40 LYS A HE3  1 
ATOM 596  H HZ1  . LYS A 1 35 ? -0.655  7.515   -14.910 1.00 2.99 ? 40 LYS A HZ1  1 
ATOM 597  H HZ2  . LYS A 1 35 ? -0.206  7.412   -16.545 1.00 2.85 ? 40 LYS A HZ2  1 
ATOM 598  H HZ3  . LYS A 1 35 ? -1.846  7.542   -16.117 1.00 3.01 ? 40 LYS A HZ3  1 
ATOM 599  N N    . VAL A 1 36 ? -1.282  3.091   -9.100  1.00 0.23 ? 41 VAL A N    1 
ATOM 600  C CA   . VAL A 1 36 ? -1.988  2.059   -8.345  1.00 0.23 ? 41 VAL A CA   1 
ATOM 601  C C    . VAL A 1 36 ? -2.888  2.696   -7.293  1.00 0.27 ? 41 VAL A C    1 
ATOM 602  O O    . VAL A 1 36 ? -3.075  3.913   -7.282  1.00 0.33 ? 41 VAL A O    1 
ATOM 603  C CB   . VAL A 1 36 ? -0.974  1.132   -7.680  1.00 0.23 ? 41 VAL A CB   1 
ATOM 604  C CG1  . VAL A 1 36 ? -0.275  0.270   -8.724  1.00 0.25 ? 41 VAL A CG1  1 
ATOM 605  C CG2  . VAL A 1 36 ? 0.046   1.943   -6.887  1.00 0.23 ? 41 VAL A CG2  1 
ATOM 606  H H    . VAL A 1 36 ? -0.624  3.652   -8.639  1.00 0.24 ? 41 VAL A H    1 
ATOM 607  H HA   . VAL A 1 36 ? -2.595  1.483   -9.027  1.00 0.26 ? 41 VAL A HA   1 
ATOM 608  H HB   . VAL A 1 36 ? -1.496  0.481   -6.997  1.00 0.28 ? 41 VAL A HB   1 
ATOM 609  H HG11 . VAL A 1 36 ? -0.078  0.865   -9.601  1.00 1.03 ? 41 VAL A HG11 1 
ATOM 610  H HG12 . VAL A 1 36 ? 0.655   -0.098  -8.318  1.00 1.04 ? 41 VAL A HG12 1 
ATOM 611  H HG13 . VAL A 1 36 ? -0.913  -0.562  -8.985  1.00 1.00 ? 41 VAL A HG13 1 
ATOM 612  H HG21 . VAL A 1 36 ? -0.470  2.568   -6.175  1.00 1.01 ? 41 VAL A HG21 1 
ATOM 613  H HG22 . VAL A 1 36 ? 0.710   1.270   -6.366  1.00 1.01 ? 41 VAL A HG22 1 
ATOM 614  H HG23 . VAL A 1 36 ? 0.616   2.561   -7.566  1.00 1.04 ? 41 VAL A HG23 1 
ATOM 615  N N    . SER A 1 37 ? -3.448  1.872   -6.412  1.00 0.29 ? 42 SER A N    1 
ATOM 616  C CA   . SER A 1 37 ? -4.329  2.360   -5.359  1.00 0.34 ? 42 SER A CA   1 
ATOM 617  C C    . SER A 1 37 ? -3.898  1.805   -4.006  1.00 0.30 ? 42 SER A C    1 
ATOM 618  O O    . SER A 1 37 ? -4.450  0.815   -3.525  1.00 0.36 ? 42 SER A O    1 
ATOM 619  C CB   . SER A 1 37 ? -5.767  1.951   -5.654  1.00 0.43 ? 42 SER A CB   1 
ATOM 620  O OG   . SER A 1 37 ? -6.668  2.957   -5.211  1.00 0.93 ? 42 SER A OG   1 
ATOM 621  H H    . SER A 1 37 ? -3.266  0.913   -6.474  1.00 0.30 ? 42 SER A H    1 
ATOM 622  H HA   . SER A 1 37 ? -4.273  3.437   -5.329  1.00 0.39 ? 42 SER A HA   1 
ATOM 623  H HB2  . SER A 1 37 ? -5.889  1.815   -6.716  1.00 0.65 ? 42 SER A HB2  1 
ATOM 624  H HB3  . SER A 1 37 ? -5.979  1.017   -5.150  1.00 0.70 ? 42 SER A HB3  1 
ATOM 625  H HG   . SER A 1 37 ? -7.197  2.617   -4.486  1.00 1.34 ? 42 SER A HG   1 
ATOM 626  N N    . VAL A 1 38 ? -2.911  2.452   -3.394  1.00 0.33 ? 43 VAL A N    1 
ATOM 627  C CA   . VAL A 1 38 ? -2.407  2.027   -2.092  1.00 0.34 ? 43 VAL A CA   1 
ATOM 628  C C    . VAL A 1 38 ? -3.157  2.752   -0.981  1.00 0.35 ? 43 VAL A C    1 
ATOM 629  O O    . VAL A 1 38 ? -3.241  3.979   -0.975  1.00 0.55 ? 43 VAL A O    1 
ATOM 630  C CB   . VAL A 1 38 ? -0.905  2.304   -1.993  1.00 0.49 ? 43 VAL A CB   1 
ATOM 631  C CG1  . VAL A 1 38 ? -0.600  3.762   -2.322  1.00 1.25 ? 43 VAL A CG1  1 
ATOM 632  C CG2  . VAL A 1 38 ? -0.381  1.952   -0.603  1.00 0.54 ? 43 VAL A CG2  1 
ATOM 633  H H    . VAL A 1 38 ? -2.516  3.236   -3.828  1.00 0.42 ? 43 VAL A H    1 
ATOM 634  H HA   . VAL A 1 38 ? -2.573  0.964   -1.987  1.00 0.33 ? 43 VAL A HA   1 
ATOM 635  H HB   . VAL A 1 38 ? -0.397  1.680   -2.713  1.00 1.11 ? 43 VAL A HB   1 
ATOM 636  H HG11 . VAL A 1 38 ? -1.245  4.404   -1.743  1.00 1.85 ? 43 VAL A HG11 1 
ATOM 637  H HG12 . VAL A 1 38 ? 0.431   3.973   -2.080  1.00 1.78 ? 43 VAL A HG12 1 
ATOM 638  H HG13 . VAL A 1 38 ? -0.766  3.934   -3.375  1.00 1.83 ? 43 VAL A HG13 1 
ATOM 639  H HG21 . VAL A 1 38 ? -1.044  1.236   -0.140  1.00 1.09 ? 43 VAL A HG21 1 
ATOM 640  H HG22 . VAL A 1 38 ? 0.608   1.525   -0.690  1.00 1.20 ? 43 VAL A HG22 1 
ATOM 641  H HG23 . VAL A 1 38 ? -0.338  2.846   0.000   1.00 1.15 ? 43 VAL A HG23 1 
ATOM 642  N N    . ARG A 1 39 ? -3.707  1.986   -0.045  1.00 0.31 ? 44 ARG A N    1 
ATOM 643  C CA   . ARG A 1 39 ? -4.456  2.563   1.067   1.00 0.42 ? 44 ARG A CA   1 
ATOM 644  C C    . ARG A 1 39 ? -4.014  1.950   2.389   1.00 0.40 ? 44 ARG A C    1 
ATOM 645  O O    . ARG A 1 39 ? -3.874  0.732   2.507   1.00 0.41 ? 44 ARG A O    1 
ATOM 646  C CB   . ARG A 1 39 ? -5.950  2.333   0.863   1.00 0.52 ? 44 ARG A CB   1 
ATOM 647  C CG   . ARG A 1 39 ? -6.515  3.278   -0.194  1.00 0.78 ? 44 ARG A CG   1 
ATOM 648  C CD   . ARG A 1 39 ? -7.328  2.519   -1.237  1.00 1.05 ? 44 ARG A CD   1 
ATOM 649  N NE   . ARG A 1 39 ? -8.483  1.879   -0.611  1.00 1.31 ? 44 ARG A NE   1 
ATOM 650  C CZ   . ARG A 1 39 ? -9.705  2.388   -0.719  1.00 1.74 ? 44 ARG A CZ   1 
ATOM 651  N NH1  . ARG A 1 39 ? -10.105 3.341   0.112   1.00 2.27 ? 44 ARG A NH1  1 
ATOM 652  N NH2  . ARG A 1 39 ? -10.531 1.941   -1.656  1.00 2.28 ? 44 ARG A NH2  1 
ATOM 653  H H    . ARG A 1 39 ? -3.611  1.013   -0.105  1.00 0.36 ? 44 ARG A H    1 
ATOM 654  H HA   . ARG A 1 39 ? -4.269  3.626   1.095   1.00 0.52 ? 44 ARG A HA   1 
ATOM 655  H HB2  . ARG A 1 39 ? -6.110  1.313   0.545   1.00 0.55 ? 44 ARG A HB2  1 
ATOM 656  H HB3  . ARG A 1 39 ? -6.463  2.500   1.798   1.00 0.64 ? 44 ARG A HB3  1 
ATOM 657  H HG2  . ARG A 1 39 ? -7.151  4.005   0.289   1.00 1.53 ? 44 ARG A HG2  1 
ATOM 658  H HG3  . ARG A 1 39 ? -5.699  3.786   -0.685  1.00 1.38 ? 44 ARG A HG3  1 
ATOM 659  H HD2  . ARG A 1 39 ? -7.673  3.208   -1.992  1.00 1.64 ? 44 ARG A HD2  1 
ATOM 660  H HD3  . ARG A 1 39 ? -6.705  1.764   -1.695  1.00 1.73 ? 44 ARG A HD3  1 
ATOM 661  H HE   . ARG A 1 39 ? -8.354  1.055   -0.098  1.00 1.76 ? 44 ARG A HE   1 
ATOM 662  H HH11 . ARG A 1 39 ? -9.485  3.679   0.820   1.00 2.43 ? 44 ARG A HH11 1 
ATOM 663  H HH12 . ARG A 1 39 ? -11.025 3.723   0.029   1.00 2.81 ? 44 ARG A HH12 1 
ATOM 664  H HH21 . ARG A 1 39 ? -10.234 1.219   -2.282  1.00 2.47 ? 44 ARG A HH21 1 
ATOM 665  H HH22 . ARG A 1 39 ? -11.450 2.325   -1.735  1.00 2.78 ? 44 ARG A HH22 1 
ATOM 666  N N    . ILE A 1 40 ? -3.799  2.805   3.385   1.00 0.46 ? 45 ILE A N    1 
ATOM 667  C CA   . ILE A 1 40 ? -3.377  2.359   4.707   1.00 0.47 ? 45 ILE A CA   1 
ATOM 668  C C    . ILE A 1 40 ? -4.595  2.256   5.631   1.00 0.53 ? 45 ILE A C    1 
ATOM 669  O O    . ILE A 1 40 ? -5.197  3.270   5.986   1.00 0.64 ? 45 ILE A O    1 
ATOM 670  C CB   . ILE A 1 40 ? -2.337  3.346   5.271   1.00 0.56 ? 45 ILE A CB   1 
ATOM 671  C CG1  . ILE A 1 40 ? -0.973  3.102   4.620   1.00 0.59 ? 45 ILE A CG1  1 
ATOM 672  C CG2  . ILE A 1 40 ? -2.215  3.252   6.797   1.00 0.60 ? 45 ILE A CG2  1 
ATOM 673  C CD1  . ILE A 1 40 ? -0.336  1.802   5.113   1.00 0.56 ? 45 ILE A CD1  1 
ATOM 674  H H    . ILE A 1 40 ? -3.931  3.763   3.224   1.00 0.55 ? 45 ILE A H    1 
ATOM 675  H HA   . ILE A 1 40 ? -2.917  1.388   4.614   1.00 0.40 ? 45 ILE A HA   1 
ATOM 676  H HB   . ILE A 1 40 ? -2.658  4.347   5.019   1.00 0.66 ? 45 ILE A HB   1 
ATOM 677  H HG12 . ILE A 1 40 ? -1.099  3.046   3.550   1.00 0.61 ? 45 ILE A HG12 1 
ATOM 678  H HG13 . ILE A 1 40 ? -0.318  3.928   4.859   1.00 0.68 ? 45 ILE A HG13 1 
ATOM 679  H HG21 . ILE A 1 40 ? -2.499  2.261   7.118   1.00 1.23 ? 45 ILE A HG21 1 
ATOM 680  H HG22 . ILE A 1 40 ? -1.194  3.449   7.086   1.00 1.10 ? 45 ILE A HG22 1 
ATOM 681  H HG23 . ILE A 1 40 ? -2.869  3.982   7.254   1.00 1.18 ? 45 ILE A HG23 1 
ATOM 682  H HD11 . ILE A 1 40 ? -0.414  1.748   6.190   1.00 1.14 ? 45 ILE A HD11 1 
ATOM 683  H HD12 . ILE A 1 40 ? -0.849  0.962   4.673   1.00 1.16 ? 45 ILE A HD12 1 
ATOM 684  H HD13 . ILE A 1 40 ? 0.705   1.781   4.825   1.00 1.17 ? 45 ILE A HD13 1 
ATOM 685  N N    . PRO A 1 41 ? -4.968  1.031   6.043   1.00 0.48 ? 46 PRO A N    1 
ATOM 686  C CA   . PRO A 1 41 ? -6.110  0.818   6.940   1.00 0.58 ? 46 PRO A CA   1 
ATOM 687  C C    . PRO A 1 41 ? -5.752  1.176   8.381   1.00 0.61 ? 46 PRO A C    1 
ATOM 688  O O    . PRO A 1 41 ? -4.779  0.659   8.930   1.00 0.56 ? 46 PRO A O    1 
ATOM 689  C CB   . PRO A 1 41 ? -6.413  -0.667  6.802   1.00 0.57 ? 46 PRO A CB   1 
ATOM 690  C CG   . PRO A 1 41 ? -5.134  -1.303  6.365   1.00 0.47 ? 46 PRO A CG   1 
ATOM 691  C CD   . PRO A 1 41 ? -4.304  -0.235  5.689   1.00 0.41 ? 46 PRO A CD   1 
ATOM 692  H HA   . PRO A 1 41 ? -6.967  1.384   6.617   1.00 0.66 ? 46 PRO A HA   1 
ATOM 693  H HB2  . PRO A 1 41 ? -6.738  -1.061  7.756   1.00 0.61 ? 46 PRO A HB2  1 
ATOM 694  H HB3  . PRO A 1 41 ? -7.182  -0.814  6.060   1.00 0.62 ? 46 PRO A HB3  1 
ATOM 695  H HG2  . PRO A 1 41 ? -4.609  -1.692  7.227   1.00 0.46 ? 46 PRO A HG2  1 
ATOM 696  H HG3  . PRO A 1 41 ? -5.341  -2.098  5.666   1.00 0.50 ? 46 PRO A HG3  1 
ATOM 697  H HD2  . PRO A 1 41 ? -3.293  -0.252  6.066   1.00 0.81 ? 46 PRO A HD2  1 
ATOM 698  H HD3  . PRO A 1 41 ? -4.308  -0.379  4.618   1.00 0.95 ? 46 PRO A HD3  1 
ATOM 699  N N    . PRO A 1 42 ? -6.522  2.081   9.010   1.00 0.74 ? 47 PRO A N    1 
ATOM 700  C CA   . PRO A 1 42 ? -6.261  2.515   10.386  1.00 0.81 ? 47 PRO A CA   1 
ATOM 701  C C    . PRO A 1 42 ? -6.815  1.550   11.425  1.00 0.87 ? 47 PRO A C    1 
ATOM 702  O O    . PRO A 1 42 ? -7.227  0.437   11.100  1.00 1.53 ? 47 PRO A O    1 
ATOM 703  C CB   . PRO A 1 42 ? -6.958  3.865   10.477  1.00 0.98 ? 47 PRO A CB   1 
ATOM 704  C CG   . PRO A 1 42 ? -8.039  3.841   9.443   1.00 1.03 ? 47 PRO A CG   1 
ATOM 705  C CD   . PRO A 1 42 ? -7.692  2.766   8.437   1.00 0.85 ? 47 PRO A CD   1 
ATOM 706  H HA   . PRO A 1 42 ? -5.207  2.658   10.554  1.00 0.77 ? 47 PRO A HA   1 
ATOM 707  H HB2  . PRO A 1 42 ? -7.372  3.992   11.468  1.00 1.07 ? 47 PRO A HB2  1 
ATOM 708  H HB3  . PRO A 1 42 ? -6.251  4.652   10.267  1.00 1.00 ? 47 PRO A HB3  1 
ATOM 709  H HG2  . PRO A 1 42 ? -8.985  3.614   9.912   1.00 1.48 ? 47 PRO A HG2  1 
ATOM 710  H HG3  . PRO A 1 42 ? -8.093  4.802   8.951   1.00 1.36 ? 47 PRO A HG3  1 
ATOM 711  H HD2  . PRO A 1 42 ? -8.517  2.077   8.325   1.00 1.29 ? 47 PRO A HD2  1 
ATOM 712  H HD3  . PRO A 1 42 ? -7.443  3.210   7.485   1.00 1.12 ? 47 PRO A HD3  1 
ATOM 713  N N    . ASP A 1 43 ? -6.817  1.992   12.682  1.00 1.32 ? 48 ASP A N    1 
ATOM 714  C CA   . ASP A 1 43 ? -7.313  1.187   13.800  1.00 1.46 ? 48 ASP A CA   1 
ATOM 715  C C    . ASP A 1 43 ? -6.838  -0.258  13.696  1.00 1.48 ? 48 ASP A C    1 
ATOM 716  O O    . ASP A 1 43 ? -7.473  -1.089  13.047  1.00 2.18 ? 48 ASP A O    1 
ATOM 717  C CB   . ASP A 1 43 ? -8.841  1.235   13.861  1.00 2.16 ? 48 ASP A CB   1 
ATOM 718  C CG   . ASP A 1 43 ? -9.446  0.936   12.495  1.00 2.56 ? 48 ASP A CG   1 
ATOM 719  O OD1  . ASP A 1 43 ? -9.509  1.860   11.657  1.00 3.01 ? 48 ASP A OD1  1 
ATOM 720  O OD2  . ASP A 1 43 ? -9.857  -0.221  12.267  1.00 3.03 ? 48 ASP A OD2  1 
ATOM 721  H H    . ASP A 1 43 ? -6.470  2.890   12.864  1.00 1.99 ? 48 ASP A H    1 
ATOM 722  H HA   . ASP A 1 43 ? -6.924  1.608   14.716  1.00 1.67 ? 48 ASP A HA   1 
ATOM 723  H HB2  . ASP A 1 43 ? -9.190  0.499   14.571  1.00 2.50 ? 48 ASP A HB2  1 
ATOM 724  H HB3  . ASP A 1 43 ? -9.153  2.219   14.179  1.00 2.55 ? 48 ASP A HB3  1 
ATOM 725  N N    . SER A 1 44 ? -5.721  -0.551  14.354  1.00 1.59 ? 49 SER A N    1 
ATOM 726  C CA   . SER A 1 44 ? -5.154  -1.897  14.358  1.00 2.11 ? 49 SER A CA   1 
ATOM 727  C C    . SER A 1 44 ? -5.054  -2.400  15.792  1.00 1.90 ? 49 SER A C    1 
ATOM 728  O O    . SER A 1 44 ? -5.054  -1.607  16.733  1.00 2.33 ? 49 SER A O    1 
ATOM 729  C CB   . SER A 1 44 ? -3.775  -1.890  13.704  1.00 3.03 ? 49 SER A CB   1 
ATOM 730  O OG   . SER A 1 44 ? -3.132  -0.642  13.905  1.00 3.81 ? 49 SER A OG   1 
ATOM 731  H H    . SER A 1 44 ? -5.270  0.156   14.860  1.00 1.86 ? 49 SER A H    1 
ATOM 732  H HA   . SER A 1 44 ? -5.806  -2.552  13.800  1.00 2.65 ? 49 SER A HA   1 
ATOM 733  H HB2  . SER A 1 44 ? -3.173  -2.676  14.139  1.00 3.31 ? 49 SER A HB2  1 
ATOM 734  H HB3  . SER A 1 44 ? -3.886  -2.068  12.644  1.00 3.44 ? 49 SER A HB3  1 
ATOM 735  H HG   . SER A 1 44 ? -2.249  -0.673  13.528  1.00 4.28 ? 49 SER A HG   1 
ATOM 736  N N    . GLU A 1 45 ? -4.981  -3.716  15.963  1.00 1.92 ? 50 GLU A N    1 
ATOM 737  C CA   . GLU A 1 45 ? -4.896  -4.297  17.304  1.00 2.27 ? 50 GLU A CA   1 
ATOM 738  C C    . GLU A 1 45 ? -3.817  -5.369  17.365  1.00 2.09 ? 50 GLU A C    1 
ATOM 739  O O    . GLU A 1 45 ? -2.776  -5.179  17.995  1.00 2.74 ? 50 GLU A O    1 
ATOM 740  C CB   . GLU A 1 45 ? -6.241  -4.907  17.729  1.00 3.06 ? 50 GLU A CB   1 
ATOM 741  C CG   . GLU A 1 45 ? -7.424  -4.321  16.955  1.00 3.83 ? 50 GLU A CG   1 
ATOM 742  C CD   . GLU A 1 45 ? -7.495  -4.933  15.562  1.00 4.43 ? 50 GLU A CD   1 
ATOM 743  O OE1  . GLU A 1 45 ? -7.111  -6.112  15.410  1.00 4.97 ? 50 GLU A OE1  1 
ATOM 744  O OE2  . GLU A 1 45 ? -7.934  -4.233  14.625  1.00 4.75 ? 50 GLU A OE2  1 
ATOM 745  H H    . GLU A 1 45 ? -4.994  -4.306  15.181  1.00 2.15 ? 50 GLU A H    1 
ATOM 746  H HA   . GLU A 1 45 ? -4.640  -3.513  17.999  1.00 2.56 ? 50 GLU A HA   1 
ATOM 747  H HB2  . GLU A 1 45 ? -6.210  -5.973  17.564  1.00 3.37 ? 50 GLU A HB2  1 
ATOM 748  H HB3  . GLU A 1 45 ? -6.390  -4.718  18.782  1.00 3.40 ? 50 GLU A HB3  1 
ATOM 749  H HG2  . GLU A 1 45 ? -8.339  -4.536  17.485  1.00 4.15 ? 50 GLU A HG2  1 
ATOM 750  H HG3  . GLU A 1 45 ? -7.300  -3.252  16.867  1.00 4.17 ? 50 GLU A HG3  1 
ATOM 751  N N    . LYS A 1 46 ? -4.079  -6.501  16.726  1.00 1.76 ? 51 LYS A N    1 
ATOM 752  C CA   . LYS A 1 46 ? -3.139  -7.615  16.722  1.00 1.77 ? 51 LYS A CA   1 
ATOM 753  C C    . LYS A 1 46 ? -2.141  -7.478  15.583  1.00 1.55 ? 51 LYS A C    1 
ATOM 754  O O    . LYS A 1 46 ? -0.973  -7.158  15.804  1.00 2.20 ? 51 LYS A O    1 
ATOM 755  C CB   . LYS A 1 46 ? -3.904  -8.928  16.596  1.00 2.14 ? 51 LYS A CB   1 
ATOM 756  C CG   . LYS A 1 46 ? -4.792  -9.169  17.815  1.00 2.60 ? 51 LYS A CG   1 
ATOM 757  C CD   . LYS A 1 46 ? -3.988  -9.071  19.109  1.00 3.36 ? 51 LYS A CD   1 
ATOM 758  C CE   . LYS A 1 46 ? -2.789  -10.013 19.083  1.00 4.12 ? 51 LYS A CE   1 
ATOM 759  N NZ   . LYS A 1 46 ? -3.214  -11.418 18.823  1.00 4.81 ? 51 LYS A NZ   1 
ATOM 760  H H    . LYS A 1 46 ? -4.931  -6.594  16.252  1.00 2.00 ? 51 LYS A H    1 
ATOM 761  H HA   . LYS A 1 46 ? -2.600  -7.617  17.657  1.00 1.98 ? 51 LYS A HA   1 
ATOM 762  H HB2  . LYS A 1 46 ? -4.522  -8.895  15.709  1.00 2.66 ? 51 LYS A HB2  1 
ATOM 763  H HB3  . LYS A 1 46 ? -3.198  -9.742  16.507  1.00 2.10 ? 51 LYS A HB3  1 
ATOM 764  H HG2  . LYS A 1 46 ? -5.578  -8.428  17.832  1.00 2.75 ? 51 LYS A HG2  1 
ATOM 765  H HG3  . LYS A 1 46 ? -5.230  -10.154 17.744  1.00 2.88 ? 51 LYS A HG3  1 
ATOM 766  H HD2  . LYS A 1 46 ? -3.638  -8.057  19.234  1.00 3.74 ? 51 LYS A HD2  1 
ATOM 767  H HD3  . LYS A 1 46 ? -4.625  -9.333  19.942  1.00 3.57 ? 51 LYS A HD3  1 
ATOM 768  H HE2  . LYS A 1 46 ? -2.112  -9.701  18.301  1.00 4.37 ? 51 LYS A HE2  1 
ATOM 769  H HE3  . LYS A 1 46 ? -2.280  -9.966  20.034  1.00 4.41 ? 51 LYS A HE3  1 
ATOM 770  H HZ1  . LYS A 1 46 ? -4.190  -11.552 19.154  1.00 5.00 ? 51 LYS A HZ1  1 
ATOM 771  H HZ2  . LYS A 1 46 ? -3.167  -11.611 17.802  1.00 5.07 ? 51 LYS A HZ2  1 
ATOM 772  H HZ3  . LYS A 1 46 ? -2.582  -12.071 19.329  1.00 5.24 ? 51 LYS A HZ3  1 
ATOM 773  N N    . SER A 1 47 ? -2.602  -7.731  14.364  1.00 1.19 ? 52 SER A N    1 
ATOM 774  C CA   . SER A 1 47 ? -1.741  -7.642  13.192  1.00 1.04 ? 52 SER A CA   1 
ATOM 775  C C    . SER A 1 47 ? -2.236  -6.559  12.243  1.00 0.92 ? 52 SER A C    1 
ATOM 776  O O    . SER A 1 47 ? -3.383  -6.120  12.325  1.00 1.19 ? 52 SER A O    1 
ATOM 777  C CB   . SER A 1 47 ? -1.703  -8.986  12.472  1.00 1.25 ? 52 SER A CB   1 
ATOM 778  O OG   . SER A 1 47 ? -2.801  -9.106  11.581  1.00 2.03 ? 52 SER A OG   1 
ATOM 779  H H    . SER A 1 47 ? -3.541  -7.987  14.253  1.00 1.55 ? 52 SER A H    1 
ATOM 780  H HA   . SER A 1 47 ? -0.743  -7.392  13.515  1.00 1.12 ? 52 SER A HA   1 
ATOM 781  H HB2  . SER A 1 47 ? -0.781  -9.063  11.915  1.00 1.52 ? 52 SER A HB2  1 
ATOM 782  H HB3  . SER A 1 47 ? -1.747  -9.781  13.203  1.00 1.48 ? 52 SER A HB3  1 
ATOM 783  H HG   . SER A 1 47 ? -2.477  -9.270  10.693  1.00 2.39 ? 52 SER A HG   1 
ATOM 784  N N    . ASN A 1 48 ? -1.359  -6.135  11.340  1.00 0.68 ? 53 ASN A N    1 
ATOM 785  C CA   . ASN A 1 48 ? -1.690  -5.103  10.364  1.00 0.61 ? 53 ASN A CA   1 
ATOM 786  C C    . ASN A 1 48 ? -1.717  -5.698  8.962   1.00 0.59 ? 53 ASN A C    1 
ATOM 787  O O    . ASN A 1 48 ? -1.174  -6.776  8.724   1.00 0.99 ? 53 ASN A O    1 
ATOM 788  C CB   . ASN A 1 48 ? -0.662  -3.976  10.428  1.00 0.60 ? 53 ASN A CB   1 
ATOM 789  C CG   . ASN A 1 48 ? -1.302  -2.700  10.957  1.00 0.89 ? 53 ASN A CG   1 
ATOM 790  O OD1  . ASN A 1 48 ? -2.523  -2.546  10.926  1.00 1.68 ? 53 ASN A OD1  1 
ATOM 791  N ND2  . ASN A 1 48 ? -0.476  -1.781  11.444  1.00 1.28 ? 53 ASN A ND2  1 
ATOM 792  H H    . ASN A 1 48 ? -0.460  -6.529  11.330  1.00 0.73 ? 53 ASN A H    1 
ATOM 793  H HA   . ASN A 1 48 ? -2.665  -4.702  10.595  1.00 0.70 ? 53 ASN A HA   1 
ATOM 794  H HB2  . ASN A 1 48 ? 0.145   -4.268  11.085  1.00 1.33 ? 53 ASN A HB2  1 
ATOM 795  H HB3  . ASN A 1 48 ? -0.272  -3.794  9.438   1.00 0.68 ? 53 ASN A HB3  1 
ATOM 796  H HD21 . ASN A 1 48 ? 0.486   -1.972  11.436  1.00 1.73 ? 53 ASN A HD21 1 
ATOM 797  H HD22 . ASN A 1 48 ? -0.861  -0.949  11.790  1.00 1.57 ? 53 ASN A HD22 1 
ATOM 798  N N    . LEU A 1 49 ? -2.351  -4.989  8.035   1.00 0.55 ? 54 LEU A N    1 
ATOM 799  C CA   . LEU A 1 49 ? -2.451  -5.445  6.652   1.00 0.51 ? 54 LEU A CA   1 
ATOM 800  C C    . LEU A 1 49 ? -2.904  -4.302  5.756   1.00 0.44 ? 54 LEU A C    1 
ATOM 801  O O    . LEU A 1 49 ? -4.045  -3.848  5.847   1.00 0.57 ? 54 LEU A O    1 
ATOM 802  C CB   . LEU A 1 49 ? -3.441  -6.605  6.556   1.00 0.65 ? 54 LEU A CB   1 
ATOM 803  C CG   . LEU A 1 49 ? -2.737  -7.907  6.183   1.00 0.82 ? 54 LEU A CG   1 
ATOM 804  C CD1  . LEU A 1 49 ? -2.545  -8.784  7.416   1.00 1.49 ? 54 LEU A CD1  1 
ATOM 805  C CD2  . LEU A 1 49 ? -3.531  -8.655  5.116   1.00 1.49 ? 54 LEU A CD2  1 
ATOM 806  H H    . LEU A 1 49 ? -2.762  -4.136  8.287   1.00 0.84 ? 54 LEU A H    1 
ATOM 807  H HA   . LEU A 1 49 ? -1.480  -5.786  6.325   1.00 0.47 ? 54 LEU A HA   1 
ATOM 808  H HB2  . LEU A 1 49 ? -3.929  -6.730  7.511   1.00 0.76 ? 54 LEU A HB2  1 
ATOM 809  H HB3  . LEU A 1 49 ? -4.182  -6.375  5.805   1.00 0.89 ? 54 LEU A HB3  1 
ATOM 810  H HG   . LEU A 1 49 ? -1.765  -7.668  5.780   1.00 1.10 ? 54 LEU A HG   1 
ATOM 811  H HD11 . LEU A 1 49 ? -2.973  -8.289  8.276   1.00 2.00 ? 54 LEU A HD11 1 
ATOM 812  H HD12 . LEU A 1 49 ? -3.039  -9.732  7.262   1.00 1.99 ? 54 LEU A HD12 1 
ATOM 813  H HD13 . LEU A 1 49 ? -1.490  -8.947  7.580   1.00 2.08 ? 54 LEU A HD13 1 
ATOM 814  H HD21 . LEU A 1 49 ? -4.128  -7.953  4.555   1.00 2.03 ? 54 LEU A HD21 1 
ATOM 815  H HD22 . LEU A 1 49 ? -2.847  -9.162  4.450   1.00 1.83 ? 54 LEU A HD22 1 
ATOM 816  H HD23 . LEU A 1 49 ? -4.175  -9.380  5.592   1.00 2.05 ? 54 LEU A HD23 1 
ATOM 817  N N    . ILE A 1 50 ? -2.010  -3.836  4.890   1.00 0.31 ? 55 ILE A N    1 
ATOM 818  C CA   . ILE A 1 50 ? -2.335  -2.740  3.982   1.00 0.26 ? 55 ILE A CA   1 
ATOM 819  C C    . ILE A 1 50 ? -3.034  -3.274  2.740   1.00 0.27 ? 55 ILE A C    1 
ATOM 820  O O    . ILE A 1 50 ? -2.791  -4.403  2.317   1.00 0.34 ? 55 ILE A O    1 
ATOM 821  C CB   . ILE A 1 50 ? -1.071  -1.989  3.578   1.00 0.27 ? 55 ILE A CB   1 
ATOM 822  C CG1  . ILE A 1 50 ? -0.215  -1.674  4.802   1.00 0.31 ? 55 ILE A CG1  1 
ATOM 823  C CG2  . ILE A 1 50 ? -1.431  -0.706  2.833   1.00 0.31 ? 55 ILE A CG2  1 
ATOM 824  C CD1  . ILE A 1 50 ? 1.093   -0.996  4.402   1.00 0.35 ? 55 ILE A CD1  1 
ATOM 825  H H    . ILE A 1 50 ? -1.115  -4.238  4.861   1.00 0.33 ? 55 ILE A H    1 
ATOM 826  H HA   . ILE A 1 50 ? -2.999  -2.057  4.490   1.00 0.27 ? 55 ILE A HA   1 
ATOM 827  H HB   . ILE A 1 50 ? -0.503  -2.617  2.909   1.00 0.32 ? 55 ILE A HB   1 
ATOM 828  H HG12 . ILE A 1 50 ? -0.767  -1.017  5.460   1.00 1.03 ? 55 ILE A HG12 1 
ATOM 829  H HG13 . ILE A 1 50 ? 0.008   -2.594  5.322   1.00 0.84 ? 55 ILE A HG13 1 
ATOM 830  H HG21 . ILE A 1 50 ? -2.034  -0.951  1.971   1.00 1.08 ? 55 ILE A HG21 1 
ATOM 831  H HG22 . ILE A 1 50 ? -1.988  -0.055  3.491   1.00 1.07 ? 55 ILE A HG22 1 
ATOM 832  H HG23 . ILE A 1 50 ? -0.526  -0.211  2.515   1.00 1.06 ? 55 ILE A HG23 1 
ATOM 833  H HD11 . ILE A 1 50 ? 0.981   -0.550  3.424   1.00 1.08 ? 55 ILE A HD11 1 
ATOM 834  H HD12 . ILE A 1 50 ? 1.334   -0.227  5.124   1.00 1.04 ? 55 ILE A HD12 1 
ATOM 835  H HD13 . ILE A 1 50 ? 1.884   -1.729  4.378   1.00 1.08 ? 55 ILE A HD13 1 
ATOM 836  N N    . ARG A 1 51 ? -3.905  -2.455  2.160   1.00 0.29 ? 56 ARG A N    1 
ATOM 837  C CA   . ARG A 1 51 ? -4.644  -2.847  0.964   1.00 0.32 ? 56 ARG A CA   1 
ATOM 838  C C    . ARG A 1 51 ? -4.059  -2.175  -0.271  1.00 0.29 ? 56 ARG A C    1 
ATOM 839  O O    . ARG A 1 51 ? -4.009  -0.948  -0.361  1.00 0.42 ? 56 ARG A O    1 
ATOM 840  C CB   . ARG A 1 51 ? -6.115  -2.473  1.111   1.00 0.42 ? 56 ARG A CB   1 
ATOM 841  C CG   . ARG A 1 51 ? -6.862  -3.483  1.977   1.00 0.55 ? 56 ARG A CG   1 
ATOM 842  C CD   . ARG A 1 51 ? -7.725  -2.782  3.024   1.00 0.84 ? 56 ARG A CD   1 
ATOM 843  N NE   . ARG A 1 51 ? -8.409  -3.762  3.859   1.00 1.44 ? 56 ARG A NE   1 
ATOM 844  C CZ   . ARG A 1 51 ? -9.621  -3.532  4.356   1.00 1.77 ? 56 ARG A CZ   1 
ATOM 845  N NH1  . ARG A 1 51 ? -9.805  -2.560  5.240   1.00 2.19 ? 56 ARG A NH1  1 
ATOM 846  N NH2  . ARG A 1 51 ? -10.651 -4.274  3.972   1.00 2.33 ? 56 ARG A NH2  1 
ATOM 847  H H    . ARG A 1 51 ? -4.056  -1.566  2.547   1.00 0.32 ? 56 ARG A H    1 
ATOM 848  H HA   . ARG A 1 51 ? -4.569  -3.918  0.847   1.00 0.36 ? 56 ARG A HA   1 
ATOM 849  H HB2  . ARG A 1 51 ? -6.186  -1.497  1.569   1.00 0.50 ? 56 ARG A HB2  1 
ATOM 850  H HB3  . ARG A 1 51 ? -6.571  -2.441  0.131   1.00 0.49 ? 56 ARG A HB3  1 
ATOM 851  H HG2  . ARG A 1 51 ? -7.496  -4.090  1.346   1.00 0.94 ? 56 ARG A HG2  1 
ATOM 852  H HG3  . ARG A 1 51 ? -6.143  -4.118  2.476   1.00 0.76 ? 56 ARG A HG3  1 
ATOM 853  H HD2  . ARG A 1 51 ? -7.096  -2.162  3.646   1.00 1.12 ? 56 ARG A HD2  1 
ATOM 854  H HD3  . ARG A 1 51 ? -8.459  -2.167  2.524   1.00 1.37 ? 56 ARG A HD3  1 
ATOM 855  H HE   . ARG A 1 51 ? -7.967  -4.614  4.059   1.00 2.11 ? 56 ARG A HE   1 
ATOM 856  H HH11 . ARG A 1 51 ? -9.031  -2.000  5.535   1.00 2.35 ? 56 ARG A HH11 1 
ATOM 857  H HH12 . ARG A 1 51 ? -10.717 -2.389  5.612   1.00 2.68 ? 56 ARG A HH12 1 
ATOM 858  H HH21 . ARG A 1 51 ? -10.515 -5.009  3.307   1.00 2.55 ? 56 ARG A HH21 1 
ATOM 859  H HH22 . ARG A 1 51 ? -11.561 -4.098  4.345   1.00 2.82 ? 56 ARG A HH22 1 
ATOM 860  N N    . ILE A 1 52 ? -3.622  -2.991  -1.224  1.00 0.24 ? 57 ILE A N    1 
ATOM 861  C CA   . ILE A 1 52 ? -3.042  -2.489  -2.466  1.00 0.24 ? 57 ILE A CA   1 
ATOM 862  C C    . ILE A 1 52 ? -3.792  -3.065  -3.660  1.00 0.26 ? 57 ILE A C    1 
ATOM 863  O O    . ILE A 1 52 ? -3.982  -4.276  -3.753  1.00 0.40 ? 57 ILE A O    1 
ATOM 864  C CB   . ILE A 1 52 ? -1.570  -2.874  -2.544  1.00 0.26 ? 57 ILE A CB   1 
ATOM 865  C CG1  . ILE A 1 52 ? -0.873  -2.577  -1.217  1.00 0.28 ? 57 ILE A CG1  1 
ATOM 866  C CG2  . ILE A 1 52 ? -0.880  -2.138  -3.690  1.00 0.35 ? 57 ILE A CG2  1 
ATOM 867  C CD1  . ILE A 1 52 ? -0.830  -1.079  -0.937  1.00 1.32 ? 57 ILE A CD1  1 
ATOM 868  H H    . ILE A 1 52 ? -3.695  -3.959  -1.089  1.00 0.33 ? 57 ILE A H    1 
ATOM 869  H HA   . ILE A 1 52 ? -3.126  -1.412  -2.482  1.00 0.26 ? 57 ILE A HA   1 
ATOM 870  H HB   . ILE A 1 52 ? -1.507  -3.935  -2.737  1.00 0.33 ? 57 ILE A HB   1 
ATOM 871  H HG12 . ILE A 1 52 ? -1.411  -3.069  -0.419  1.00 0.55 ? 57 ILE A HG12 1 
ATOM 872  H HG13 . ILE A 1 52 ? 0.136   -2.959  -1.255  1.00 0.33 ? 57 ILE A HG13 1 
ATOM 873  H HG21 . ILE A 1 52 ? -1.625  -1.772  -4.381  1.00 1.09 ? 57 ILE A HG21 1 
ATOM 874  H HG22 . ILE A 1 52 ? -0.313  -1.308  -3.295  1.00 1.07 ? 57 ILE A HG22 1 
ATOM 875  H HG23 . ILE A 1 52 ? -0.213  -2.818  -4.201  1.00 1.10 ? 57 ILE A HG23 1 
ATOM 876  H HD11 . ILE A 1 52 ? -0.617  -0.551  -1.855  1.00 1.83 ? 57 ILE A HD11 1 
ATOM 877  H HD12 . ILE A 1 52 ? -1.787  -0.760  -0.550  1.00 1.91 ? 57 ILE A HD12 1 
ATOM 878  H HD13 . ILE A 1 52 ? -0.058  -0.872  -0.211  1.00 1.92 ? 57 ILE A HD13 1 
ATOM 879  N N    . GLU A 1 53 ? -4.223  -2.198  -4.568  1.00 0.23 ? 58 GLU A N    1 
ATOM 880  C CA   . GLU A 1 53 ? -4.958  -2.637  -5.750  1.00 0.25 ? 58 GLU A CA   1 
ATOM 881  C C    . GLU A 1 53 ? -4.730  -1.675  -6.905  1.00 0.24 ? 58 GLU A C    1 
ATOM 882  O O    . GLU A 1 53 ? -4.749  -0.457  -6.730  1.00 0.26 ? 58 GLU A O    1 
ATOM 883  C CB   . GLU A 1 53 ? -6.450  -2.728  -5.423  1.00 0.32 ? 58 GLU A CB   1 
ATOM 884  C CG   . GLU A 1 53 ? -7.274  -3.127  -6.645  1.00 0.37 ? 58 GLU A CG   1 
ATOM 885  C CD   . GLU A 1 53 ? -8.565  -2.324  -6.695  1.00 0.82 ? 58 GLU A CD   1 
ATOM 886  O OE1  . GLU A 1 53 ? -8.534  -1.180  -7.194  1.00 1.56 ? 58 GLU A OE1  1 
ATOM 887  O OE2  . GLU A 1 53 ? -9.607  -2.839  -6.238  1.00 1.47 ? 58 GLU A OE2  1 
ATOM 888  H H    . GLU A 1 53 ? -4.047  -1.243  -4.438  1.00 0.31 ? 58 GLU A H    1 
ATOM 889  H HA   . GLU A 1 53 ? -4.599  -3.616  -6.039  1.00 0.26 ? 58 GLU A HA   1 
ATOM 890  H HB2  . GLU A 1 53 ? -6.594  -3.463  -4.647  1.00 0.88 ? 58 GLU A HB2  1 
ATOM 891  H HB3  . GLU A 1 53 ? -6.791  -1.766  -5.068  1.00 0.98 ? 58 GLU A HB3  1 
ATOM 892  H HG2  . GLU A 1 53 ? -6.701  -2.939  -7.540  1.00 0.51 ? 58 GLU A HG2  1 
ATOM 893  H HG3  . GLU A 1 53 ? -7.513  -4.179  -6.584  1.00 0.62 ? 58 GLU A HG3  1 
ATOM 894  N N    . GLY A 1 54 ? -4.510  -2.237  -8.087  1.00 0.25 ? 59 GLY A N    1 
ATOM 895  C CA   . GLY A 1 54 ? -4.272  -1.446  -9.287  1.00 0.27 ? 59 GLY A CA   1 
ATOM 896  C C    . GLY A 1 54 ? -4.747  -2.203  -10.516 1.00 0.39 ? 59 GLY A C    1 
ATOM 897  O O    . GLY A 1 54 ? -5.870  -2.712  -10.549 1.00 0.59 ? 59 GLY A O    1 
ATOM 898  H H    . GLY A 1 54 ? -4.508  -3.214  -8.155  1.00 0.26 ? 59 GLY A H    1 
ATOM 899  H HA2  . GLY A 1 54 ? -4.809  -0.512  -9.208  1.00 0.30 ? 59 GLY A HA2  1 
ATOM 900  H HA3  . GLY A 1 54 ? -3.215  -1.249  -9.378  1.00 0.33 ? 59 GLY A HA3  1 
ATOM 901  N N    . ASP A 1 55 ? -3.888  -2.295  -11.524 1.00 0.53 ? 60 ASP A N    1 
ATOM 902  C CA   . ASP A 1 55 ? -4.239  -3.008  -12.744 1.00 0.70 ? 60 ASP A CA   1 
ATOM 903  C C    . ASP A 1 55 ? -3.011  -3.626  -13.399 1.00 0.59 ? 60 ASP A C    1 
ATOM 904  O O    . ASP A 1 55 ? -2.888  -4.850  -13.456 1.00 1.04 ? 60 ASP A O    1 
ATOM 905  C CB   . ASP A 1 55 ? -4.948  -2.075  -13.721 1.00 1.22 ? 60 ASP A CB   1 
ATOM 906  C CG   . ASP A 1 55 ? -6.414  -2.462  -13.854 1.00 1.93 ? 60 ASP A CG   1 
ATOM 907  O OD1  . ASP A 1 55 ? -7.225  -2.022  -13.012 1.00 2.66 ? 60 ASP A OD1  1 
ATOM 908  O OD2  . ASP A 1 55 ? -6.750  -3.204  -14.802 1.00 2.31 ? 60 ASP A OD2  1 
ATOM 909  H H    . ASP A 1 55 ? -3.002  -1.882  -11.440 1.00 0.66 ? 60 ASP A H    1 
ATOM 910  H HA   . ASP A 1 55 ? -4.913  -3.803  -12.477 1.00 0.88 ? 60 ASP A HA   1 
ATOM 911  H HB2  . ASP A 1 55 ? -4.877  -1.061  -13.360 1.00 1.44 ? 60 ASP A HB2  1 
ATOM 912  H HB3  . ASP A 1 55 ? -4.471  -2.148  -14.689 1.00 1.49 ? 60 ASP A HB3  1 
ATOM 913  N N    . PRO A 1 56 ? -2.082  -2.801  -13.913 1.00 0.72 ? 61 PRO A N    1 
ATOM 914  C CA   . PRO A 1 56 ? -0.870  -3.312  -14.567 1.00 1.14 ? 61 PRO A CA   1 
ATOM 915  C C    . PRO A 1 56 ? 0.137   -3.832  -13.554 1.00 0.88 ? 61 PRO A C    1 
ATOM 916  O O    . PRO A 1 56 ? -0.155  -3.914  -12.362 1.00 1.22 ? 61 PRO A O    1 
ATOM 917  C CB   . PRO A 1 56 ? -0.317  -2.104  -15.307 1.00 1.82 ? 61 PRO A CB   1 
ATOM 918  C CG   . PRO A 1 56 ? -0.830  -0.914  -14.566 1.00 1.82 ? 61 PRO A CG   1 
ATOM 919  C CD   . PRO A 1 56 ? -2.123  -1.325  -13.906 1.00 1.17 ? 61 PRO A CD   1 
ATOM 920  H HA   . PRO A 1 56 ? -1.106  -4.086  -15.279 1.00 1.42 ? 61 PRO A HA   1 
ATOM 921  H HB2  . PRO A 1 56 ? 0.764   -2.136  -15.297 1.00 2.10 ? 61 PRO A HB2  1 
ATOM 922  H HB3  . PRO A 1 56 ? -0.680  -2.102  -16.321 1.00 2.17 ? 61 PRO A HB3  1 
ATOM 923  H HG2  . PRO A 1 56 ? -0.108  -0.609  -13.821 1.00 2.09 ? 61 PRO A HG2  1 
ATOM 924  H HG3  . PRO A 1 56 ? -1.015  -0.105  -15.257 1.00 2.20 ? 61 PRO A HG3  1 
ATOM 925  H HD2  . PRO A 1 56 ? -2.163  -0.947  -12.895 1.00 1.35 ? 61 PRO A HD2  1 
ATOM 926  H HD3  . PRO A 1 56 ? -2.960  -0.960  -14.478 1.00 1.62 ? 61 PRO A HD3  1 
ATOM 927  N N    . GLN A 1 57 ? 1.330   -4.172  -14.029 1.00 0.64 ? 62 GLN A N    1 
ATOM 928  C CA   . GLN A 1 57 ? 2.380   -4.671  -13.150 1.00 0.47 ? 62 GLN A CA   1 
ATOM 929  C C    . GLN A 1 57 ? 2.600   -3.701  -11.991 1.00 0.41 ? 62 GLN A C    1 
ATOM 930  O O    . GLN A 1 57 ? 3.098   -4.084  -10.934 1.00 0.47 ? 62 GLN A O    1 
ATOM 931  C CB   . GLN A 1 57 ? 3.679   -4.845  -13.933 1.00 0.69 ? 62 GLN A CB   1 
ATOM 932  C CG   . GLN A 1 57 ? 3.498   -5.810  -15.101 1.00 0.85 ? 62 GLN A CG   1 
ATOM 933  C CD   . GLN A 1 57 ? 4.832   -6.058  -15.793 1.00 1.34 ? 62 GLN A CD   1 
ATOM 934  O OE1  . GLN A 1 57 ? 5.702   -5.188  -15.818 1.00 2.14 ? 62 GLN A OE1  1 
ATOM 935  N NE2  . GLN A 1 57 ? 4.993   -7.249  -16.358 1.00 1.73 ? 62 GLN A NE2  1 
ATOM 936  H H    . GLN A 1 57 ? 1.508   -4.077  -14.987 1.00 0.93 ? 62 GLN A H    1 
ATOM 937  H HA   . GLN A 1 57 ? 2.077   -5.629  -12.756 1.00 0.46 ? 62 GLN A HA   1 
ATOM 938  H HB2  . GLN A 1 57 ? 3.991   -3.885  -14.315 1.00 0.89 ? 62 GLN A HB2  1 
ATOM 939  H HB3  . GLN A 1 57 ? 4.440   -5.230  -13.271 1.00 0.82 ? 62 GLN A HB3  1 
ATOM 940  H HG2  . GLN A 1 57 ? 3.108   -6.748  -14.732 1.00 0.89 ? 62 GLN A HG2  1 
ATOM 941  H HG3  . GLN A 1 57 ? 2.803   -5.384  -15.809 1.00 1.46 ? 62 GLN A HG3  1 
ATOM 942  H HE21 . GLN A 1 57 ? 4.257   -7.894  -16.299 1.00 2.05 ? 62 GLN A HE21 1 
ATOM 943  H HE22 . GLN A 1 57 ? 5.843   -7.436  -16.811 1.00 2.16 ? 62 GLN A HE22 1 
ATOM 944  N N    . GLY A 1 58 ? 2.233   -2.440  -12.203 1.00 0.37 ? 63 GLY A N    1 
ATOM 945  C CA   . GLY A 1 58 ? 2.392   -1.403  -11.191 1.00 0.34 ? 63 GLY A CA   1 
ATOM 946  C C    . GLY A 1 58 ? 1.873   -1.847  -9.826  1.00 0.27 ? 63 GLY A C    1 
ATOM 947  O O    . GLY A 1 58 ? 2.538   -1.637  -8.812  1.00 0.29 ? 63 GLY A O    1 
ATOM 948  H H    . GLY A 1 58 ? 1.850   -2.195  -13.071 1.00 0.42 ? 63 GLY A H    1 
ATOM 949  H HA2  . GLY A 1 58 ? 3.440   -1.157  -11.106 1.00 0.40 ? 63 GLY A HA2  1 
ATOM 950  H HA3  . GLY A 1 58 ? 1.845   -0.525  -11.502 1.00 0.36 ? 63 GLY A HA3  1 
ATOM 951  N N    . VAL A 1 59 ? 0.681   -2.440  -9.788  1.00 0.24 ? 64 VAL A N    1 
ATOM 952  C CA   . VAL A 1 59 ? 0.101   -2.872  -8.517  1.00 0.21 ? 64 VAL A CA   1 
ATOM 953  C C    . VAL A 1 59 ? 0.990   -3.906  -7.828  1.00 0.24 ? 64 VAL A C    1 
ATOM 954  O O    . VAL A 1 59 ? 1.193   -3.846  -6.616  1.00 0.28 ? 64 VAL A O    1 
ATOM 955  C CB   . VAL A 1 59 ? -1.327  -3.413  -8.705  1.00 0.24 ? 64 VAL A CB   1 
ATOM 956  C CG1  . VAL A 1 59 ? -1.340  -4.844  -9.239  1.00 0.30 ? 64 VAL A CG1  1 
ATOM 957  C CG2  . VAL A 1 59 ? -2.071  -3.349  -7.375  1.00 0.26 ? 64 VAL A CG2  1 
ATOM 958  H H    . VAL A 1 59 ? 0.179   -2.572  -10.619 1.00 0.26 ? 64 VAL A H    1 
ATOM 959  H HA   . VAL A 1 59 ? 0.046   -2.006  -7.874  1.00 0.19 ? 64 VAL A HA   1 
ATOM 960  H HB   . VAL A 1 59 ? -1.847  -2.785  -9.419  1.00 0.24 ? 64 VAL A HB   1 
ATOM 961  H HG11 . VAL A 1 59 ? -0.691  -5.459  -8.634  1.00 1.02 ? 64 VAL A HG11 1 
ATOM 962  H HG12 . VAL A 1 59 ? -2.350  -5.228  -9.190  1.00 1.05 ? 64 VAL A HG12 1 
ATOM 963  H HG13 . VAL A 1 59 ? -0.998  -4.850  -10.263 1.00 1.07 ? 64 VAL A HG13 1 
ATOM 964  H HG21 . VAL A 1 59 ? -1.401  -3.646  -6.578  1.00 1.03 ? 64 VAL A HG21 1 
ATOM 965  H HG22 . VAL A 1 59 ? -2.409  -2.339  -7.203  1.00 1.04 ? 64 VAL A HG22 1 
ATOM 966  H HG23 . VAL A 1 59 ? -2.918  -4.018  -7.403  1.00 1.03 ? 64 VAL A HG23 1 
ATOM 967  N N    . GLN A 1 60 ? 1.516   -4.855  -8.597  1.00 0.25 ? 65 GLN A N    1 
ATOM 968  C CA   . GLN A 1 60 ? 2.377   -5.893  -8.035  1.00 0.30 ? 65 GLN A CA   1 
ATOM 969  C C    . GLN A 1 60 ? 3.761   -5.333  -7.732  1.00 0.30 ? 65 GLN A C    1 
ATOM 970  O O    . GLN A 1 60 ? 4.455   -5.820  -6.840  1.00 0.34 ? 65 GLN A O    1 
ATOM 971  C CB   . GLN A 1 60 ? 2.488   -7.070  -9.003  1.00 0.37 ? 65 GLN A CB   1 
ATOM 972  C CG   . GLN A 1 60 ? 3.203   -6.672  -10.290 1.00 0.42 ? 65 GLN A CG   1 
ATOM 973  C CD   . GLN A 1 60 ? 3.838   -7.896  -10.937 1.00 0.78 ? 65 GLN A CD   1 
ATOM 974  O OE1  . GLN A 1 60 ? 3.302   -9.001  -10.856 1.00 1.56 ? 65 GLN A OE1  1 
ATOM 975  N NE2  . GLN A 1 60 ? 4.984   -7.701  -11.580 1.00 0.82 ? 65 GLN A NE2  1 
ATOM 976  H H    . GLN A 1 60 ? 1.320   -4.859  -9.557  1.00 0.26 ? 65 GLN A H    1 
ATOM 977  H HA   . GLN A 1 60 ? 1.936   -6.244  -7.115  1.00 0.32 ? 65 GLN A HA   1 
ATOM 978  H HB2  . GLN A 1 60 ? 3.041   -7.865  -8.527  1.00 0.45 ? 65 GLN A HB2  1 
ATOM 979  H HB3  . GLN A 1 60 ? 1.495   -7.421  -9.245  1.00 0.39 ? 65 GLN A HB3  1 
ATOM 980  H HG2  . GLN A 1 60 ? 2.489   -6.240  -10.974 1.00 0.79 ? 65 GLN A HG2  1 
ATOM 981  H HG3  . GLN A 1 60 ? 3.973   -5.949  -10.067 1.00 1.02 ? 65 GLN A HG3  1 
ATOM 982  H HE21 . GLN A 1 60 ? 5.353   -6.794  -11.603 1.00 1.18 ? 65 GLN A HE21 1 
ATOM 983  H HE22 . GLN A 1 60 ? 5.414   -8.473  -12.004 1.00 1.01 ? 65 GLN A HE22 1 
ATOM 984  N N    . GLN A 1 61 ? 4.158   -4.305  -8.476  1.00 0.29 ? 66 GLN A N    1 
ATOM 985  C CA   . GLN A 1 61 ? 5.460   -3.676  -8.283  1.00 0.31 ? 66 GLN A CA   1 
ATOM 986  C C    . GLN A 1 61 ? 5.460   -2.861  -6.999  1.00 0.29 ? 66 GLN A C    1 
ATOM 987  O O    . GLN A 1 61 ? 6.293   -3.073  -6.117  1.00 0.36 ? 66 GLN A O    1 
ATOM 988  C CB   . GLN A 1 61 ? 5.790   -2.778  -9.471  1.00 0.35 ? 66 GLN A CB   1 
ATOM 989  C CG   . GLN A 1 61 ? 6.071   -3.604  -10.724 1.00 0.79 ? 66 GLN A CG   1 
ATOM 990  C CD   . GLN A 1 61 ? 7.497   -3.367  -11.205 1.00 1.10 ? 66 GLN A CD   1 
ATOM 991  O OE1  . GLN A 1 61 ? 8.410   -3.174  -10.402 1.00 2.03 ? 66 GLN A OE1  1 
ATOM 992  N NE2  . GLN A 1 61 ? 7.689   -3.381  -12.519 1.00 1.31 ? 66 GLN A NE2  1 
ATOM 993  H H    . GLN A 1 61 ? 3.558   -3.960  -9.170  1.00 0.28 ? 66 GLN A H    1 
ATOM 994  H HA   . GLN A 1 61 ? 6.213   -4.448  -8.208  1.00 0.36 ? 66 GLN A HA   1 
ATOM 995  H HB2  . GLN A 1 61 ? 4.952   -2.125  -9.662  1.00 0.65 ? 66 GLN A HB2  1 
ATOM 996  H HB3  . GLN A 1 61 ? 6.661   -2.184  -9.235  1.00 0.62 ? 66 GLN A HB3  1 
ATOM 997  H HG2  . GLN A 1 61 ? 5.942   -4.651  -10.497 1.00 1.46 ? 66 GLN A HG2  1 
ATOM 998  H HG3  . GLN A 1 61 ? 5.382   -3.315  -11.503 1.00 1.47 ? 66 GLN A HG3  1 
ATOM 999  H HE21 . GLN A 1 61 ? 6.915   -3.541  -13.098 1.00 1.49 ? 66 GLN A HE21 1 
ATOM 1000 H HE22 . GLN A 1 61 ? 8.598   -3.231  -12.856 1.00 1.86 ? 66 GLN A HE22 1 
ATOM 1001 N N    . ALA A 1 62 ? 4.517   -1.932  -6.893  1.00 0.26 ? 67 ALA A N    1 
ATOM 1002 C CA   . ALA A 1 62 ? 4.403   -1.092  -5.708  1.00 0.27 ? 67 ALA A CA   1 
ATOM 1003 C C    . ALA A 1 62 ? 4.155   -1.962  -4.485  1.00 0.26 ? 67 ALA A C    1 
ATOM 1004 O O    . ALA A 1 62 ? 4.637   -1.669  -3.391  1.00 0.30 ? 67 ALA A O    1 
ATOM 1005 C CB   . ALA A 1 62 ? 3.262   -0.092  -5.881  1.00 0.29 ? 67 ALA A CB   1 
ATOM 1006 H H    . ALA A 1 62 ? 3.878   -1.814  -7.628  1.00 0.30 ? 67 ALA A H    1 
ATOM 1007 H HA   . ALA A 1 62 ? 5.327   -0.550  -5.574  1.00 0.30 ? 67 ALA A HA   1 
ATOM 1008 H HB1  . ALA A 1 62 ? 2.480   -0.540  -6.476  1.00 1.09 ? 67 ALA A HB1  1 
ATOM 1009 H HB2  . ALA A 1 62 ? 2.872   0.174   -4.910  1.00 1.00 ? 67 ALA A HB2  1 
ATOM 1010 H HB3  . ALA A 1 62 ? 3.633   0.792   -6.377  1.00 1.02 ? 67 ALA A HB3  1 
ATOM 1011 N N    . LYS A 1 63 ? 3.406   -3.043  -4.685  1.00 0.25 ? 68 LYS A N    1 
ATOM 1012 C CA   . LYS A 1 63 ? 3.093   -3.973  -3.607  1.00 0.28 ? 68 LYS A CA   1 
ATOM 1013 C C    . LYS A 1 63 ? 4.378   -4.532  -3.008  1.00 0.31 ? 68 LYS A C    1 
ATOM 1014 O O    . LYS A 1 63 ? 4.649   -4.356  -1.820  1.00 0.44 ? 68 LYS A O    1 
ATOM 1015 C CB   . LYS A 1 63 ? 2.223   -5.109  -4.141  1.00 0.32 ? 68 LYS A CB   1 
ATOM 1016 C CG   . LYS A 1 63 ? 1.952   -6.156  -3.065  1.00 0.37 ? 68 LYS A CG   1 
ATOM 1017 C CD   . LYS A 1 63 ? 2.456   -7.531  -3.496  1.00 0.43 ? 68 LYS A CD   1 
ATOM 1018 C CE   . LYS A 1 63 ? 2.784   -8.403  -2.289  1.00 0.57 ? 68 LYS A CE   1 
ATOM 1019 N NZ   . LYS A 1 63 ? 3.070   -9.807  -2.699  1.00 0.88 ? 68 LYS A NZ   1 
ATOM 1020 H H    . LYS A 1 63 ? 3.058   -3.220  -5.584  1.00 0.26 ? 68 LYS A H    1 
ATOM 1021 H HA   . LYS A 1 63 ? 2.547   -3.446  -2.838  1.00 0.29 ? 68 LYS A HA   1 
ATOM 1022 H HB2  . LYS A 1 63 ? 1.281   -4.702  -4.483  1.00 0.82 ? 68 LYS A HB2  1 
ATOM 1023 H HB3  . LYS A 1 63 ? 2.730   -5.579  -4.970  1.00 0.84 ? 68 LYS A HB3  1 
ATOM 1024 H HG2  . LYS A 1 63 ? 2.455   -5.866  -2.155  1.00 0.79 ? 68 LYS A HG2  1 
ATOM 1025 H HG3  . LYS A 1 63 ? 0.889   -6.210  -2.885  1.00 1.10 ? 68 LYS A HG3  1 
ATOM 1026 H HD2  . LYS A 1 63 ? 1.693   -8.017  -4.086  1.00 0.96 ? 68 LYS A HD2  1 
ATOM 1027 H HD3  . LYS A 1 63 ? 3.346   -7.408  -4.095  1.00 1.05 ? 68 LYS A HD3  1 
ATOM 1028 H HE2  . LYS A 1 63 ? 3.652   -8.000  -1.789  1.00 0.65 ? 68 LYS A HE2  1 
ATOM 1029 H HE3  . LYS A 1 63 ? 1.945   -8.394  -1.608  1.00 0.68 ? 68 LYS A HE3  1 
ATOM 1030 H HZ1  . LYS A 1 63 ? 3.685   -9.806  -3.536  1.00 1.34 ? 68 LYS A HZ1  1 
ATOM 1031 H HZ2  . LYS A 1 63 ? 3.546   -10.306 -1.922  1.00 1.40 ? 68 LYS A HZ2  1 
ATOM 1032 H HZ3  . LYS A 1 63 ? 2.175   -10.289 -2.926  1.00 1.36 ? 68 LYS A HZ3  1 
ATOM 1033 N N    . ARG A 1 64 ? 5.170   -5.204  -3.839  1.00 0.36 ? 69 ARG A N    1 
ATOM 1034 C CA   . ARG A 1 64 ? 6.432   -5.788  -3.396  1.00 0.43 ? 69 ARG A CA   1 
ATOM 1035 C C    . ARG A 1 64 ? 7.394   -4.696  -2.942  1.00 0.42 ? 69 ARG A C    1 
ATOM 1036 O O    . ARG A 1 64 ? 8.188   -4.896  -2.024  1.00 0.46 ? 69 ARG A O    1 
ATOM 1037 C CB   . ARG A 1 64 ? 7.058   -6.591  -4.532  1.00 0.50 ? 69 ARG A CB   1 
ATOM 1038 C CG   . ARG A 1 64 ? 7.691   -7.880  -4.017  1.00 1.02 ? 69 ARG A CG   1 
ATOM 1039 C CD   . ARG A 1 64 ? 8.880   -8.295  -4.881  1.00 1.36 ? 69 ARG A CD   1 
ATOM 1040 N NE   . ARG A 1 64 ? 8.446   -9.210  -5.932  1.00 1.81 ? 69 ARG A NE   1 
ATOM 1041 C CZ   . ARG A 1 64 ? 9.124   -10.318 -6.219  1.00 2.35 ? 69 ARG A CZ   1 
ATOM 1042 N NH1  . ARG A 1 64 ? 9.116   -11.340 -5.373  1.00 2.98 ? 69 ARG A NH1  1 
ATOM 1043 N NH2  . ARG A 1 64 ? 9.810   -10.403 -7.351  1.00 2.76 ? 69 ARG A NH2  1 
ATOM 1044 H H    . ARG A 1 64 ? 4.901   -5.308  -4.774  1.00 0.45 ? 69 ARG A H    1 
ATOM 1045 H HA   . ARG A 1 64 ? 6.238   -6.451  -2.565  1.00 0.45 ? 69 ARG A HA   1 
ATOM 1046 H HB2  . ARG A 1 64 ? 6.293   -6.838  -5.253  1.00 1.14 ? 69 ARG A HB2  1 
ATOM 1047 H HB3  . ARG A 1 64 ? 7.818   -5.992  -5.010  1.00 0.79 ? 69 ARG A HB3  1 
ATOM 1048 H HG2  . ARG A 1 64 ? 8.028   -7.724  -3.004  1.00 1.53 ? 69 ARG A HG2  1 
ATOM 1049 H HG3  . ARG A 1 64 ? 6.953   -8.668  -4.031  1.00 1.58 ? 69 ARG A HG3  1 
ATOM 1050 H HD2  . ARG A 1 64 ? 9.316   -7.418  -5.334  1.00 1.73 ? 69 ARG A HD2  1 
ATOM 1051 H HD3  . ARG A 1 64 ? 9.617   -8.785  -4.261  1.00 1.80 ? 69 ARG A HD3  1 
ATOM 1052 H HE   . ARG A 1 64 ? 7.634   -9.004  -6.440  1.00 2.24 ? 69 ARG A HE   1 
ATOM 1053 H HH11 . ARG A 1 64 ? 8.601   -11.277 -4.519  1.00 3.07 ? 69 ARG A HH11 1 
ATOM 1054 H HH12 . ARG A 1 64 ? 9.627   -12.172 -5.590  1.00 3.58 ? 69 ARG A HH12 1 
ATOM 1055 H HH21 . ARG A 1 64 ? 9.818   -9.635  -7.989  1.00 2.74 ? 69 ARG A HH21 1 
ATOM 1056 H HH22 . ARG A 1 64 ? 10.317  -11.238 -7.566  1.00 3.36 ? 69 ARG A HH22 1 
ATOM 1057 N N    . GLU A 1 65 ? 7.319   -3.538  -3.594  1.00 0.40 ? 70 GLU A N    1 
ATOM 1058 C CA   . GLU A 1 65 ? 8.185   -2.410  -3.261  1.00 0.43 ? 70 GLU A CA   1 
ATOM 1059 C C    . GLU A 1 65 ? 7.961   -1.975  -1.819  1.00 0.44 ? 70 GLU A C    1 
ATOM 1060 O O    . GLU A 1 65 ? 8.902   -1.609  -1.116  1.00 0.56 ? 70 GLU A O    1 
ATOM 1061 C CB   . GLU A 1 65 ? 7.905   -1.244  -4.206  1.00 0.44 ? 70 GLU A CB   1 
ATOM 1062 C CG   . GLU A 1 65 ? 8.950   -0.143  -4.052  1.00 0.59 ? 70 GLU A CG   1 
ATOM 1063 C CD   . GLU A 1 65 ? 10.207  -0.492  -4.839  1.00 0.82 ? 70 GLU A CD   1 
ATOM 1064 O OE1  . GLU A 1 65 ? 10.726  -1.615  -4.664  1.00 1.50 ? 70 GLU A OE1  1 
ATOM 1065 O OE2  . GLU A 1 65 ? 10.671  0.358   -5.628  1.00 1.38 ? 70 GLU A OE2  1 
ATOM 1066 H H    . GLU A 1 65 ? 6.665   -3.441  -4.318  1.00 0.41 ? 70 GLU A H    1 
ATOM 1067 H HA   . GLU A 1 65 ? 9.213   -2.716  -3.378  1.00 0.48 ? 70 GLU A HA   1 
ATOM 1068 H HB2  . GLU A 1 65 ? 7.919   -1.605  -5.224  1.00 0.91 ? 70 GLU A HB2  1 
ATOM 1069 H HB3  . GLU A 1 65 ? 6.929   -0.837  -3.985  1.00 1.06 ? 70 GLU A HB3  1 
ATOM 1070 H HG2  . GLU A 1 65 ? 8.544   0.787   -4.423  1.00 0.68 ? 70 GLU A HG2  1 
ATOM 1071 H HG3  . GLU A 1 65 ? 9.203   -0.033  -3.007  1.00 0.69 ? 70 GLU A HG3  1 
ATOM 1072 N N    . LEU A 1 66 ? 6.706   -2.017  -1.382  1.00 0.40 ? 71 LEU A N    1 
ATOM 1073 C CA   . LEU A 1 66 ? 6.352   -1.627  -0.022  1.00 0.47 ? 71 LEU A CA   1 
ATOM 1074 C C    . LEU A 1 66 ? 6.817   -2.683  0.972   1.00 0.52 ? 71 LEU A C    1 
ATOM 1075 O O    . LEU A 1 66 ? 7.430   -2.364  1.989   1.00 0.60 ? 71 LEU A O    1 
ATOM 1076 C CB   . LEU A 1 66 ? 4.842   -1.440  0.084   1.00 0.51 ? 71 LEU A CB   1 
ATOM 1077 C CG   . LEU A 1 66 ? 4.385   -0.203  -0.686  1.00 0.78 ? 71 LEU A CG   1 
ATOM 1078 C CD1  . LEU A 1 66 ? 3.039   -0.460  -1.359  1.00 1.08 ? 71 LEU A CD1  1 
ATOM 1079 C CD2  . LEU A 1 66 ? 4.298   1.005   0.243   1.00 1.15 ? 71 LEU A CD2  1 
ATOM 1080 H H    . LEU A 1 66 ? 6.000   -2.317  -1.991  1.00 0.41 ? 71 LEU A H    1 
ATOM 1081 H HA   . LEU A 1 66 ? 6.837   -0.689  0.209   1.00 0.51 ? 71 LEU A HA   1 
ATOM 1082 H HB2  . LEU A 1 66 ? 4.350   -2.311  -0.324  1.00 1.09 ? 71 LEU A HB2  1 
ATOM 1083 H HB3  . LEU A 1 66 ? 4.571   -1.330  1.123   1.00 1.03 ? 71 LEU A HB3  1 
ATOM 1084 H HG   . LEU A 1 66 ? 5.114   0.008   -1.453  1.00 1.08 ? 71 LEU A HG   1 
ATOM 1085 H HD11 . LEU A 1 66 ? 2.967   -1.504  -1.627  1.00 1.61 ? 71 LEU A HD11 1 
ATOM 1086 H HD12 . LEU A 1 66 ? 2.243   -0.204  -0.677  1.00 1.60 ? 71 LEU A HD12 1 
ATOM 1087 H HD13 . LEU A 1 66 ? 2.964   0.149   -2.249  1.00 1.52 ? 71 LEU A HD13 1 
ATOM 1088 H HD21 . LEU A 1 66 ? 4.489   0.691   1.258   1.00 1.58 ? 71 LEU A HD21 1 
ATOM 1089 H HD22 . LEU A 1 66 ? 5.035   1.737   -0.054  1.00 1.66 ? 71 LEU A HD22 1 
ATOM 1090 H HD23 . LEU A 1 66 ? 3.310   1.438   0.176   1.00 1.68 ? 71 LEU A HD23 1 
ATOM 1091 N N    . LEU A 1 67 ? 6.519   -3.942  0.674   1.00 0.52 ? 72 LEU A N    1 
ATOM 1092 C CA   . LEU A 1 67 ? 6.901   -5.048  1.542   1.00 0.63 ? 72 LEU A CA   1 
ATOM 1093 C C    . LEU A 1 67 ? 8.416   -5.101  1.721   1.00 0.67 ? 72 LEU A C    1 
ATOM 1094 O O    . LEU A 1 67 ? 8.914   -5.690  2.681   1.00 0.83 ? 72 LEU A O    1 
ATOM 1095 C CB   . LEU A 1 67 ? 6.397   -6.360  0.953   1.00 0.66 ? 72 LEU A CB   1 
ATOM 1096 C CG   . LEU A 1 67 ? 6.066   -7.363  2.052   1.00 0.88 ? 72 LEU A CG   1 
ATOM 1097 C CD1  . LEU A 1 67 ? 4.638   -7.163  2.551   1.00 1.04 ? 72 LEU A CD1  1 
ATOM 1098 C CD2  . LEU A 1 67 ? 6.264   -8.791  1.550   1.00 1.99 ? 72 LEU A CD2  1 
ATOM 1099 H H    . LEU A 1 67 ? 6.024   -4.133  -0.149  1.00 0.49 ? 72 LEU A H    1 
ATOM 1100 H HA   . LEU A 1 67 ? 6.442   -4.903  2.508   1.00 0.70 ? 72 LEU A HA   1 
ATOM 1101 H HB2  . LEU A 1 67 ? 5.508   -6.169  0.371   1.00 1.01 ? 72 LEU A HB2  1 
ATOM 1102 H HB3  . LEU A 1 67 ? 7.161   -6.777  0.312   1.00 0.77 ? 72 LEU A HB3  1 
ATOM 1103 H HG   . LEU A 1 67 ? 6.742   -7.192  2.876   1.00 1.12 ? 72 LEU A HG   1 
ATOM 1104 H HD11 . LEU A 1 67 ? 4.409   -6.108  2.571   1.00 1.62 ? 72 LEU A HD11 1 
ATOM 1105 H HD12 . LEU A 1 67 ? 3.955   -7.669  1.888   1.00 1.51 ? 72 LEU A HD12 1 
ATOM 1106 H HD13 . LEU A 1 67 ? 4.546   -7.573  3.547   1.00 1.62 ? 72 LEU A HD13 1 
ATOM 1107 H HD21 . LEU A 1 67 ? 7.244   -8.880  1.107   1.00 2.46 ? 72 LEU A HD21 1 
ATOM 1108 H HD22 . LEU A 1 67 ? 6.176   -9.477  2.379   1.00 2.50 ? 72 LEU A HD22 1 
ATOM 1109 H HD23 . LEU A 1 67 ? 5.510   -9.017  0.811   1.00 2.56 ? 72 LEU A HD23 1 
ATOM 1110 N N    . GLU A 1 68 ? 9.150   -4.486  0.796   1.00 0.64 ? 73 GLU A N    1 
ATOM 1111 C CA   . GLU A 1 68 ? 10.609  -4.470  0.865   1.00 0.74 ? 73 GLU A CA   1 
ATOM 1112 C C    . GLU A 1 68 ? 11.108  -3.135  1.403   1.00 0.71 ? 73 GLU A C    1 
ATOM 1113 O O    . GLU A 1 68 ? 11.660  -3.066  2.501   1.00 0.88 ? 73 GLU A O    1 
ATOM 1114 C CB   . GLU A 1 68 ? 11.198  -4.725  -0.520  1.00 0.82 ? 73 GLU A CB   1 
ATOM 1115 C CG   . GLU A 1 68 ? 10.809  -6.106  -1.040  1.00 1.00 ? 73 GLU A CG   1 
ATOM 1116 C CD   . GLU A 1 68 ? 12.036  -6.835  -1.570  1.00 1.41 ? 73 GLU A CD   1 
ATOM 1117 O OE1  . GLU A 1 68 ? 13.079  -6.825  -0.884  1.00 2.05 ? 73 GLU A OE1  1 
ATOM 1118 O OE2  . GLU A 1 68 ? 11.952  -7.418  -2.673  1.00 2.01 ? 73 GLU A OE2  1 
ATOM 1119 H H    . GLU A 1 68 ? 8.701   -4.033  0.053   1.00 0.61 ? 73 GLU A H    1 
ATOM 1120 H HA   . GLU A 1 68 ? 10.933  -5.258  1.529   1.00 0.89 ? 73 GLU A HA   1 
ATOM 1121 H HB2  . GLU A 1 68 ? 10.829  -3.974  -1.204  1.00 1.05 ? 73 GLU A HB2  1 
ATOM 1122 H HB3  . GLU A 1 68 ? 12.275  -4.659  -0.464  1.00 1.33 ? 73 GLU A HB3  1 
ATOM 1123 H HG2  . GLU A 1 68 ? 10.374  -6.680  -0.235  1.00 1.30 ? 73 GLU A HG2  1 
ATOM 1124 H HG3  . GLU A 1 68 ? 10.088  -5.997  -1.836  1.00 1.40 ? 73 GLU A HG3  1 
ATOM 1125 N N    . LEU A 1 69 ? 10.915  -2.075  0.623   1.00 0.64 ? 74 LEU A N    1 
ATOM 1126 C CA   . LEU A 1 69 ? 11.353  -0.739  1.020   1.00 0.71 ? 74 LEU A CA   1 
ATOM 1127 C C    . LEU A 1 69 ? 10.430  -0.166  2.089   1.00 0.82 ? 74 LEU A C    1 
ATOM 1128 O O    . LEU A 1 69 ? 10.891  0.387   3.088   1.00 1.13 ? 74 LEU A O    1 
ATOM 1129 C CB   . LEU A 1 69 ? 11.371  0.186   -0.192  1.00 0.85 ? 74 LEU A CB   1 
ATOM 1130 C CG   . LEU A 1 69 ? 12.091  -0.462  -1.370  1.00 0.99 ? 74 LEU A CG   1 
ATOM 1131 C CD1  . LEU A 1 69 ? 12.137  0.491   -2.559  1.00 1.19 ? 74 LEU A CD1  1 
ATOM 1132 C CD2  . LEU A 1 69 ? 13.501  -0.885  -0.967  1.00 1.32 ? 74 LEU A CD2  1 
ATOM 1133 H H    . LEU A 1 69 ? 10.472  -2.195  -0.243  1.00 0.67 ? 74 LEU A H    1 
ATOM 1134 H HA   . LEU A 1 69 ? 12.353  -0.806  1.422   1.00 0.77 ? 74 LEU A HA   1 
ATOM 1135 H HB2  . LEU A 1 69 ? 10.355  0.410   -0.481  1.00 0.88 ? 74 LEU A HB2  1 
ATOM 1136 H HB3  . LEU A 1 69 ? 11.878  1.103   0.071   1.00 1.01 ? 74 LEU A HB3  1 
ATOM 1137 H HG   . LEU A 1 69 ? 11.541  -1.345  -1.661  1.00 1.19 ? 74 LEU A HG   1 
ATOM 1138 H HD11 . LEU A 1 69 ? 11.143  0.865   -2.755  1.00 1.71 ? 74 LEU A HD11 1 
ATOM 1139 H HD12 . LEU A 1 69 ? 12.795  1.315   -2.331  1.00 1.56 ? 74 LEU A HD12 1 
ATOM 1140 H HD13 . LEU A 1 69 ? 12.505  -0.037  -3.426  1.00 1.64 ? 74 LEU A HD13 1 
ATOM 1141 H HD21 . LEU A 1 69 ? 13.870  -0.215  -0.204  1.00 1.82 ? 74 LEU A HD21 1 
ATOM 1142 H HD22 . LEU A 1 69 ? 13.475  -1.894  -0.583  1.00 1.79 ? 74 LEU A HD22 1 
ATOM 1143 H HD23 . LEU A 1 69 ? 14.148  -0.841  -1.830  1.00 1.62 ? 74 LEU A HD23 1 
ATOM 1144 N N    . ALA A 1 70 ? 9.127   -0.295  1.870   1.00 0.78 ? 75 ALA A N    1 
ATOM 1145 C CA   . ALA A 1 70 ? 8.137   0.215   2.811   1.00 0.99 ? 75 ALA A CA   1 
ATOM 1146 C C    . ALA A 1 70 ? 8.370   1.699   3.070   1.00 1.70 ? 75 ALA A C    1 
ATOM 1147 O O    . ALA A 1 70 ? 8.162   2.186   4.180   1.00 2.16 ? 75 ALA A O    1 
ATOM 1148 C CB   . ALA A 1 70 ? 8.214   -0.560  4.124   1.00 1.14 ? 75 ALA A CB   1 
ATOM 1149 H H    . ALA A 1 70 ? 8.822   -0.743  1.054   1.00 0.77 ? 75 ALA A H    1 
ATOM 1150 H HA   . ALA A 1 70 ? 7.153   0.085   2.387   1.00 1.12 ? 75 ALA A HA   1 
ATOM 1151 H HB1  . ALA A 1 70 ? 8.301   -1.615  3.911   1.00 1.69 ? 75 ALA A HB1  1 
ATOM 1152 H HB2  . ALA A 1 70 ? 9.077   -0.231  4.684   1.00 1.46 ? 75 ALA A HB2  1 
ATOM 1153 H HB3  . ALA A 1 70 ? 7.319   -0.378  4.699   1.00 1.69 ? 75 ALA A HB3  1 
ATOM 1154 N N    . SER A 1 71 ? 8.801   2.414   2.035   1.00 2.17 ? 76 SER A N    1 
ATOM 1155 C CA   . SER A 1 71 ? 9.059   3.845   2.147   1.00 3.01 ? 76 SER A CA   1 
ATOM 1156 C C    . SER A 1 71 ? 7.756   4.628   2.053   1.00 3.57 ? 76 SER A C    1 
ATOM 1157 O O    . SER A 1 71 ? 7.256   4.816   0.924   1.00 4.23 ? 76 SER A O    1 
ATOM 1158 C CB   . SER A 1 71 ? 10.013  4.293   1.044   1.00 3.63 ? 76 SER A CB   1 
ATOM 1159 O OG   . SER A 1 71 ? 10.131  5.709   1.035   1.00 4.36 ? 76 SER A OG   1 
ATOM 1160 O OXT  . SER A 1 71 ? 7.238   5.051   3.107   1.00 3.89 ? 76 SER A OXT  1 
ATOM 1161 H H    . SER A 1 71 ? 8.946   1.967   1.175   1.00 2.17 ? 76 SER A H    1 
ATOM 1162 H HA   . SER A 1 71 ? 9.517   4.042   3.105   1.00 3.39 ? 76 SER A HA   1 
ATOM 1163 H HB2  . SER A 1 71 ? 10.985  3.860   1.216   1.00 3.85 ? 76 SER A HB2  1 
ATOM 1164 H HB3  . SER A 1 71 ? 9.634   3.947   0.090   1.00 3.88 ? 76 SER A HB3  1 
ATOM 1165 H HG   . SER A 1 71 ? 10.292  6.024   1.927   1.00 4.76 ? 76 SER A HG   1 
# 
